data_7KZ5
#
_entry.id   7KZ5
#
_cell.length_a   66.670
_cell.length_b   66.600
_cell.length_c   111.780
_cell.angle_alpha   77.350
_cell.angle_beta   81.060
_cell.angle_gamma   87.910
#
_symmetry.space_group_name_H-M   'P 1'
#
loop_
_entity.id
_entity.type
_entity.pdbx_description
1 polymer 'Aminotransferase class I/II-fold pyridoxal phosphate-dependent enzyme'
2 non-polymer '3-deoxy-3-[(E)-({3-hydroxy-2-methyl-5-[(phosphonooxy)methyl]pyridin-4-yl}methylidene)amino]-6-O-phosphono-alpha-D-gluco pyranose'
3 non-polymer 'SODIUM ION'
4 non-polymer 1,2-ETHANEDIOL
5 water water
#
_entity_poly.entity_id   1
_entity_poly.type   'polypeptide(L)'
_entity_poly.pdbx_seq_one_letter_code
;GAMDMKTLTTISGHSKDNLALLKCLQGETKEKEFEISNVLPNHKMKEKLFRENKLKIDIDIEKDIFNYSRKNIQKIEFMP
VNRLISQSEIDGIIGTLKEVLPTGQFTSGPFSKKLEEVIGDYLNKKYVIATSSGTDALMVSLLSIGIQPGDEVIMPANSF
AATENAVLAIGAKPVFVDIDHKSYCIDPLKIEEAITQKTKCILPVHLYGKQCDMKRIREIADVYQLRIIEDACQAIGSSN
LGEYGDIIILSFNPYKNFGVCGKAGAIVTNNENLAIRCNQYSYHGFEVDKKNKKVLDFGFNSKIDNLQAAIGLERIKFLS
YNNLKRVFLAQRYIRNLKELEDRELIKLPRMTEDNVWHLFPIRIINGRRDEVKNKLYQLYNIETDIYYPVLSHKHNTKLV
KKNYMQDTLLNTEQVHKEILHLPLHPNMLLEEQNFVLEGLINVNK
;
_entity_poly.pdbx_strand_id   A,B,C,D
#
# COMPACT_ATOMS: atom_id res chain seq x y z
N THR A 7 9.27 31.79 -18.21
CA THR A 7 7.94 32.05 -17.70
C THR A 7 7.48 30.80 -16.96
N LEU A 8 6.58 30.97 -15.99
CA LEU A 8 6.17 29.91 -15.10
C LEU A 8 4.70 29.60 -15.33
N THR A 9 4.39 28.31 -15.53
CA THR A 9 3.04 27.83 -15.78
C THR A 9 2.75 26.73 -14.78
N THR A 10 1.55 26.74 -14.21
CA THR A 10 1.10 25.65 -13.36
C THR A 10 0.39 24.63 -14.23
N ILE A 11 0.84 23.38 -14.16
CA ILE A 11 0.17 22.28 -14.84
C ILE A 11 -1.09 21.91 -14.05
N SER A 12 -2.27 22.12 -14.67
CA SER A 12 -3.57 21.90 -14.03
C SER A 12 -4.06 20.47 -14.19
N GLY A 13 -3.42 19.67 -15.03
CA GLY A 13 -3.91 18.34 -15.27
C GLY A 13 -4.84 18.22 -16.45
N HIS A 14 -5.08 19.29 -17.18
CA HIS A 14 -5.96 19.23 -18.35
C HIS A 14 -5.18 19.26 -19.65
N SER A 15 -5.91 19.23 -20.73
CA SER A 15 -5.34 18.91 -22.04
C SER A 15 -4.43 20.03 -22.51
N LYS A 16 -4.80 21.28 -22.28
CA LYS A 16 -3.99 22.39 -22.83
C LYS A 16 -2.61 22.36 -22.21
N ASP A 17 -2.57 22.28 -20.89
CA ASP A 17 -1.26 22.28 -20.23
C ASP A 17 -0.48 21.01 -20.55
N ASN A 18 -1.18 19.88 -20.77
CA ASN A 18 -0.41 18.68 -21.11
C ASN A 18 0.31 18.91 -22.42
N LEU A 19 -0.36 19.55 -23.38
CA LEU A 19 0.27 19.79 -24.68
C LEU A 19 1.43 20.74 -24.50
N ALA A 20 1.30 21.70 -23.58
CA ALA A 20 2.39 22.67 -23.42
C ALA A 20 3.55 21.97 -22.74
N LEU A 21 3.24 21.08 -21.80
CA LEU A 21 4.32 20.31 -21.17
C LEU A 21 5.04 19.46 -22.21
N LEU A 22 4.29 18.82 -23.09
CA LEU A 22 4.91 17.98 -24.11
C LEU A 22 5.82 18.81 -24.99
N LYS A 23 5.34 20.00 -25.37
CA LYS A 23 6.20 20.84 -26.23
C LYS A 23 7.47 21.22 -25.49
N CYS A 24 7.38 21.48 -24.16
CA CYS A 24 8.59 21.84 -23.43
C CYS A 24 9.52 20.65 -23.31
N LEU A 25 8.98 19.47 -23.02
CA LEU A 25 9.84 18.29 -22.90
C LEU A 25 10.57 18.07 -24.23
N GLN A 26 9.90 18.37 -25.33
CA GLN A 26 10.47 18.17 -26.66
C GLN A 26 11.21 19.38 -27.22
N GLY A 27 11.36 20.47 -26.46
CA GLY A 27 12.16 21.57 -26.95
C GLY A 27 11.49 22.46 -27.97
N GLU A 28 10.18 22.49 -28.08
CA GLU A 28 9.48 23.40 -28.98
C GLU A 28 9.21 24.76 -28.36
N THR A 29 9.54 24.93 -27.10
CA THR A 29 9.34 26.18 -26.40
C THR A 29 10.54 26.21 -25.51
N LYS A 30 11.12 27.40 -25.25
CA LYS A 30 12.37 27.42 -24.48
C LYS A 30 12.43 27.98 -23.09
N GLU A 31 11.90 29.15 -22.89
CA GLU A 31 12.06 29.74 -21.59
C GLU A 31 10.90 29.31 -20.78
N LYS A 32 10.78 28.03 -20.45
CA LYS A 32 9.59 27.63 -19.76
C LYS A 32 9.80 26.85 -18.50
N GLU A 33 9.40 27.43 -17.40
CA GLU A 33 9.41 26.67 -16.16
C GLU A 33 8.00 26.18 -15.90
N PHE A 34 7.91 25.06 -15.19
CA PHE A 34 6.63 24.51 -14.84
C PHE A 34 6.54 24.18 -13.36
N GLU A 35 5.34 24.35 -12.80
CA GLU A 35 5.01 23.86 -11.47
C GLU A 35 3.82 22.96 -11.68
N ILE A 36 3.44 22.21 -10.67
CA ILE A 36 2.36 21.27 -10.89
C ILE A 36 1.34 21.44 -9.79
N SER A 37 0.08 21.58 -10.18
CA SER A 37 -0.93 21.82 -9.16
C SER A 37 -1.19 20.53 -8.38
N ASN A 38 -1.36 20.70 -7.07
CA ASN A 38 -1.47 19.59 -6.15
C ASN A 38 -2.90 19.10 -6.04
N VAL A 39 -3.51 18.83 -7.17
CA VAL A 39 -4.83 18.23 -7.23
C VAL A 39 -4.68 16.75 -7.49
N LEU A 40 -5.67 15.96 -7.04
CA LEU A 40 -5.56 14.52 -7.13
C LEU A 40 -5.26 13.99 -8.53
N PRO A 41 -5.83 14.52 -9.62
CA PRO A 41 -5.54 13.95 -10.93
C PRO A 41 -4.10 14.15 -11.41
N ASN A 42 -3.30 14.96 -10.68
CA ASN A 42 -1.89 15.16 -11.00
C ASN A 42 -0.95 14.33 -10.15
N HIS A 43 -1.46 13.51 -9.23
CA HIS A 43 -0.56 12.89 -8.25
C HIS A 43 0.54 12.06 -8.91
N LYS A 44 0.20 11.26 -9.93
CA LYS A 44 1.24 10.46 -10.55
C LYS A 44 2.20 11.37 -11.30
N MET A 45 1.66 12.33 -12.02
CA MET A 45 2.57 13.18 -12.83
C MET A 45 3.54 13.91 -11.93
N LYS A 46 3.06 14.29 -10.72
CA LYS A 46 3.92 15.03 -9.81
C LYS A 46 5.00 14.12 -9.24
N GLU A 47 4.64 12.86 -8.94
CA GLU A 47 5.70 11.99 -8.43
C GLU A 47 6.68 11.54 -9.51
N LYS A 48 6.23 11.35 -10.74
CA LYS A 48 7.09 10.80 -11.78
C LYS A 48 7.96 11.90 -12.46
N LEU A 49 7.40 13.08 -12.67
CA LEU A 49 8.11 14.11 -13.47
C LEU A 49 8.58 15.33 -12.70
N PHE A 50 8.18 15.50 -11.47
CA PHE A 50 8.52 16.70 -10.72
C PHE A 50 9.34 16.37 -9.48
N ARG A 51 10.09 17.38 -9.02
CA ARG A 51 10.86 17.30 -7.78
C ARG A 51 11.00 18.71 -7.22
N GLU A 52 10.63 18.90 -5.95
CA GLU A 52 10.65 20.23 -5.32
C GLU A 52 9.75 21.23 -6.07
N ASN A 53 8.64 20.71 -6.59
CA ASN A 53 7.67 21.44 -7.42
C ASN A 53 8.28 22.03 -8.67
N LYS A 54 9.34 21.43 -9.19
CA LYS A 54 9.86 21.82 -10.49
C LYS A 54 10.02 20.60 -11.37
N LEU A 55 9.99 20.84 -12.67
CA LEU A 55 10.16 19.74 -13.62
C LEU A 55 11.55 19.15 -13.47
N LYS A 56 11.61 17.81 -13.39
CA LYS A 56 12.91 17.15 -13.38
C LYS A 56 13.70 17.46 -14.65
N ILE A 57 15.01 17.61 -14.51
CA ILE A 57 15.85 17.95 -15.64
C ILE A 57 16.16 16.70 -16.47
N ASP A 58 16.01 15.51 -15.90
CA ASP A 58 16.59 14.32 -16.53
C ASP A 58 15.50 13.41 -17.07
N ILE A 59 14.41 13.99 -17.59
CA ILE A 59 13.33 13.21 -18.21
C ILE A 59 13.64 12.89 -19.67
N ASP A 60 13.63 11.60 -20.04
CA ASP A 60 13.67 11.17 -21.43
C ASP A 60 12.34 10.53 -21.70
N ILE A 61 11.54 11.14 -22.58
CA ILE A 61 10.20 10.61 -22.80
C ILE A 61 10.25 9.13 -23.19
N GLU A 62 11.00 8.80 -24.23
CA GLU A 62 10.98 7.42 -24.71
C GLU A 62 11.49 6.44 -23.66
N LYS A 63 12.57 6.76 -22.95
CA LYS A 63 13.13 5.79 -22.05
C LYS A 63 12.49 5.82 -20.66
N ASP A 64 12.15 6.97 -20.13
CA ASP A 64 11.62 6.99 -18.77
C ASP A 64 10.10 6.91 -18.68
N ILE A 65 9.41 7.49 -19.63
CA ILE A 65 7.93 7.47 -19.60
C ILE A 65 7.40 6.24 -20.30
N PHE A 66 8.01 5.84 -21.43
CA PHE A 66 7.55 4.70 -22.19
C PHE A 66 8.43 3.47 -22.03
N ASN A 67 9.51 3.56 -21.26
CA ASN A 67 10.34 2.37 -20.96
C ASN A 67 10.80 1.69 -22.25
N TYR A 68 11.15 2.49 -23.26
CA TYR A 68 11.65 1.90 -24.51
C TYR A 68 12.87 1.03 -24.24
N SER A 69 12.86 -0.17 -24.82
CA SER A 69 13.95 -1.13 -24.62
C SER A 69 14.31 -1.89 -25.90
N ARG A 70 13.85 -1.44 -27.09
CA ARG A 70 13.83 -2.23 -28.32
C ARG A 70 13.30 -3.65 -28.12
N LYS A 71 12.21 -3.77 -27.35
CA LYS A 71 11.57 -5.06 -27.16
C LYS A 71 11.01 -5.57 -28.48
N ASN A 72 11.12 -6.89 -28.71
CA ASN A 72 10.56 -7.41 -29.94
C ASN A 72 9.08 -7.66 -29.79
N ILE A 73 8.33 -7.14 -30.74
CA ILE A 73 6.89 -7.25 -30.80
C ILE A 73 6.47 -8.17 -31.94
N GLN A 74 5.49 -9.05 -31.70
CA GLN A 74 5.08 -9.96 -32.77
C GLN A 74 3.61 -9.80 -33.17
N LYS A 75 2.81 -9.10 -32.38
CA LYS A 75 1.43 -8.83 -32.72
C LYS A 75 0.94 -7.69 -31.86
N ILE A 76 -0.23 -7.17 -32.22
CA ILE A 76 -0.84 -6.02 -31.56
C ILE A 76 -2.33 -6.30 -31.36
N GLU A 77 -2.79 -6.19 -30.11
CA GLU A 77 -4.21 -6.17 -29.83
C GLU A 77 -4.67 -4.73 -29.69
N PHE A 78 -5.94 -4.47 -30.04
CA PHE A 78 -6.41 -3.10 -30.00
C PHE A 78 -6.52 -2.55 -28.58
N MET A 79 -7.13 -3.32 -27.68
CA MET A 79 -7.36 -2.85 -26.30
C MET A 79 -7.35 -4.06 -25.36
N PRO A 80 -6.18 -4.61 -25.11
CA PRO A 80 -6.08 -5.69 -24.13
C PRO A 80 -6.38 -5.17 -22.73
N VAL A 81 -7.47 -5.60 -22.10
CA VAL A 81 -7.88 -4.83 -20.94
C VAL A 81 -6.96 -5.02 -19.76
N ASN A 82 -6.17 -6.10 -19.70
CA ASN A 82 -5.19 -6.23 -18.63
C ASN A 82 -4.15 -5.10 -18.69
N ARG A 83 -3.94 -4.49 -19.85
CA ARG A 83 -2.91 -3.45 -19.93
C ARG A 83 -3.41 -2.09 -19.49
N LEU A 84 -4.70 -1.91 -19.22
CA LEU A 84 -5.20 -0.60 -18.89
C LEU A 84 -5.03 -0.28 -17.40
N ILE A 85 -4.60 -1.24 -16.59
CA ILE A 85 -4.35 -1.00 -15.18
C ILE A 85 -2.96 -1.46 -14.87
N SER A 86 -2.28 -0.65 -14.10
CA SER A 86 -0.89 -0.91 -13.73
C SER A 86 -0.79 -1.56 -12.37
N GLN A 87 0.39 -2.14 -12.10
CA GLN A 87 0.64 -2.66 -10.76
C GLN A 87 0.52 -1.56 -9.70
N SER A 88 1.04 -0.36 -10.00
CA SER A 88 0.95 0.72 -9.01
C SER A 88 -0.50 1.00 -8.64
N GLU A 89 -1.37 1.06 -9.64
CA GLU A 89 -2.79 1.24 -9.36
C GLU A 89 -3.34 0.11 -8.53
N ILE A 90 -2.98 -1.13 -8.87
CA ILE A 90 -3.50 -2.30 -8.11
C ILE A 90 -3.08 -2.25 -6.64
N ASP A 91 -1.82 -1.95 -6.38
CA ASP A 91 -1.34 -1.86 -5.01
C ASP A 91 -2.08 -0.80 -4.24
N GLY A 92 -2.37 0.32 -4.89
CA GLY A 92 -3.11 1.37 -4.22
C GLY A 92 -4.56 0.98 -4.00
N ILE A 93 -5.15 0.27 -4.96
CA ILE A 93 -6.54 -0.16 -4.82
C ILE A 93 -6.68 -1.17 -3.70
N ILE A 94 -5.71 -2.09 -3.53
CA ILE A 94 -5.76 -3.02 -2.41
C ILE A 94 -5.67 -2.26 -1.08
N GLY A 95 -4.84 -1.22 -1.06
CA GLY A 95 -4.72 -0.40 0.13
C GLY A 95 -6.01 0.30 0.49
N THR A 96 -6.71 0.86 -0.50
CA THR A 96 -7.89 1.58 -0.09
C THR A 96 -9.03 0.61 0.17
N LEU A 97 -9.05 -0.56 -0.49
CA LEU A 97 -10.03 -1.58 -0.11
C LEU A 97 -9.86 -1.99 1.35
N LYS A 98 -8.61 -2.11 1.85
CA LYS A 98 -8.47 -2.47 3.26
C LYS A 98 -9.09 -1.43 4.19
N GLU A 99 -9.14 -0.19 3.77
CA GLU A 99 -9.73 0.84 4.60
C GLU A 99 -11.26 0.85 4.47
N VAL A 100 -11.78 0.68 3.26
CA VAL A 100 -13.21 0.77 3.02
C VAL A 100 -13.95 -0.49 3.49
N LEU A 101 -13.41 -1.68 3.22
CA LEU A 101 -14.19 -2.90 3.50
C LEU A 101 -14.64 -2.98 4.96
N PRO A 102 -13.81 -2.70 5.99
CA PRO A 102 -14.33 -2.85 7.36
C PRO A 102 -15.37 -1.81 7.76
N THR A 103 -15.57 -0.74 7.00
CA THR A 103 -16.61 0.24 7.32
C THR A 103 -18.02 -0.30 7.02
N GLY A 104 -18.11 -1.31 6.15
CA GLY A 104 -19.35 -1.87 5.64
C GLY A 104 -20.15 -0.89 4.82
N GLN A 105 -19.55 0.26 4.43
CA GLN A 105 -20.24 1.28 3.61
C GLN A 105 -19.90 1.00 2.16
N PHE A 106 -20.83 0.40 1.41
CA PHE A 106 -20.42 -0.06 0.07
C PHE A 106 -21.13 0.62 -1.06
N THR A 107 -22.41 0.91 -0.80
CA THR A 107 -23.27 1.75 -1.63
C THR A 107 -23.24 3.21 -1.18
N SER A 108 -24.03 3.60 -0.19
CA SER A 108 -23.89 4.97 0.31
C SER A 108 -22.61 5.05 1.17
N GLY A 109 -21.92 6.21 1.11
CA GLY A 109 -20.72 6.41 1.91
C GLY A 109 -19.93 7.70 1.69
N PRO A 110 -18.87 7.91 2.47
CA PRO A 110 -18.13 9.20 2.42
C PRO A 110 -17.18 9.33 1.26
N PHE A 111 -16.72 8.22 0.66
CA PHE A 111 -15.83 8.38 -0.49
C PHE A 111 -16.60 8.89 -1.68
N SER A 112 -17.91 8.62 -1.75
CA SER A 112 -18.68 9.13 -2.87
C SER A 112 -18.65 10.66 -2.90
N LYS A 113 -18.86 11.28 -1.72
CA LYS A 113 -18.80 12.72 -1.58
C LYS A 113 -17.41 13.27 -1.92
N LYS A 114 -16.33 12.60 -1.48
CA LYS A 114 -15.00 13.11 -1.80
C LYS A 114 -14.74 13.06 -3.29
N LEU A 115 -15.14 11.97 -3.96
CA LEU A 115 -14.91 11.92 -5.42
C LEU A 115 -15.71 12.99 -6.14
N GLU A 116 -16.89 13.29 -5.65
CA GLU A 116 -17.67 14.38 -6.23
C GLU A 116 -16.94 15.74 -6.08
N GLU A 117 -16.33 15.95 -4.91
CA GLU A 117 -15.58 17.18 -4.68
C GLU A 117 -14.36 17.24 -5.58
N VAL A 118 -13.64 16.10 -5.71
CA VAL A 118 -12.48 16.08 -6.63
C VAL A 118 -12.90 16.38 -8.06
N ILE A 119 -13.95 15.72 -8.54
CA ILE A 119 -14.44 15.99 -9.92
C ILE A 119 -14.92 17.43 -10.07
N GLY A 120 -15.64 17.96 -9.05
CA GLY A 120 -16.09 19.33 -9.14
C GLY A 120 -14.94 20.31 -9.22
N ASP A 121 -13.88 20.06 -8.42
CA ASP A 121 -12.71 20.93 -8.51
C ASP A 121 -12.04 20.83 -9.89
N TYR A 122 -11.92 19.62 -10.43
CA TYR A 122 -11.18 19.44 -11.68
C TYR A 122 -11.97 19.94 -12.87
N LEU A 123 -13.29 19.99 -12.77
CA LEU A 123 -14.06 20.57 -13.86
C LEU A 123 -14.49 22.01 -13.58
N ASN A 124 -14.12 22.56 -12.44
CA ASN A 124 -14.53 23.89 -12.03
C ASN A 124 -16.03 24.06 -12.17
N LYS A 125 -16.75 23.11 -11.57
CA LYS A 125 -18.21 23.20 -11.55
C LYS A 125 -18.68 23.04 -10.11
N LYS A 126 -19.80 23.69 -9.75
CA LYS A 126 -20.23 23.75 -8.36
C LYS A 126 -20.83 22.44 -7.83
N TYR A 127 -21.50 21.67 -8.68
CA TYR A 127 -22.31 20.53 -8.25
C TYR A 127 -21.96 19.28 -9.04
N VAL A 128 -21.73 18.17 -8.32
CA VAL A 128 -21.46 16.89 -8.95
C VAL A 128 -22.28 15.81 -8.24
N ILE A 129 -22.96 14.99 -9.02
CA ILE A 129 -23.69 13.79 -8.55
C ILE A 129 -22.98 12.62 -9.17
N ALA A 130 -22.23 11.88 -8.39
CA ALA A 130 -21.59 10.69 -8.94
C ALA A 130 -22.61 9.54 -9.08
N THR A 131 -22.60 8.89 -10.24
CA THR A 131 -23.68 7.95 -10.59
C THR A 131 -23.12 6.55 -10.81
N SER A 132 -24.04 5.60 -11.10
CA SER A 132 -23.69 4.21 -11.27
C SER A 132 -23.21 3.91 -12.68
N SER A 133 -23.28 4.88 -13.58
CA SER A 133 -22.71 4.72 -14.94
C SER A 133 -22.96 6.03 -15.66
N GLY A 134 -22.26 6.22 -16.77
CA GLY A 134 -22.55 7.37 -17.62
C GLY A 134 -23.92 7.29 -18.25
N THR A 135 -24.39 6.08 -18.59
CA THR A 135 -25.72 5.92 -19.17
C THR A 135 -26.76 6.42 -18.16
N ASP A 136 -26.62 6.00 -16.89
CA ASP A 136 -27.55 6.44 -15.86
C ASP A 136 -27.46 7.95 -15.63
N ALA A 137 -26.23 8.50 -15.65
CA ALA A 137 -26.04 9.96 -15.53
C ALA A 137 -26.86 10.65 -16.62
N LEU A 138 -26.80 10.14 -17.84
CA LEU A 138 -27.52 10.79 -18.94
C LEU A 138 -29.02 10.67 -18.77
N MET A 139 -29.51 9.51 -18.32
CA MET A 139 -30.96 9.38 -18.14
C MET A 139 -31.47 10.35 -17.09
N VAL A 140 -30.79 10.39 -15.93
CA VAL A 140 -31.17 11.30 -14.84
C VAL A 140 -31.14 12.74 -15.29
N SER A 141 -30.08 13.13 -16.00
CA SER A 141 -29.97 14.51 -16.41
C SER A 141 -31.10 14.91 -17.33
N LEU A 142 -31.45 14.04 -18.26
CA LEU A 142 -32.58 14.33 -19.16
C LEU A 142 -33.86 14.54 -18.37
N LEU A 143 -34.13 13.66 -17.40
CA LEU A 143 -35.30 13.89 -16.57
C LEU A 143 -35.21 15.20 -15.80
N SER A 144 -34.01 15.55 -15.31
CA SER A 144 -33.86 16.77 -14.49
C SER A 144 -34.21 18.03 -15.27
N ILE A 145 -33.95 18.06 -16.59
CA ILE A 145 -34.35 19.26 -17.33
C ILE A 145 -35.78 19.20 -17.78
N GLY A 146 -36.55 18.15 -17.40
CA GLY A 146 -37.97 18.15 -17.68
C GLY A 146 -38.40 17.36 -18.88
N ILE A 147 -37.57 16.48 -19.41
CA ILE A 147 -37.96 15.74 -20.59
C ILE A 147 -39.14 14.84 -20.24
N GLN A 148 -40.19 14.91 -21.05
CA GLN A 148 -41.37 14.08 -21.01
C GLN A 148 -41.42 13.16 -22.22
N PRO A 149 -42.14 12.06 -22.15
CA PRO A 149 -42.25 11.19 -23.34
C PRO A 149 -42.75 11.99 -24.53
N GLY A 150 -42.09 11.79 -25.67
CA GLY A 150 -42.45 12.47 -26.89
C GLY A 150 -41.60 13.71 -27.15
N ASP A 151 -40.87 14.21 -26.14
CA ASP A 151 -39.97 15.36 -26.38
C ASP A 151 -38.85 14.89 -27.30
N GLU A 152 -38.29 15.83 -28.10
CA GLU A 152 -37.16 15.52 -28.96
C GLU A 152 -35.84 16.00 -28.36
N VAL A 153 -34.81 15.22 -28.65
CA VAL A 153 -33.43 15.53 -28.26
C VAL A 153 -32.58 15.47 -29.53
N ILE A 154 -31.92 16.55 -29.86
CA ILE A 154 -31.12 16.62 -31.07
C ILE A 154 -29.74 16.07 -30.74
N MET A 155 -29.27 15.13 -31.53
CA MET A 155 -28.05 14.47 -31.22
C MET A 155 -27.37 13.93 -32.51
N PRO A 156 -26.09 13.53 -32.45
CA PRO A 156 -25.48 12.88 -33.64
C PRO A 156 -25.86 11.40 -33.69
N ALA A 157 -25.51 10.75 -34.83
CA ALA A 157 -25.88 9.36 -35.07
C ALA A 157 -24.70 8.43 -35.04
N ASN A 158 -23.56 8.91 -34.58
CA ASN A 158 -22.32 8.15 -34.63
C ASN A 158 -21.71 7.92 -33.26
N SER A 159 -22.49 8.10 -32.19
CA SER A 159 -21.98 7.88 -30.82
C SER A 159 -22.22 6.40 -30.44
N PHE A 160 -21.67 6.01 -29.29
CA PHE A 160 -22.01 4.71 -28.72
C PHE A 160 -23.51 4.65 -28.44
N ALA A 161 -24.06 3.43 -28.50
CA ALA A 161 -25.50 3.26 -28.32
C ALA A 161 -26.02 3.88 -27.06
N ALA A 162 -25.19 4.01 -26.03
CA ALA A 162 -25.71 4.51 -24.78
C ALA A 162 -26.35 5.88 -24.92
N THR A 163 -25.79 6.78 -25.77
CA THR A 163 -26.33 8.12 -25.86
C THR A 163 -27.80 8.10 -26.30
N GLU A 164 -28.11 7.39 -27.40
CA GLU A 164 -29.50 7.35 -27.87
C GLU A 164 -30.33 6.55 -26.88
N ASN A 165 -29.71 5.53 -26.24
CA ASN A 165 -30.52 4.66 -25.37
C ASN A 165 -31.04 5.45 -24.18
N ALA A 166 -30.20 6.36 -23.63
CA ALA A 166 -30.69 7.12 -22.47
C ALA A 166 -31.90 7.97 -22.84
N VAL A 167 -31.87 8.57 -24.03
CA VAL A 167 -33.02 9.31 -24.51
C VAL A 167 -34.25 8.42 -24.67
N LEU A 168 -34.08 7.27 -25.32
CA LEU A 168 -35.18 6.36 -25.59
C LEU A 168 -35.76 5.80 -24.30
N ALA A 169 -34.91 5.47 -23.32
CA ALA A 169 -35.41 4.75 -22.14
C ALA A 169 -36.38 5.59 -21.33
N ILE A 170 -36.29 6.91 -21.43
CA ILE A 170 -37.27 7.76 -20.74
C ILE A 170 -38.41 8.18 -21.67
N GLY A 171 -38.56 7.53 -22.82
CA GLY A 171 -39.64 7.83 -23.73
C GLY A 171 -39.45 9.00 -24.68
N ALA A 172 -38.25 9.59 -24.73
CA ALA A 172 -38.00 10.71 -25.64
C ALA A 172 -37.54 10.23 -27.02
N LYS A 173 -37.47 11.18 -27.96
CA LYS A 173 -37.22 10.88 -29.38
C LYS A 173 -35.92 11.48 -29.83
N PRO A 174 -34.89 10.66 -30.16
CA PRO A 174 -33.70 11.21 -30.81
C PRO A 174 -34.06 11.84 -32.16
N VAL A 175 -33.49 13.01 -32.40
CA VAL A 175 -33.54 13.68 -33.70
C VAL A 175 -32.12 13.82 -34.17
N PHE A 176 -31.78 13.11 -35.21
CA PHE A 176 -30.39 13.02 -35.65
C PHE A 176 -29.99 14.12 -36.61
N VAL A 177 -28.82 14.69 -36.35
CA VAL A 177 -28.21 15.75 -37.16
C VAL A 177 -26.83 15.30 -37.61
N ASP A 178 -26.45 15.75 -38.81
CA ASP A 178 -25.18 15.31 -39.43
C ASP A 178 -23.97 15.91 -38.70
N ILE A 179 -22.82 15.21 -38.85
CA ILE A 179 -21.56 15.67 -38.26
C ILE A 179 -20.88 16.66 -39.19
N ASP A 180 -19.92 17.39 -38.62
CA ASP A 180 -19.13 18.37 -39.37
C ASP A 180 -18.15 17.62 -40.26
N HIS A 181 -17.27 18.38 -40.93
CA HIS A 181 -16.37 17.81 -41.93
C HIS A 181 -14.94 17.76 -41.44
N LYS A 182 -14.72 17.83 -40.12
CA LYS A 182 -13.37 18.01 -39.59
C LYS A 182 -13.14 17.43 -38.21
N SER A 183 -14.20 16.97 -37.49
CA SER A 183 -13.94 16.61 -36.10
C SER A 183 -14.77 15.45 -35.59
N TYR A 184 -15.62 14.84 -36.44
CA TYR A 184 -16.56 13.74 -36.08
C TYR A 184 -17.62 14.22 -35.11
N CYS A 185 -17.77 15.52 -34.97
CA CYS A 185 -18.74 16.06 -33.99
C CYS A 185 -19.97 16.63 -34.72
N ILE A 186 -21.05 16.79 -33.94
CA ILE A 186 -22.32 17.33 -34.51
C ILE A 186 -22.05 18.68 -35.16
N ASP A 187 -22.63 18.89 -36.34
CA ASP A 187 -22.32 20.10 -37.10
C ASP A 187 -23.22 21.20 -36.54
N PRO A 188 -22.69 22.24 -35.91
CA PRO A 188 -23.61 23.28 -35.37
C PRO A 188 -24.46 23.89 -36.46
N LEU A 189 -23.96 23.90 -37.69
CA LEU A 189 -24.72 24.60 -38.72
C LEU A 189 -25.90 23.81 -39.19
N LYS A 190 -26.09 22.61 -38.69
CA LYS A 190 -27.26 21.83 -39.10
C LYS A 190 -28.23 21.61 -37.95
N ILE A 191 -28.00 22.23 -36.79
CA ILE A 191 -28.86 21.98 -35.62
C ILE A 191 -30.17 22.73 -35.75
N GLU A 192 -30.10 24.00 -36.14
CA GLU A 192 -31.27 24.87 -36.08
C GLU A 192 -32.41 24.34 -36.92
N GLU A 193 -32.09 23.75 -38.09
CA GLU A 193 -33.16 23.29 -38.96
C GLU A 193 -33.87 22.06 -38.40
N ALA A 194 -33.25 21.38 -37.42
CA ALA A 194 -33.86 20.22 -36.78
C ALA A 194 -34.72 20.60 -35.58
N ILE A 195 -34.72 21.87 -35.15
CA ILE A 195 -35.51 22.27 -33.99
C ILE A 195 -36.99 22.34 -34.36
N THR A 196 -37.84 21.78 -33.48
CA THR A 196 -39.30 21.84 -33.65
C THR A 196 -39.93 22.29 -32.33
N GLN A 197 -41.25 22.31 -32.28
CA GLN A 197 -41.92 22.58 -31.01
C GLN A 197 -41.65 21.54 -29.95
N LYS A 198 -41.20 20.35 -30.31
CA LYS A 198 -40.98 19.32 -29.32
C LYS A 198 -39.55 19.28 -28.80
N THR A 199 -38.62 20.07 -29.38
CA THR A 199 -37.23 19.97 -28.95
C THR A 199 -37.10 20.47 -27.52
N LYS A 200 -36.40 19.71 -26.70
CA LYS A 200 -36.10 20.20 -25.38
C LYS A 200 -34.62 20.21 -25.09
N CYS A 201 -33.78 19.58 -25.91
CA CYS A 201 -32.40 19.51 -25.50
C CYS A 201 -31.57 19.29 -26.75
N ILE A 202 -30.37 19.84 -26.73
CA ILE A 202 -29.31 19.48 -27.66
C ILE A 202 -28.30 18.66 -26.86
N LEU A 203 -27.91 17.53 -27.42
CA LEU A 203 -27.03 16.53 -26.80
C LEU A 203 -25.81 16.27 -27.70
N PRO A 204 -24.88 17.18 -27.68
CA PRO A 204 -23.65 17.00 -28.47
C PRO A 204 -22.77 15.98 -27.77
N VAL A 205 -22.00 15.25 -28.54
CA VAL A 205 -21.10 14.22 -28.00
C VAL A 205 -19.68 14.63 -28.30
N HIS A 206 -18.84 14.62 -27.28
CA HIS A 206 -17.40 14.94 -27.48
C HIS A 206 -16.67 13.67 -27.85
N LEU A 207 -16.91 13.27 -29.09
CA LEU A 207 -16.59 11.94 -29.57
C LEU A 207 -15.08 11.73 -29.65
N TYR A 208 -14.65 10.57 -29.17
CA TYR A 208 -13.25 10.12 -29.24
C TYR A 208 -12.33 10.94 -28.34
N GLY A 209 -12.88 11.79 -27.51
CA GLY A 209 -12.09 12.71 -26.72
C GLY A 209 -11.96 14.12 -27.24
N LYS A 210 -12.58 14.44 -28.37
CA LYS A 210 -12.49 15.74 -29.00
C LYS A 210 -13.74 16.54 -28.69
N GLN A 211 -13.58 17.79 -28.29
CA GLN A 211 -14.77 18.62 -28.02
C GLN A 211 -15.48 19.10 -29.27
N CYS A 212 -16.81 19.13 -29.19
CA CYS A 212 -17.62 19.82 -30.19
C CYS A 212 -17.42 21.34 -30.12
N ASP A 213 -17.95 22.05 -31.12
CA ASP A 213 -17.85 23.51 -31.15
C ASP A 213 -18.97 24.10 -30.27
N MET A 214 -18.69 24.18 -28.99
CA MET A 214 -19.77 24.43 -28.03
C MET A 214 -20.17 25.88 -28.00
N LYS A 215 -19.27 26.80 -28.35
CA LYS A 215 -19.70 28.18 -28.39
C LYS A 215 -20.79 28.38 -29.44
N ARG A 216 -20.66 27.75 -30.61
CA ARG A 216 -21.70 27.95 -31.62
C ARG A 216 -22.98 27.27 -31.20
N ILE A 217 -22.87 26.09 -30.60
CA ILE A 217 -24.09 25.36 -30.22
C ILE A 217 -24.80 26.15 -29.13
N ARG A 218 -24.05 26.77 -28.22
CA ARG A 218 -24.68 27.59 -27.18
C ARG A 218 -25.38 28.81 -27.78
N GLU A 219 -24.79 29.47 -28.78
CA GLU A 219 -25.48 30.57 -29.44
C GLU A 219 -26.86 30.15 -29.93
N ILE A 220 -26.95 28.98 -30.58
CA ILE A 220 -28.24 28.50 -31.04
C ILE A 220 -29.15 28.18 -29.86
N ALA A 221 -28.65 27.44 -28.87
CA ALA A 221 -29.47 27.06 -27.72
C ALA A 221 -30.05 28.27 -27.02
N ASP A 222 -29.27 29.37 -26.96
CA ASP A 222 -29.77 30.54 -26.24
C ASP A 222 -30.85 31.23 -27.02
N VAL A 223 -30.77 31.21 -28.34
CA VAL A 223 -31.82 31.84 -29.14
C VAL A 223 -33.13 31.09 -28.99
N TYR A 224 -33.07 29.77 -28.89
CA TYR A 224 -34.24 28.94 -28.78
C TYR A 224 -34.55 28.53 -27.32
N GLN A 225 -33.84 29.13 -26.36
CA GLN A 225 -33.94 28.79 -24.95
C GLN A 225 -34.02 27.27 -24.75
N LEU A 226 -33.04 26.56 -25.31
CA LEU A 226 -32.93 25.13 -25.14
C LEU A 226 -31.79 24.77 -24.19
N ARG A 227 -31.97 23.68 -23.48
CA ARG A 227 -30.89 23.13 -22.66
C ARG A 227 -29.85 22.41 -23.51
N ILE A 228 -28.63 22.37 -22.98
CA ILE A 228 -27.55 21.57 -23.56
C ILE A 228 -27.08 20.61 -22.49
N ILE A 229 -27.16 19.32 -22.78
CA ILE A 229 -26.49 18.29 -21.98
C ILE A 229 -25.35 17.77 -22.85
N GLU A 230 -24.13 17.85 -22.34
CA GLU A 230 -22.96 17.43 -23.12
C GLU A 230 -22.59 16.01 -22.73
N ASP A 231 -22.50 15.11 -23.71
CA ASP A 231 -22.01 13.76 -23.49
C ASP A 231 -20.49 13.86 -23.58
N ALA A 232 -19.85 13.98 -22.41
CA ALA A 232 -18.42 14.07 -22.27
C ALA A 232 -17.86 12.75 -21.74
N CYS A 233 -18.53 11.62 -22.02
CA CYS A 233 -18.10 10.35 -21.41
C CYS A 233 -16.72 9.90 -21.88
N GLN A 234 -16.25 10.42 -23.01
CA GLN A 234 -14.92 10.10 -23.55
C GLN A 234 -13.92 11.24 -23.38
N ALA A 235 -14.27 12.34 -22.66
CA ALA A 235 -13.48 13.56 -22.82
C ALA A 235 -12.96 14.13 -21.51
N ILE A 236 -12.92 13.31 -20.46
CA ILE A 236 -12.39 13.82 -19.18
C ILE A 236 -10.95 14.37 -19.34
N GLY A 237 -10.70 15.53 -18.69
CA GLY A 237 -9.41 16.15 -18.88
C GLY A 237 -9.36 17.20 -19.94
N SER A 238 -10.38 17.29 -20.81
CA SER A 238 -10.40 18.27 -21.87
C SER A 238 -10.53 19.70 -21.32
N SER A 239 -9.61 20.60 -21.69
CA SER A 239 -9.58 21.95 -21.09
C SER A 239 -10.92 22.65 -21.36
N ASN A 240 -11.44 23.33 -20.34
CA ASN A 240 -12.64 24.16 -20.45
C ASN A 240 -13.88 23.34 -20.75
N LEU A 241 -13.85 22.05 -20.49
CA LEU A 241 -15.02 21.22 -20.70
C LEU A 241 -16.22 21.74 -19.92
N GLY A 242 -17.34 21.89 -20.60
CA GLY A 242 -18.56 22.33 -19.90
C GLY A 242 -18.82 23.80 -19.84
N GLU A 243 -17.92 24.65 -20.38
CA GLU A 243 -18.06 26.07 -20.15
C GLU A 243 -19.43 26.59 -20.59
N TYR A 244 -19.98 26.00 -21.65
CA TYR A 244 -21.24 26.46 -22.22
C TYR A 244 -22.39 25.49 -22.00
N GLY A 245 -22.21 24.45 -21.20
CA GLY A 245 -23.20 23.39 -21.14
C GLY A 245 -24.05 23.60 -19.90
N ASP A 246 -25.34 23.21 -19.96
CA ASP A 246 -26.12 23.20 -18.71
C ASP A 246 -25.65 22.08 -17.80
N ILE A 247 -25.54 20.86 -18.34
CA ILE A 247 -25.09 19.69 -17.62
C ILE A 247 -24.07 18.97 -18.47
N ILE A 248 -23.02 18.47 -17.81
CA ILE A 248 -22.03 17.62 -18.46
C ILE A 248 -22.10 16.23 -17.87
N ILE A 249 -22.06 15.22 -18.74
CA ILE A 249 -22.09 13.79 -18.35
C ILE A 249 -20.69 13.22 -18.49
N LEU A 250 -20.23 12.56 -17.44
CA LEU A 250 -18.99 11.79 -17.51
C LEU A 250 -19.26 10.31 -17.35
N SER A 251 -18.37 9.44 -17.88
CA SER A 251 -18.37 8.03 -17.58
C SER A 251 -17.00 7.71 -16.96
N PHE A 252 -17.01 6.86 -15.94
CA PHE A 252 -15.78 6.28 -15.38
C PHE A 252 -15.70 4.78 -15.61
N ASN A 253 -16.27 4.34 -16.73
CA ASN A 253 -16.07 2.98 -17.19
C ASN A 253 -14.58 2.65 -17.27
N PRO A 254 -14.20 1.41 -17.00
CA PRO A 254 -12.76 1.09 -16.88
C PRO A 254 -11.98 1.31 -18.18
N TYR A 255 -12.63 1.46 -19.32
CA TYR A 255 -11.88 1.73 -20.56
C TYR A 255 -11.67 3.19 -20.78
N LYS A 256 -12.30 4.06 -20.00
CA LYS A 256 -12.15 5.49 -20.26
C LYS A 256 -10.79 6.04 -19.84
N ASN A 257 -10.56 7.31 -20.17
CA ASN A 257 -9.24 7.86 -19.87
C ASN A 257 -8.95 7.83 -18.38
N PHE A 258 -9.99 8.01 -17.56
CA PHE A 258 -10.04 7.72 -16.13
C PHE A 258 -11.21 6.75 -15.90
N GLY A 259 -10.93 5.65 -15.24
CA GLY A 259 -11.96 4.67 -14.96
C GLY A 259 -11.81 4.16 -13.55
N VAL A 260 -12.91 3.59 -13.05
CA VAL A 260 -12.90 2.84 -11.80
C VAL A 260 -12.77 1.35 -12.11
N CYS A 261 -13.23 0.45 -11.19
CA CYS A 261 -13.09 -0.99 -11.41
C CYS A 261 -14.48 -1.57 -11.43
N GLY A 262 -15.28 -1.03 -12.32
CA GLY A 262 -16.66 -1.36 -12.49
C GLY A 262 -17.35 -0.20 -13.19
N LYS A 263 -18.68 -0.12 -13.02
CA LYS A 263 -19.39 0.95 -13.67
C LYS A 263 -19.56 2.16 -12.74
N ALA A 264 -19.46 3.35 -13.33
CA ALA A 264 -19.71 4.60 -12.61
C ALA A 264 -19.70 5.75 -13.61
N GLY A 265 -20.19 6.88 -13.15
CA GLY A 265 -20.10 8.07 -13.99
C GLY A 265 -20.45 9.29 -13.15
N ALA A 266 -20.76 10.40 -13.83
CA ALA A 266 -21.15 11.59 -13.05
C ALA A 266 -21.96 12.57 -13.85
N ILE A 267 -22.69 13.38 -13.11
CA ILE A 267 -23.46 14.53 -13.58
C ILE A 267 -22.81 15.79 -12.98
N VAL A 268 -22.42 16.74 -13.84
CA VAL A 268 -21.72 17.95 -13.40
C VAL A 268 -22.49 19.16 -13.86
N THR A 269 -22.72 20.13 -12.97
CA THR A 269 -23.49 21.31 -13.32
C THR A 269 -23.19 22.47 -12.35
N ASN A 270 -23.37 23.72 -12.82
CA ASN A 270 -23.41 24.85 -11.90
C ASN A 270 -24.84 25.22 -11.50
N ASN A 271 -25.85 24.53 -12.05
CA ASN A 271 -27.24 24.94 -11.88
C ASN A 271 -27.78 24.19 -10.66
N GLU A 272 -28.05 24.90 -9.55
CA GLU A 272 -28.47 24.21 -8.32
C GLU A 272 -29.82 23.53 -8.48
N ASN A 273 -30.75 24.18 -9.17
CA ASN A 273 -32.03 23.55 -9.41
C ASN A 273 -31.87 22.20 -10.12
N LEU A 274 -31.08 22.16 -11.22
CA LEU A 274 -30.89 20.90 -11.91
C LEU A 274 -30.14 19.90 -11.05
N ALA A 275 -29.15 20.38 -10.30
CA ALA A 275 -28.40 19.46 -9.44
C ALA A 275 -29.30 18.78 -8.40
N ILE A 276 -30.18 19.57 -7.78
CA ILE A 276 -31.11 18.99 -6.80
C ILE A 276 -31.97 17.92 -7.46
N ARG A 277 -32.56 18.24 -8.63
CA ARG A 277 -33.41 17.27 -9.29
C ARG A 277 -32.65 16.05 -9.71
N CYS A 278 -31.39 16.24 -10.15
CA CYS A 278 -30.56 15.08 -10.47
C CYS A 278 -30.34 14.21 -9.27
N ASN A 279 -30.06 14.85 -8.11
CA ASN A 279 -29.80 14.11 -6.90
C ASN A 279 -31.05 13.32 -6.50
N GLN A 280 -32.24 13.90 -6.67
CA GLN A 280 -33.47 13.18 -6.31
C GLN A 280 -33.78 12.03 -7.29
N TYR A 281 -33.68 12.27 -8.63
CA TYR A 281 -33.99 11.24 -9.62
C TYR A 281 -32.97 10.11 -9.60
N SER A 282 -31.71 10.41 -9.21
CA SER A 282 -30.70 9.35 -9.15
C SER A 282 -30.93 8.44 -7.97
N TYR A 283 -31.86 8.80 -7.04
CA TYR A 283 -32.05 7.95 -5.86
C TYR A 283 -33.55 7.96 -5.51
N HIS A 284 -34.31 7.26 -6.34
CA HIS A 284 -35.69 6.83 -6.11
C HIS A 284 -36.70 7.96 -6.06
N GLY A 285 -36.29 9.20 -6.41
CA GLY A 285 -37.17 10.36 -6.24
C GLY A 285 -37.25 10.84 -4.83
N PHE A 286 -36.44 10.31 -3.95
CA PHE A 286 -36.44 10.79 -2.58
C PHE A 286 -35.92 12.19 -2.42
N GLU A 287 -36.41 12.88 -1.41
CA GLU A 287 -35.85 14.13 -1.10
C GLU A 287 -34.39 13.92 -0.64
N VAL A 288 -33.57 14.92 -0.90
CA VAL A 288 -32.14 14.87 -0.62
C VAL A 288 -31.96 14.59 0.87
N ASP A 289 -31.26 13.49 1.18
CA ASP A 289 -30.99 13.07 2.56
C ASP A 289 -32.22 12.60 3.28
N LYS A 290 -33.34 12.37 2.58
CA LYS A 290 -34.58 11.90 3.25
C LYS A 290 -34.96 10.53 2.64
N LYS A 291 -34.19 9.51 2.97
CA LYS A 291 -34.51 8.19 2.48
C LYS A 291 -35.95 7.75 2.80
N ASN A 292 -36.59 7.16 1.78
CA ASN A 292 -37.94 6.58 1.74
C ASN A 292 -39.05 7.62 1.66
N LYS A 293 -38.72 8.90 1.51
CA LYS A 293 -39.69 9.99 1.46
C LYS A 293 -39.55 10.62 0.05
N LYS A 294 -40.47 10.26 -0.86
CA LYS A 294 -40.42 10.77 -2.23
C LYS A 294 -40.94 12.20 -2.32
N VAL A 295 -40.25 13.00 -3.14
CA VAL A 295 -40.73 14.31 -3.59
C VAL A 295 -40.89 14.38 -5.08
N LEU A 296 -40.13 13.59 -5.84
CA LEU A 296 -40.39 13.44 -7.26
C LEU A 296 -41.15 12.14 -7.44
N ASP A 297 -41.75 11.98 -8.64
CA ASP A 297 -42.75 10.95 -8.82
C ASP A 297 -42.15 9.55 -8.76
N PHE A 298 -40.92 9.41 -9.22
CA PHE A 298 -40.17 8.18 -9.17
C PHE A 298 -38.71 8.54 -9.27
N GLY A 299 -37.87 7.53 -9.15
CA GLY A 299 -36.51 7.71 -9.58
C GLY A 299 -35.85 6.37 -9.79
N PHE A 300 -34.53 6.40 -9.97
CA PHE A 300 -33.74 5.18 -10.20
C PHE A 300 -32.86 4.84 -9.00
N ASN A 301 -32.10 3.76 -9.12
CA ASN A 301 -31.08 3.41 -8.11
C ASN A 301 -29.72 3.63 -8.79
N SER A 302 -29.33 4.90 -8.87
CA SER A 302 -28.28 5.31 -9.83
C SER A 302 -27.15 6.12 -9.23
N LYS A 303 -26.92 6.06 -7.91
CA LYS A 303 -25.72 6.73 -7.40
C LYS A 303 -24.51 5.81 -7.56
N ILE A 304 -23.30 6.41 -7.55
CA ILE A 304 -22.10 5.57 -7.51
C ILE A 304 -22.04 4.72 -6.24
N ASP A 305 -21.38 3.56 -6.36
CA ASP A 305 -21.06 2.74 -5.18
C ASP A 305 -19.90 3.41 -4.43
N ASN A 306 -20.01 3.56 -3.11
CA ASN A 306 -18.90 4.07 -2.29
C ASN A 306 -17.59 3.31 -2.56
N LEU A 307 -17.69 1.99 -2.78
CA LEU A 307 -16.50 1.19 -3.04
C LEU A 307 -15.85 1.69 -4.33
N GLN A 308 -16.65 1.98 -5.35
CA GLN A 308 -16.06 2.39 -6.62
C GLN A 308 -15.57 3.81 -6.52
N ALA A 309 -16.20 4.64 -5.68
CA ALA A 309 -15.68 6.00 -5.49
C ALA A 309 -14.29 5.95 -4.85
N ALA A 310 -14.14 5.09 -3.86
CA ALA A 310 -12.83 4.90 -3.25
C ALA A 310 -11.81 4.42 -4.27
N ILE A 311 -12.16 3.39 -5.07
CA ILE A 311 -11.25 2.95 -6.15
C ILE A 311 -10.96 4.12 -7.09
N GLY A 312 -11.99 4.92 -7.43
CA GLY A 312 -11.72 6.03 -8.33
C GLY A 312 -10.79 7.08 -7.74
N LEU A 313 -10.79 7.29 -6.42
CA LEU A 313 -9.90 8.29 -5.81
C LEU A 313 -8.44 7.83 -5.90
N GLU A 314 -8.22 6.51 -5.95
CA GLU A 314 -6.89 5.97 -6.20
C GLU A 314 -6.53 6.03 -7.69
N ARG A 315 -7.42 5.55 -8.59
CA ARG A 315 -7.03 5.54 -10.00
C ARG A 315 -6.93 6.93 -10.62
N ILE A 316 -7.76 7.89 -10.19
CA ILE A 316 -7.65 9.20 -10.83
C ILE A 316 -6.31 9.83 -10.59
N LYS A 317 -5.52 9.38 -9.59
CA LYS A 317 -4.17 9.90 -9.47
C LYS A 317 -3.35 9.77 -10.76
N PHE A 318 -3.72 8.83 -11.64
CA PHE A 318 -2.96 8.58 -12.86
C PHE A 318 -3.48 9.35 -14.07
N LEU A 319 -4.56 10.14 -13.91
CA LEU A 319 -5.26 10.68 -15.09
C LEU A 319 -4.38 11.64 -15.91
N SER A 320 -3.80 12.65 -15.26
CA SER A 320 -3.09 13.60 -16.11
C SER A 320 -1.89 12.94 -16.79
N TYR A 321 -1.14 12.11 -16.05
CA TYR A 321 0.00 11.42 -16.61
C TYR A 321 -0.42 10.51 -17.77
N ASN A 322 -1.47 9.70 -17.57
CA ASN A 322 -1.94 8.84 -18.66
C ASN A 322 -2.44 9.68 -19.85
N ASN A 323 -3.03 10.87 -19.58
CA ASN A 323 -3.50 11.70 -20.69
C ASN A 323 -2.31 12.27 -21.44
N LEU A 324 -1.22 12.55 -20.71
CA LEU A 324 0.01 13.03 -21.36
C LEU A 324 0.57 11.97 -22.29
N LYS A 325 0.69 10.73 -21.80
CA LYS A 325 1.13 9.60 -22.64
C LYS A 325 0.25 9.44 -23.88
N ARG A 326 -1.07 9.59 -23.72
CA ARG A 326 -1.95 9.53 -24.90
C ARG A 326 -1.62 10.62 -25.94
N VAL A 327 -1.37 11.85 -25.49
CA VAL A 327 -1.09 12.93 -26.44
C VAL A 327 0.21 12.66 -27.20
N PHE A 328 1.20 12.17 -26.46
CA PHE A 328 2.46 11.85 -27.15
C PHE A 328 2.27 10.75 -28.19
N LEU A 329 1.48 9.74 -27.86
CA LEU A 329 1.22 8.69 -28.83
C LEU A 329 0.51 9.22 -30.05
N ALA A 330 -0.45 10.10 -29.81
CA ALA A 330 -1.20 10.62 -30.91
C ALA A 330 -0.30 11.42 -31.84
N GLN A 331 0.54 12.27 -31.26
N GLN A 331 0.54 12.27 -31.26
CA GLN A 331 1.43 13.07 -32.06
CA GLN A 331 1.44 13.07 -32.07
C GLN A 331 2.37 12.18 -32.87
C GLN A 331 2.37 12.18 -32.87
N ARG A 332 2.75 11.05 -32.30
CA ARG A 332 3.65 10.14 -32.99
C ARG A 332 2.97 9.49 -34.19
N TYR A 333 1.73 9.10 -34.03
CA TYR A 333 0.96 8.62 -35.19
C TYR A 333 0.89 9.72 -36.27
N ILE A 334 0.50 10.94 -35.91
CA ILE A 334 0.32 12.01 -36.90
C ILE A 334 1.61 12.27 -37.65
N ARG A 335 2.74 12.26 -36.91
CA ARG A 335 3.98 12.66 -37.54
C ARG A 335 4.51 11.54 -38.42
N ASN A 336 4.30 10.29 -38.00
CA ASN A 336 4.93 9.17 -38.72
C ASN A 336 4.05 8.66 -39.87
N LEU A 337 2.77 9.05 -39.93
CA LEU A 337 1.87 8.66 -41.04
C LEU A 337 1.67 9.80 -42.05
N LYS A 338 2.35 10.94 -41.80
CA LYS A 338 2.23 12.11 -42.67
C LYS A 338 2.36 11.71 -44.14
N GLU A 339 3.29 10.84 -44.48
CA GLU A 339 3.49 10.59 -45.91
C GLU A 339 2.28 9.91 -46.52
N LEU A 340 1.55 9.08 -45.76
CA LEU A 340 0.37 8.43 -46.32
C LEU A 340 -0.73 9.44 -46.61
N GLU A 341 -0.79 10.51 -45.81
CA GLU A 341 -1.74 11.58 -46.13
C GLU A 341 -1.25 12.42 -47.32
N ASP A 342 0.05 12.70 -47.37
CA ASP A 342 0.58 13.43 -48.52
C ASP A 342 0.31 12.70 -49.84
N ARG A 343 0.34 11.36 -49.82
CA ARG A 343 0.00 10.50 -50.94
C ARG A 343 -1.50 10.34 -51.16
N GLU A 344 -2.31 11.02 -50.37
CA GLU A 344 -3.77 11.01 -50.52
C GLU A 344 -4.36 9.59 -50.36
N LEU A 345 -3.78 8.83 -49.43
CA LEU A 345 -4.34 7.52 -49.09
C LEU A 345 -5.17 7.53 -47.82
N ILE A 346 -4.84 8.43 -46.88
CA ILE A 346 -5.54 8.52 -45.61
C ILE A 346 -5.66 9.99 -45.27
N LYS A 347 -6.56 10.24 -44.32
CA LYS A 347 -6.72 11.53 -43.65
C LYS A 347 -6.42 11.33 -42.18
N LEU A 348 -5.58 12.23 -41.61
CA LEU A 348 -5.09 12.14 -40.24
C LEU A 348 -5.79 13.16 -39.38
N PRO A 349 -5.93 12.94 -38.07
CA PRO A 349 -6.40 14.02 -37.20
C PRO A 349 -5.34 15.11 -37.09
N ARG A 350 -5.80 16.25 -36.59
CA ARG A 350 -4.92 17.36 -36.27
C ARG A 350 -4.72 17.40 -34.75
N MET A 351 -3.56 17.89 -34.36
CA MET A 351 -3.31 18.10 -32.95
C MET A 351 -4.05 19.35 -32.50
N THR A 352 -4.95 19.23 -31.47
CA THR A 352 -5.68 20.37 -30.96
C THR A 352 -5.56 20.38 -29.42
N GLU A 353 -5.72 21.56 -28.80
N GLU A 353 -5.75 21.58 -28.83
CA GLU A 353 -5.49 21.65 -27.36
CA GLU A 353 -5.55 21.82 -27.39
C GLU A 353 -6.58 20.94 -26.53
C GLU A 353 -6.65 21.19 -26.51
N ASP A 354 -7.77 20.73 -27.09
CA ASP A 354 -8.88 20.11 -26.36
C ASP A 354 -8.90 18.60 -26.40
N ASN A 355 -8.22 17.95 -27.33
CA ASN A 355 -8.47 16.53 -27.55
C ASN A 355 -7.77 15.74 -26.46
N VAL A 356 -8.47 14.81 -25.80
CA VAL A 356 -7.71 13.96 -24.87
C VAL A 356 -7.44 12.57 -25.44
N TRP A 357 -7.79 12.31 -26.72
CA TRP A 357 -7.31 11.14 -27.44
C TRP A 357 -7.73 9.86 -26.75
N HIS A 358 -9.03 9.77 -26.43
CA HIS A 358 -9.59 8.50 -25.95
C HIS A 358 -9.48 7.47 -27.05
N LEU A 359 -9.75 7.89 -28.30
CA LEU A 359 -9.65 6.99 -29.45
C LEU A 359 -8.99 7.80 -30.57
N PHE A 360 -8.32 7.08 -31.48
CA PHE A 360 -7.47 7.74 -32.50
C PHE A 360 -8.02 7.36 -33.85
N PRO A 361 -8.80 8.23 -34.48
CA PRO A 361 -9.40 7.93 -35.79
C PRO A 361 -8.51 8.38 -36.93
N ILE A 362 -8.42 7.51 -37.95
CA ILE A 362 -7.95 7.95 -39.25
C ILE A 362 -9.06 7.67 -40.25
N ARG A 363 -8.93 8.25 -41.43
CA ARG A 363 -9.83 7.91 -42.52
C ARG A 363 -9.05 7.32 -43.67
N ILE A 364 -9.46 6.12 -44.09
CA ILE A 364 -8.89 5.45 -45.25
C ILE A 364 -9.80 5.80 -46.42
N ILE A 365 -9.29 6.53 -47.41
CA ILE A 365 -10.19 6.98 -48.48
C ILE A 365 -10.14 6.06 -49.70
N ASN A 366 -10.91 6.40 -50.73
CA ASN A 366 -10.99 5.65 -51.99
C ASN A 366 -11.40 4.21 -51.77
N GLY A 367 -12.27 4.00 -50.79
CA GLY A 367 -12.92 2.75 -50.63
C GLY A 367 -12.05 1.66 -50.06
N ARG A 368 -10.85 1.99 -49.58
CA ARG A 368 -9.91 0.95 -49.16
C ARG A 368 -9.98 0.59 -47.66
N ARG A 369 -10.87 1.20 -46.87
CA ARG A 369 -10.83 0.97 -45.43
C ARG A 369 -10.94 -0.52 -45.06
N ASP A 370 -11.86 -1.26 -45.73
CA ASP A 370 -12.08 -2.65 -45.33
C ASP A 370 -10.85 -3.47 -45.65
N GLU A 371 -10.27 -3.24 -46.82
CA GLU A 371 -9.11 -4.03 -47.19
C GLU A 371 -7.93 -3.72 -46.27
N VAL A 372 -7.77 -2.43 -45.91
CA VAL A 372 -6.65 -2.09 -45.04
C VAL A 372 -6.85 -2.71 -43.66
N LYS A 373 -8.07 -2.60 -43.10
CA LYS A 373 -8.34 -3.24 -41.82
C LYS A 373 -8.11 -4.75 -41.89
N ASN A 374 -8.62 -5.44 -42.91
CA ASN A 374 -8.52 -6.89 -42.91
C ASN A 374 -7.08 -7.35 -43.14
N LYS A 375 -6.35 -6.69 -44.04
CA LYS A 375 -4.94 -7.04 -44.22
C LYS A 375 -4.10 -6.68 -43.01
N LEU A 376 -4.37 -5.55 -42.34
CA LEU A 376 -3.56 -5.26 -41.15
C LEU A 376 -3.62 -6.44 -40.18
N TYR A 377 -4.82 -7.00 -39.98
CA TYR A 377 -4.96 -8.14 -39.08
C TYR A 377 -4.39 -9.42 -39.70
N GLN A 378 -4.81 -9.78 -40.92
CA GLN A 378 -4.47 -11.12 -41.39
C GLN A 378 -3.04 -11.17 -41.95
N LEU A 379 -2.56 -10.09 -42.57
CA LEU A 379 -1.18 -10.13 -43.02
C LEU A 379 -0.18 -9.67 -41.97
N TYR A 380 -0.52 -8.61 -41.20
CA TYR A 380 0.44 -7.99 -40.29
C TYR A 380 0.19 -8.24 -38.80
N ASN A 381 -0.81 -9.04 -38.43
CA ASN A 381 -1.15 -9.33 -37.00
C ASN A 381 -1.46 -8.09 -36.18
N ILE A 382 -2.16 -7.12 -36.77
CA ILE A 382 -2.48 -5.87 -36.10
C ILE A 382 -3.99 -5.73 -36.06
N GLU A 383 -4.53 -5.66 -34.86
CA GLU A 383 -5.95 -5.40 -34.61
C GLU A 383 -6.21 -3.92 -34.66
N THR A 384 -7.23 -3.54 -35.44
CA THR A 384 -7.78 -2.20 -35.43
C THR A 384 -9.26 -2.37 -35.21
N ASP A 385 -9.96 -1.27 -34.98
CA ASP A 385 -11.40 -1.40 -34.67
C ASP A 385 -12.11 -0.23 -35.32
N ILE A 386 -13.43 -0.33 -35.34
CA ILE A 386 -14.25 0.74 -35.84
C ILE A 386 -15.28 1.08 -34.74
N TYR A 387 -15.07 2.22 -34.09
CA TYR A 387 -16.02 2.71 -33.06
C TYR A 387 -16.85 3.78 -33.77
N TYR A 388 -18.07 3.48 -34.19
CA TYR A 388 -18.83 2.31 -33.87
C TYR A 388 -19.29 1.64 -35.20
N PRO A 389 -19.63 0.31 -35.21
CA PRO A 389 -19.83 -0.33 -36.50
C PRO A 389 -21.15 -0.05 -37.18
N VAL A 390 -22.21 0.35 -36.46
CA VAL A 390 -23.53 0.60 -37.06
C VAL A 390 -23.96 1.98 -36.62
N LEU A 391 -24.37 2.83 -37.58
CA LEU A 391 -24.91 4.15 -37.17
C LEU A 391 -26.34 4.05 -36.56
N SER A 392 -26.71 5.06 -35.77
CA SER A 392 -27.95 4.97 -35.01
C SER A 392 -29.19 4.74 -35.88
N HIS A 393 -29.22 5.29 -37.09
CA HIS A 393 -30.40 5.21 -37.93
C HIS A 393 -30.36 3.98 -38.83
N LYS A 394 -29.43 3.04 -38.57
CA LYS A 394 -29.23 1.88 -39.43
C LYS A 394 -29.37 0.54 -38.70
N HIS A 395 -29.70 0.55 -37.40
CA HIS A 395 -29.96 -0.72 -36.72
C HIS A 395 -31.22 -1.39 -37.25
N ASN A 396 -31.21 -2.72 -37.29
CA ASN A 396 -32.38 -3.49 -37.72
C ASN A 396 -33.31 -3.64 -36.52
N THR A 397 -33.92 -2.52 -36.14
CA THR A 397 -34.86 -2.51 -35.03
C THR A 397 -36.21 -1.98 -35.50
N LYS A 398 -37.26 -2.33 -34.74
CA LYS A 398 -38.58 -1.80 -35.04
C LYS A 398 -38.58 -0.28 -35.00
N LEU A 399 -37.85 0.29 -34.02
CA LEU A 399 -37.82 1.75 -33.89
C LEU A 399 -37.30 2.39 -35.16
N VAL A 400 -36.20 1.85 -35.69
CA VAL A 400 -35.57 2.43 -36.88
C VAL A 400 -36.46 2.22 -38.10
N LYS A 401 -37.03 1.01 -38.25
CA LYS A 401 -37.92 0.75 -39.38
C LYS A 401 -39.14 1.63 -39.38
N LYS A 402 -39.61 2.04 -38.19
CA LYS A 402 -40.83 2.84 -38.06
C LYS A 402 -40.58 4.34 -38.15
N ASN A 403 -39.41 4.81 -37.70
CA ASN A 403 -39.19 6.23 -37.48
C ASN A 403 -38.00 6.82 -38.22
N TYR A 404 -37.04 6.01 -38.67
CA TYR A 404 -35.77 6.60 -39.11
C TYR A 404 -35.38 6.21 -40.53
N MET A 405 -36.32 5.66 -41.31
CA MET A 405 -35.93 5.18 -42.64
C MET A 405 -35.71 6.31 -43.62
N GLN A 406 -36.25 7.49 -43.35
CA GLN A 406 -36.03 8.61 -44.25
C GLN A 406 -34.85 9.48 -43.82
N ASP A 407 -34.12 9.10 -42.77
CA ASP A 407 -32.97 9.88 -42.33
C ASP A 407 -31.78 9.72 -43.28
N THR A 408 -31.22 10.84 -43.73
CA THR A 408 -30.05 10.79 -44.58
C THR A 408 -29.03 11.75 -43.97
N LEU A 409 -27.91 11.19 -43.54
CA LEU A 409 -26.88 11.93 -42.85
C LEU A 409 -25.64 11.78 -43.71
N LEU A 410 -25.49 12.67 -44.67
CA LEU A 410 -24.55 12.44 -45.78
C LEU A 410 -23.13 12.31 -45.27
N ASN A 411 -22.68 13.27 -44.45
N ASN A 411 -22.72 13.21 -44.40
CA ASN A 411 -21.31 13.21 -43.96
CA ASN A 411 -21.34 13.22 -43.97
C ASN A 411 -21.11 12.03 -43.06
C ASN A 411 -21.06 12.17 -42.92
N THR A 412 -22.06 11.79 -42.13
CA THR A 412 -21.89 10.70 -41.16
C THR A 412 -21.73 9.37 -41.88
N GLU A 413 -22.56 9.15 -42.88
CA GLU A 413 -22.54 7.93 -43.69
C GLU A 413 -21.25 7.82 -44.50
N GLN A 414 -20.80 8.90 -45.13
CA GLN A 414 -19.56 8.83 -45.89
C GLN A 414 -18.37 8.55 -44.98
N VAL A 415 -18.24 9.31 -43.88
CA VAL A 415 -17.13 9.08 -42.95
C VAL A 415 -17.18 7.66 -42.42
N HIS A 416 -18.38 7.12 -42.19
CA HIS A 416 -18.47 5.79 -41.59
C HIS A 416 -17.81 4.71 -42.48
N LYS A 417 -17.76 4.94 -43.77
CA LYS A 417 -17.12 4.04 -44.72
C LYS A 417 -15.61 4.14 -44.69
N GLU A 418 -15.06 5.19 -44.09
CA GLU A 418 -13.63 5.49 -44.16
C GLU A 418 -12.93 5.40 -42.82
N ILE A 419 -13.66 5.42 -41.72
CA ILE A 419 -12.99 5.54 -40.44
C ILE A 419 -12.35 4.23 -39.98
N LEU A 420 -11.25 4.38 -39.25
CA LEU A 420 -10.57 3.23 -38.66
C LEU A 420 -9.84 3.78 -37.45
N HIS A 421 -9.93 3.07 -36.33
CA HIS A 421 -9.26 3.47 -35.09
C HIS A 421 -7.99 2.65 -34.92
N LEU A 422 -6.92 3.33 -34.59
CA LEU A 422 -5.63 2.66 -34.34
C LEU A 422 -5.41 2.49 -32.86
N PRO A 423 -4.71 1.44 -32.48
CA PRO A 423 -4.48 1.19 -31.05
C PRO A 423 -3.83 2.41 -30.38
N LEU A 424 -4.39 2.83 -29.24
CA LEU A 424 -3.83 3.97 -28.52
C LEU A 424 -4.34 3.80 -27.09
N HIS A 425 -3.43 3.46 -26.18
CA HIS A 425 -3.76 3.42 -24.78
C HIS A 425 -2.46 3.65 -24.03
N PRO A 426 -2.54 4.27 -22.88
CA PRO A 426 -1.36 4.92 -22.31
C PRO A 426 -0.28 3.94 -21.85
N ASN A 427 -0.59 2.67 -21.58
CA ASN A 427 0.46 1.71 -21.24
C ASN A 427 0.98 0.97 -22.45
N MET A 428 0.64 1.38 -23.67
CA MET A 428 1.33 0.85 -24.86
C MET A 428 2.82 1.20 -24.83
N LEU A 429 3.64 0.27 -25.34
CA LEU A 429 5.05 0.52 -25.66
C LEU A 429 5.22 1.26 -26.98
N LEU A 430 6.24 2.13 -27.05
CA LEU A 430 6.55 2.70 -28.36
C LEU A 430 6.93 1.61 -29.35
N GLU A 431 7.53 0.50 -28.88
CA GLU A 431 7.78 -0.63 -29.78
C GLU A 431 6.50 -1.19 -30.37
N GLU A 432 5.40 -1.24 -29.57
CA GLU A 432 4.11 -1.68 -30.10
C GLU A 432 3.56 -0.68 -31.11
N GLN A 433 3.68 0.61 -30.81
CA GLN A 433 3.24 1.60 -31.78
C GLN A 433 4.09 1.57 -33.06
N ASN A 434 5.39 1.31 -32.96
CA ASN A 434 6.24 1.12 -34.14
C ASN A 434 5.77 -0.03 -35.01
N PHE A 435 5.29 -1.13 -34.39
CA PHE A 435 4.78 -2.28 -35.11
C PHE A 435 3.53 -1.88 -35.88
N VAL A 436 2.64 -1.10 -35.24
CA VAL A 436 1.46 -0.56 -35.93
C VAL A 436 1.88 0.29 -37.11
N LEU A 437 2.79 1.23 -36.86
CA LEU A 437 3.22 2.14 -37.93
C LEU A 437 3.80 1.36 -39.11
N GLU A 438 4.70 0.43 -38.86
CA GLU A 438 5.25 -0.33 -40.00
C GLU A 438 4.18 -1.06 -40.78
N GLY A 439 3.19 -1.61 -40.10
CA GLY A 439 2.17 -2.34 -40.82
C GLY A 439 1.33 -1.40 -41.65
N LEU A 440 1.01 -0.22 -41.12
CA LEU A 440 0.24 0.74 -41.90
C LEU A 440 1.02 1.22 -43.13
N ILE A 441 2.34 1.42 -43.00
CA ILE A 441 3.15 1.84 -44.14
C ILE A 441 3.21 0.71 -45.15
N ASN A 442 3.39 -0.53 -44.66
CA ASN A 442 3.61 -1.65 -45.59
C ASN A 442 2.34 -1.98 -46.35
N VAL A 443 1.20 -1.94 -45.68
CA VAL A 443 -0.03 -2.31 -46.36
C VAL A 443 -0.42 -1.26 -47.39
N ASN A 444 0.14 -0.06 -47.30
CA ASN A 444 -0.11 1.01 -48.26
C ASN A 444 1.02 1.25 -49.26
N LYS A 445 1.99 0.34 -49.40
CA LYS A 445 3.01 0.60 -50.43
C LYS A 445 2.30 0.81 -51.76
N THR B 7 -32.41 -41.48 10.74
CA THR B 7 -32.91 -40.72 9.58
C THR B 7 -31.95 -39.55 9.21
N LEU B 8 -31.82 -39.24 7.92
CA LEU B 8 -30.76 -38.35 7.44
C LEU B 8 -31.29 -37.25 6.54
N THR B 9 -30.99 -35.99 6.90
CA THR B 9 -31.35 -34.83 6.10
C THR B 9 -30.07 -34.20 5.52
N THR B 10 -30.08 -33.89 4.26
CA THR B 10 -28.97 -33.12 3.68
C THR B 10 -29.37 -31.64 3.66
N ILE B 11 -28.67 -30.82 4.43
CA ILE B 11 -28.94 -29.38 4.45
C ILE B 11 -28.65 -28.74 3.08
N SER B 12 -29.68 -28.15 2.45
CA SER B 12 -29.58 -27.57 1.11
C SER B 12 -29.15 -26.11 1.12
N GLY B 13 -29.17 -25.45 2.28
CA GLY B 13 -28.83 -24.05 2.37
C GLY B 13 -30.03 -23.14 2.41
N HIS B 14 -31.24 -23.70 2.33
CA HIS B 14 -32.45 -22.89 2.30
C HIS B 14 -33.16 -22.87 3.66
N SER B 15 -34.31 -22.17 3.68
CA SER B 15 -34.92 -21.85 4.97
C SER B 15 -35.48 -23.09 5.66
N LYS B 16 -36.10 -24.03 4.92
CA LYS B 16 -36.71 -25.17 5.57
C LYS B 16 -35.70 -25.96 6.37
N ASP B 17 -34.54 -26.25 5.75
CA ASP B 17 -33.56 -27.07 6.45
C ASP B 17 -32.89 -26.28 7.56
N ASN B 18 -32.74 -24.94 7.43
CA ASN B 18 -32.18 -24.19 8.56
C ASN B 18 -33.04 -24.34 9.79
N LEU B 19 -34.36 -24.29 9.59
CA LEU B 19 -35.24 -24.43 10.74
C LEU B 19 -35.13 -25.85 11.33
N ALA B 20 -34.96 -26.85 10.46
CA ALA B 20 -34.87 -28.22 10.94
C ALA B 20 -33.59 -28.42 11.71
N LEU B 21 -32.52 -27.79 11.21
CA LEU B 21 -31.25 -27.90 11.91
C LEU B 21 -31.30 -27.19 13.26
N LEU B 22 -31.92 -26.00 13.31
CA LEU B 22 -32.01 -25.26 14.55
C LEU B 22 -32.73 -26.07 15.63
N LYS B 23 -33.86 -26.70 15.26
CA LYS B 23 -34.58 -27.53 16.21
C LYS B 23 -33.71 -28.68 16.71
N CYS B 24 -32.82 -29.20 15.85
CA CYS B 24 -31.83 -30.21 16.27
C CYS B 24 -30.81 -29.63 17.26
N LEU B 25 -30.21 -28.48 16.91
CA LEU B 25 -29.24 -27.83 17.78
C LEU B 25 -29.83 -27.54 19.17
N GLN B 26 -31.15 -27.41 19.28
CA GLN B 26 -31.76 -27.07 20.56
C GLN B 26 -32.42 -28.24 21.24
N GLY B 27 -32.45 -29.41 20.59
CA GLY B 27 -33.00 -30.60 21.16
C GLY B 27 -34.51 -30.73 21.05
N GLU B 28 -35.14 -29.94 20.18
CA GLU B 28 -36.57 -30.05 19.88
C GLU B 28 -36.85 -31.22 18.95
N THR B 29 -35.84 -32.07 18.80
CA THR B 29 -35.76 -33.16 17.82
C THR B 29 -34.46 -33.89 18.13
N LYS B 30 -34.43 -35.22 17.95
CA LYS B 30 -33.21 -35.98 18.16
C LYS B 30 -33.24 -37.22 17.27
N GLU B 31 -34.40 -37.43 16.63
CA GLU B 31 -34.58 -38.44 15.60
C GLU B 31 -33.56 -38.34 14.45
N LYS B 32 -33.01 -37.15 14.21
CA LYS B 32 -32.45 -36.77 12.90
C LYS B 32 -30.93 -36.65 12.93
N GLU B 33 -30.28 -37.17 11.88
CA GLU B 33 -28.90 -36.82 11.58
C GLU B 33 -28.82 -35.92 10.35
N PHE B 34 -27.71 -35.16 10.26
CA PHE B 34 -27.58 -34.16 9.23
C PHE B 34 -26.26 -34.28 8.46
N GLU B 35 -26.37 -34.16 7.16
CA GLU B 35 -25.24 -33.80 6.33
C GLU B 35 -25.52 -32.47 5.67
N ILE B 36 -24.55 -31.98 4.91
CA ILE B 36 -24.70 -30.69 4.26
C ILE B 36 -24.17 -30.75 2.83
N SER B 37 -24.90 -30.14 1.89
CA SER B 37 -24.44 -30.19 0.51
C SER B 37 -23.27 -29.23 0.27
N ASN B 38 -22.54 -29.47 -0.81
CA ASN B 38 -21.32 -28.73 -1.09
C ASN B 38 -21.53 -27.52 -1.98
N VAL B 39 -22.75 -27.00 -2.06
CA VAL B 39 -22.95 -25.77 -2.82
C VAL B 39 -22.30 -24.59 -2.10
N LEU B 40 -21.88 -23.60 -2.88
CA LEU B 40 -21.22 -22.42 -2.34
C LEU B 40 -21.97 -21.75 -1.19
N PRO B 41 -23.29 -21.54 -1.24
CA PRO B 41 -23.97 -20.87 -0.09
C PRO B 41 -23.87 -21.66 1.23
N ASN B 42 -23.42 -22.92 1.19
CA ASN B 42 -23.20 -23.72 2.39
C ASN B 42 -21.77 -23.73 2.91
N HIS B 43 -20.85 -23.03 2.24
N HIS B 43 -20.81 -23.03 2.28
CA HIS B 43 -19.44 -23.13 2.56
CA HIS B 43 -19.41 -23.29 2.61
C HIS B 43 -19.16 -22.89 4.04
C HIS B 43 -19.03 -22.84 4.04
N LYS B 44 -19.59 -21.73 4.55
CA LYS B 44 -19.27 -21.35 5.93
C LYS B 44 -19.97 -22.28 6.93
N MET B 45 -21.25 -22.54 6.76
CA MET B 45 -21.93 -23.47 7.68
C MET B 45 -21.22 -24.83 7.72
N LYS B 46 -20.77 -25.33 6.57
CA LYS B 46 -20.09 -26.61 6.57
C LYS B 46 -18.77 -26.54 7.30
N GLU B 47 -18.02 -25.46 7.08
CA GLU B 47 -16.76 -25.35 7.80
C GLU B 47 -16.98 -25.24 9.31
N LYS B 48 -17.95 -24.44 9.72
CA LYS B 48 -18.11 -24.11 11.13
C LYS B 48 -18.80 -25.24 11.91
N LEU B 49 -19.84 -25.80 11.36
CA LEU B 49 -20.68 -26.73 12.15
C LEU B 49 -20.50 -28.21 11.80
N PHE B 50 -19.79 -28.57 10.74
CA PHE B 50 -19.62 -29.96 10.35
C PHE B 50 -18.17 -30.37 10.37
N ARG B 51 -17.98 -31.65 10.61
CA ARG B 51 -16.70 -32.35 10.53
C ARG B 51 -16.91 -33.59 9.68
N GLU B 52 -16.19 -33.67 8.57
CA GLU B 52 -16.27 -34.79 7.64
C GLU B 52 -17.72 -35.08 7.28
N ASN B 53 -18.47 -34.01 6.99
CA ASN B 53 -19.87 -34.08 6.61
C ASN B 53 -20.72 -34.73 7.71
N LYS B 54 -20.31 -34.54 8.96
CA LYS B 54 -21.14 -34.93 10.09
C LYS B 54 -21.22 -33.71 10.98
N LEU B 55 -22.37 -33.54 11.61
CA LEU B 55 -22.57 -32.41 12.51
C LEU B 55 -21.67 -32.54 13.73
N LYS B 56 -20.97 -31.48 14.08
CA LYS B 56 -20.09 -31.55 15.24
C LYS B 56 -20.91 -31.85 16.48
N ILE B 57 -20.33 -32.59 17.42
CA ILE B 57 -21.14 -33.07 18.53
C ILE B 57 -21.26 -32.06 19.67
N ASP B 58 -20.28 -31.16 19.81
CA ASP B 58 -20.26 -30.20 20.92
C ASP B 58 -20.63 -28.78 20.51
N ILE B 59 -21.75 -28.57 19.80
CA ILE B 59 -22.12 -27.24 19.33
C ILE B 59 -22.94 -26.52 20.38
N ASP B 60 -22.42 -25.39 20.85
CA ASP B 60 -23.05 -24.52 21.84
C ASP B 60 -23.46 -23.28 21.06
N ILE B 61 -24.75 -23.14 20.75
CA ILE B 61 -25.18 -22.06 19.84
C ILE B 61 -24.76 -20.71 20.41
N GLU B 62 -25.02 -20.51 21.69
CA GLU B 62 -24.69 -19.25 22.34
C GLU B 62 -23.20 -18.94 22.29
N LYS B 63 -22.34 -19.90 22.64
CA LYS B 63 -20.91 -19.58 22.66
C LYS B 63 -20.24 -19.80 21.32
N ASP B 64 -20.57 -20.87 20.60
CA ASP B 64 -19.83 -21.18 19.39
C ASP B 64 -20.32 -20.37 18.20
N ILE B 65 -21.61 -20.10 18.11
CA ILE B 65 -22.15 -19.36 16.98
C ILE B 65 -22.29 -17.86 17.28
N PHE B 66 -22.67 -17.50 18.50
CA PHE B 66 -22.87 -16.08 18.82
C PHE B 66 -21.78 -15.50 19.70
N ASN B 67 -20.77 -16.28 20.09
CA ASN B 67 -19.66 -15.73 20.88
C ASN B 67 -20.12 -15.07 22.18
N TYR B 68 -21.16 -15.64 22.79
CA TYR B 68 -21.72 -15.06 24.02
C TYR B 68 -20.64 -15.00 25.09
N SER B 69 -20.51 -13.86 25.76
CA SER B 69 -19.49 -13.76 26.80
C SER B 69 -19.91 -12.75 27.86
N ARG B 70 -21.21 -12.55 28.06
CA ARG B 70 -21.71 -11.63 29.07
C ARG B 70 -21.21 -10.21 28.87
N LYS B 71 -21.19 -9.74 27.62
CA LYS B 71 -20.78 -8.37 27.36
C LYS B 71 -21.79 -7.38 27.92
N ASN B 72 -21.30 -6.25 28.43
CA ASN B 72 -22.15 -5.19 28.96
C ASN B 72 -22.47 -4.23 27.81
N ILE B 73 -23.76 -4.13 27.45
CA ILE B 73 -24.23 -3.32 26.34
C ILE B 73 -24.68 -1.96 26.83
N GLN B 74 -24.41 -0.90 26.04
CA GLN B 74 -24.86 0.45 26.35
C GLN B 74 -25.87 1.03 25.36
N LYS B 75 -25.96 0.47 24.16
CA LYS B 75 -26.77 1.13 23.15
C LYS B 75 -26.93 0.18 21.98
N ILE B 76 -27.97 0.41 21.20
CA ILE B 76 -28.32 -0.48 20.11
C ILE B 76 -28.60 0.43 18.93
N GLU B 77 -27.80 0.28 17.83
CA GLU B 77 -28.20 0.78 16.55
C GLU B 77 -29.00 -0.26 15.75
N PHE B 78 -29.93 0.24 14.93
CA PHE B 78 -30.77 -0.69 14.21
C PHE B 78 -29.96 -1.55 13.25
N MET B 79 -29.11 -0.94 12.45
CA MET B 79 -28.38 -1.68 11.41
C MET B 79 -27.05 -0.97 11.19
N PRO B 80 -26.14 -1.19 12.07
CA PRO B 80 -24.78 -0.67 11.90
C PRO B 80 -24.07 -1.45 10.78
N VAL B 81 -23.79 -0.77 9.66
CA VAL B 81 -23.36 -1.51 8.48
C VAL B 81 -21.96 -2.15 8.65
N ASN B 82 -21.15 -1.72 9.61
CA ASN B 82 -19.88 -2.42 9.83
C ASN B 82 -20.08 -3.85 10.36
N ARG B 83 -21.20 -4.08 11.06
CA ARG B 83 -21.47 -5.40 11.62
C ARG B 83 -21.93 -6.39 10.59
N LEU B 84 -22.27 -5.93 9.37
CA LEU B 84 -22.83 -6.84 8.40
C LEU B 84 -21.76 -7.59 7.61
N ILE B 85 -20.48 -7.24 7.79
CA ILE B 85 -19.41 -7.95 7.10
C ILE B 85 -18.40 -8.37 8.14
N SER B 86 -17.90 -9.59 7.98
CA SER B 86 -16.97 -10.22 8.94
C SER B 86 -15.54 -10.09 8.43
N GLN B 87 -14.57 -10.23 9.36
CA GLN B 87 -13.18 -10.21 8.92
C GLN B 87 -12.90 -11.36 7.96
N SER B 88 -13.55 -12.51 8.17
CA SER B 88 -13.32 -13.62 7.26
C SER B 88 -13.75 -13.25 5.86
N GLU B 89 -14.88 -12.57 5.75
CA GLU B 89 -15.34 -12.16 4.44
C GLU B 89 -14.35 -11.20 3.80
N ILE B 90 -13.88 -10.23 4.58
CA ILE B 90 -12.93 -9.22 4.07
C ILE B 90 -11.66 -9.91 3.58
N ASP B 91 -11.15 -10.86 4.37
CA ASP B 91 -9.93 -11.56 3.95
C ASP B 91 -10.12 -12.27 2.62
N GLY B 92 -11.22 -13.03 2.50
CA GLY B 92 -11.56 -13.65 1.22
C GLY B 92 -11.71 -12.65 0.07
N ILE B 93 -12.36 -11.51 0.32
CA ILE B 93 -12.57 -10.50 -0.70
C ILE B 93 -11.23 -9.97 -1.18
N ILE B 94 -10.33 -9.64 -0.25
CA ILE B 94 -9.00 -9.15 -0.66
C ILE B 94 -8.26 -10.19 -1.52
N GLY B 95 -8.27 -11.46 -1.09
CA GLY B 95 -7.63 -12.50 -1.86
C GLY B 95 -8.21 -12.70 -3.26
N THR B 96 -9.55 -12.60 -3.41
CA THR B 96 -10.07 -12.76 -4.76
C THR B 96 -9.77 -11.54 -5.62
N LEU B 97 -9.81 -10.35 -5.01
CA LEU B 97 -9.54 -9.15 -5.78
C LEU B 97 -8.09 -9.07 -6.20
N LYS B 98 -7.18 -9.69 -5.45
CA LYS B 98 -5.82 -9.79 -5.97
C LYS B 98 -5.75 -10.62 -7.24
N GLU B 99 -6.70 -11.55 -7.45
CA GLU B 99 -6.73 -12.32 -8.70
C GLU B 99 -7.45 -11.58 -9.82
N VAL B 100 -8.53 -10.86 -9.49
CA VAL B 100 -9.33 -10.22 -10.52
C VAL B 100 -8.65 -8.95 -11.02
N LEU B 101 -8.11 -8.16 -10.11
CA LEU B 101 -7.60 -6.85 -10.53
C LEU B 101 -6.57 -6.92 -11.64
N PRO B 102 -5.54 -7.78 -11.61
CA PRO B 102 -4.59 -7.82 -12.73
C PRO B 102 -5.20 -8.22 -14.07
N THR B 103 -6.39 -8.83 -14.08
CA THR B 103 -7.02 -9.18 -15.33
C THR B 103 -7.61 -7.98 -16.10
N GLY B 104 -7.79 -6.86 -15.41
CA GLY B 104 -8.47 -5.71 -16.00
C GLY B 104 -9.92 -5.93 -16.42
N GLN B 105 -10.59 -7.06 -16.03
CA GLN B 105 -11.98 -7.29 -16.41
C GLN B 105 -12.82 -6.89 -15.22
N PHE B 106 -13.42 -5.66 -15.24
CA PHE B 106 -14.18 -5.21 -14.05
C PHE B 106 -15.67 -5.06 -14.23
N THR B 107 -16.08 -4.80 -15.48
CA THR B 107 -17.48 -4.78 -15.87
C THR B 107 -17.82 -6.11 -16.53
N SER B 108 -17.53 -6.29 -17.82
CA SER B 108 -17.68 -7.62 -18.38
C SER B 108 -16.60 -8.56 -17.82
N GLY B 109 -16.95 -9.84 -17.64
CA GLY B 109 -15.98 -10.82 -17.17
C GLY B 109 -16.49 -12.19 -16.76
N PRO B 110 -15.56 -13.13 -16.51
CA PRO B 110 -15.96 -14.53 -16.28
C PRO B 110 -16.58 -14.80 -14.93
N PHE B 111 -16.43 -13.91 -13.91
CA PHE B 111 -17.05 -14.22 -12.62
C PHE B 111 -18.55 -13.96 -12.64
N SER B 112 -19.02 -13.11 -13.54
CA SER B 112 -20.47 -12.91 -13.64
C SER B 112 -21.16 -14.20 -14.04
N LYS B 113 -20.62 -14.92 -15.01
CA LYS B 113 -21.23 -16.17 -15.43
C LYS B 113 -21.21 -17.17 -14.32
N LYS B 114 -20.11 -17.22 -13.55
CA LYS B 114 -20.06 -18.18 -12.44
C LYS B 114 -21.12 -17.87 -11.41
N LEU B 115 -21.27 -16.60 -11.08
CA LEU B 115 -22.28 -16.24 -10.07
C LEU B 115 -23.69 -16.52 -10.58
N GLU B 116 -23.90 -16.30 -11.88
CA GLU B 116 -25.18 -16.66 -12.49
C GLU B 116 -25.46 -18.14 -12.35
N GLU B 117 -24.43 -19.00 -12.52
CA GLU B 117 -24.66 -20.44 -12.39
C GLU B 117 -24.92 -20.84 -10.95
N VAL B 118 -24.22 -20.24 -9.99
CA VAL B 118 -24.40 -20.56 -8.57
C VAL B 118 -25.79 -20.19 -8.11
N ILE B 119 -26.23 -18.98 -8.50
CA ILE B 119 -27.59 -18.53 -8.20
C ILE B 119 -28.62 -19.40 -8.92
N GLY B 120 -28.37 -19.78 -10.18
CA GLY B 120 -29.29 -20.68 -10.89
C GLY B 120 -29.46 -22.03 -10.21
N ASP B 121 -28.36 -22.63 -9.75
CA ASP B 121 -28.48 -23.85 -8.97
C ASP B 121 -29.22 -23.62 -7.68
N TYR B 122 -28.88 -22.54 -6.96
CA TYR B 122 -29.48 -22.35 -5.64
C TYR B 122 -30.99 -22.14 -5.73
N LEU B 123 -31.46 -21.49 -6.79
CA LEU B 123 -32.88 -21.24 -6.99
C LEU B 123 -33.59 -22.35 -7.78
N ASN B 124 -32.88 -23.35 -8.29
CA ASN B 124 -33.38 -24.35 -9.20
C ASN B 124 -34.09 -23.71 -10.40
N LYS B 125 -33.39 -22.77 -11.07
CA LYS B 125 -33.97 -22.10 -12.24
C LYS B 125 -32.96 -22.08 -13.37
N LYS B 126 -33.45 -22.10 -14.61
CA LYS B 126 -32.59 -22.43 -15.71
C LYS B 126 -31.73 -21.26 -16.12
N TYR B 127 -32.25 -20.04 -16.00
CA TYR B 127 -31.62 -18.86 -16.59
C TYR B 127 -31.47 -17.76 -15.54
N VAL B 128 -30.31 -17.14 -15.51
CA VAL B 128 -30.04 -16.10 -14.54
C VAL B 128 -29.30 -15.03 -15.30
N ILE B 129 -29.76 -13.79 -15.15
CA ILE B 129 -29.07 -12.59 -15.68
C ILE B 129 -28.71 -11.76 -14.47
N ALA B 130 -27.42 -11.71 -14.13
CA ALA B 130 -26.99 -10.87 -13.01
C ALA B 130 -26.87 -9.42 -13.43
N THR B 131 -27.49 -8.55 -12.64
CA THR B 131 -27.72 -7.16 -12.98
C THR B 131 -26.99 -6.25 -12.00
N SER B 132 -26.98 -4.95 -12.36
CA SER B 132 -26.31 -3.92 -11.55
C SER B 132 -27.12 -3.51 -10.31
N SER B 133 -28.34 -4.02 -10.19
CA SER B 133 -29.18 -3.77 -8.98
C SER B 133 -30.47 -4.53 -9.13
N GLY B 134 -31.17 -4.68 -7.99
CA GLY B 134 -32.53 -5.25 -7.97
C GLY B 134 -33.53 -4.35 -8.68
N THR B 135 -33.37 -3.02 -8.52
CA THR B 135 -34.22 -2.08 -9.29
C THR B 135 -34.06 -2.26 -10.79
N ASP B 136 -32.79 -2.32 -11.25
CA ASP B 136 -32.58 -2.54 -12.67
C ASP B 136 -33.15 -3.88 -13.14
N ALA B 137 -32.96 -4.93 -12.33
CA ALA B 137 -33.51 -6.26 -12.64
C ALA B 137 -35.02 -6.16 -12.86
N LEU B 138 -35.71 -5.40 -12.01
CA LEU B 138 -37.16 -5.28 -12.12
C LEU B 138 -37.54 -4.50 -13.36
N MET B 139 -36.87 -3.36 -13.62
CA MET B 139 -37.19 -2.62 -14.85
C MET B 139 -37.00 -3.49 -16.08
N VAL B 140 -35.87 -4.20 -16.15
CA VAL B 140 -35.60 -4.99 -17.34
C VAL B 140 -36.61 -6.11 -17.48
N SER B 141 -36.97 -6.75 -16.36
CA SER B 141 -37.94 -7.85 -16.40
C SER B 141 -39.29 -7.35 -16.87
N LEU B 142 -39.71 -6.18 -16.41
CA LEU B 142 -41.02 -5.66 -16.86
C LEU B 142 -41.01 -5.37 -18.34
N LEU B 143 -39.90 -4.84 -18.88
CA LEU B 143 -39.85 -4.63 -20.33
C LEU B 143 -39.82 -5.96 -21.10
N SER B 144 -39.12 -6.95 -20.54
CA SER B 144 -39.08 -8.24 -21.24
C SER B 144 -40.45 -8.89 -21.41
N ILE B 145 -41.39 -8.71 -20.48
CA ILE B 145 -42.71 -9.33 -20.66
C ILE B 145 -43.60 -8.43 -21.50
N GLY B 146 -43.07 -7.32 -22.00
CA GLY B 146 -43.82 -6.51 -22.94
C GLY B 146 -44.54 -5.32 -22.37
N ILE B 147 -44.28 -4.94 -21.12
CA ILE B 147 -44.97 -3.78 -20.51
C ILE B 147 -44.73 -2.55 -21.38
N GLN B 148 -45.82 -1.86 -21.71
CA GLN B 148 -45.86 -0.62 -22.46
C GLN B 148 -46.38 0.51 -21.59
N PRO B 149 -46.08 1.75 -21.95
CA PRO B 149 -46.61 2.86 -21.16
C PRO B 149 -48.12 2.80 -21.08
N GLY B 150 -48.63 3.03 -19.87
CA GLY B 150 -50.05 2.92 -19.62
C GLY B 150 -50.50 1.56 -19.15
N ASP B 151 -49.71 0.52 -19.37
CA ASP B 151 -50.09 -0.80 -18.84
C ASP B 151 -50.11 -0.77 -17.32
N GLU B 152 -51.05 -1.51 -16.72
CA GLU B 152 -51.23 -1.54 -15.28
C GLU B 152 -50.52 -2.76 -14.67
N VAL B 153 -49.87 -2.57 -13.50
CA VAL B 153 -49.17 -3.64 -12.74
C VAL B 153 -49.67 -3.60 -11.29
N ILE B 154 -50.28 -4.70 -10.83
CA ILE B 154 -50.88 -4.79 -9.51
C ILE B 154 -49.79 -5.11 -8.50
N MET B 155 -49.78 -4.38 -7.39
CA MET B 155 -48.68 -4.51 -6.44
C MET B 155 -49.14 -3.98 -5.09
N PRO B 156 -48.49 -4.36 -3.99
CA PRO B 156 -48.83 -3.76 -2.71
C PRO B 156 -48.20 -2.37 -2.59
N ALA B 157 -48.65 -1.68 -1.52
CA ALA B 157 -48.33 -0.29 -1.32
C ALA B 157 -47.38 -0.11 -0.15
N ASN B 158 -46.82 -1.22 0.35
CA ASN B 158 -45.99 -1.16 1.55
C ASN B 158 -44.59 -1.67 1.29
N SER B 159 -44.16 -1.72 0.01
CA SER B 159 -42.79 -2.17 -0.29
C SER B 159 -41.79 -1.00 -0.35
N PHE B 160 -40.49 -1.34 -0.49
CA PHE B 160 -39.49 -0.29 -0.75
C PHE B 160 -39.85 0.44 -2.06
N ALA B 161 -39.54 1.76 -2.09
CA ALA B 161 -39.92 2.56 -3.27
C ALA B 161 -39.46 1.93 -4.60
N ALA B 162 -38.37 1.15 -4.61
CA ALA B 162 -37.93 0.56 -5.88
C ALA B 162 -39.01 -0.21 -6.64
N THR B 163 -39.94 -0.93 -5.95
CA THR B 163 -40.91 -1.76 -6.63
C THR B 163 -41.83 -0.92 -7.49
N GLU B 164 -42.40 0.14 -6.89
CA GLU B 164 -43.20 1.06 -7.68
C GLU B 164 -42.36 1.85 -8.68
N ASN B 165 -41.14 2.23 -8.30
CA ASN B 165 -40.34 3.08 -9.20
C ASN B 165 -39.96 2.38 -10.50
N ALA B 166 -39.71 1.08 -10.45
CA ALA B 166 -39.37 0.34 -11.68
C ALA B 166 -40.56 0.38 -12.64
N VAL B 167 -41.79 0.24 -12.10
CA VAL B 167 -42.98 0.31 -12.94
C VAL B 167 -43.16 1.69 -13.55
N LEU B 168 -42.97 2.72 -12.71
CA LEU B 168 -43.16 4.09 -13.16
C LEU B 168 -42.10 4.49 -14.16
N ALA B 169 -40.86 3.97 -13.96
CA ALA B 169 -39.78 4.45 -14.83
C ALA B 169 -40.00 4.05 -16.29
N ILE B 170 -40.67 2.94 -16.54
CA ILE B 170 -40.96 2.50 -17.88
C ILE B 170 -42.33 2.99 -18.35
N GLY B 171 -42.97 3.89 -17.62
CA GLY B 171 -44.20 4.48 -18.12
C GLY B 171 -45.46 3.74 -17.73
N ALA B 172 -45.32 2.66 -16.96
CA ALA B 172 -46.48 1.87 -16.59
C ALA B 172 -47.06 2.39 -15.30
N LYS B 173 -48.21 1.81 -14.93
CA LYS B 173 -49.05 2.37 -13.87
C LYS B 173 -49.24 1.40 -12.71
N PRO B 174 -48.72 1.70 -11.51
CA PRO B 174 -49.04 0.85 -10.34
C PRO B 174 -50.50 0.86 -10.03
N VAL B 175 -51.04 -0.31 -9.66
CA VAL B 175 -52.43 -0.46 -9.19
C VAL B 175 -52.33 -1.14 -7.81
N PHE B 176 -52.60 -0.40 -6.72
CA PHE B 176 -52.33 -0.89 -5.36
C PHE B 176 -53.44 -1.76 -4.84
N VAL B 177 -53.06 -2.86 -4.20
CA VAL B 177 -53.97 -3.80 -3.56
C VAL B 177 -53.55 -3.95 -2.12
N ASP B 178 -54.55 -4.19 -1.25
CA ASP B 178 -54.34 -4.29 0.19
C ASP B 178 -53.60 -5.57 0.57
N ILE B 179 -52.92 -5.50 1.73
CA ILE B 179 -52.20 -6.67 2.26
C ILE B 179 -53.17 -7.58 3.03
N ASP B 180 -52.74 -8.79 3.28
CA ASP B 180 -53.56 -9.73 4.03
C ASP B 180 -53.52 -9.39 5.53
N HIS B 181 -54.05 -10.33 6.34
CA HIS B 181 -54.12 -10.13 7.77
C HIS B 181 -53.13 -10.97 8.55
N LYS B 182 -52.02 -11.41 7.93
CA LYS B 182 -51.17 -12.30 8.70
C LYS B 182 -49.72 -12.25 8.32
N SER B 183 -49.38 -11.63 7.17
CA SER B 183 -48.02 -11.84 6.67
C SER B 183 -47.35 -10.60 6.09
N TYR B 184 -48.02 -9.45 6.05
CA TYR B 184 -47.57 -8.19 5.41
C TYR B 184 -47.49 -8.24 3.88
N CYS B 185 -48.04 -9.28 3.24
CA CYS B 185 -47.96 -9.53 1.81
C CYS B 185 -49.30 -9.23 1.16
N ILE B 186 -49.21 -8.96 -0.14
CA ILE B 186 -50.41 -8.68 -0.92
C ILE B 186 -51.47 -9.73 -0.71
N ASP B 187 -52.71 -9.26 -0.55
CA ASP B 187 -53.77 -10.20 -0.22
C ASP B 187 -54.28 -10.83 -1.52
N PRO B 188 -54.08 -12.12 -1.77
CA PRO B 188 -54.58 -12.71 -3.02
C PRO B 188 -56.06 -12.49 -3.24
N LEU B 189 -56.84 -12.39 -2.16
CA LEU B 189 -58.28 -12.28 -2.29
C LEU B 189 -58.74 -10.90 -2.73
N LYS B 190 -57.83 -9.93 -2.81
CA LYS B 190 -58.11 -8.59 -3.30
C LYS B 190 -57.57 -8.35 -4.69
N ILE B 191 -56.86 -9.31 -5.28
CA ILE B 191 -56.15 -8.99 -6.52
C ILE B 191 -57.12 -9.00 -7.69
N GLU B 192 -58.01 -10.01 -7.72
CA GLU B 192 -58.87 -10.16 -8.89
C GLU B 192 -59.72 -8.93 -9.12
N GLU B 193 -60.14 -8.24 -8.05
CA GLU B 193 -61.09 -7.17 -8.32
C GLU B 193 -60.37 -5.95 -8.89
N ALA B 194 -59.05 -5.93 -8.81
CA ALA B 194 -58.30 -4.79 -9.31
C ALA B 194 -57.82 -5.02 -10.74
N ILE B 195 -58.20 -6.15 -11.35
CA ILE B 195 -57.80 -6.45 -12.72
C ILE B 195 -58.71 -5.70 -13.71
N THR B 196 -58.08 -4.98 -14.63
CA THR B 196 -58.74 -4.29 -15.72
C THR B 196 -58.21 -4.80 -17.05
N GLN B 197 -58.79 -4.29 -18.14
CA GLN B 197 -58.27 -4.59 -19.46
C GLN B 197 -56.83 -4.15 -19.66
N LYS B 198 -56.35 -3.19 -18.85
CA LYS B 198 -54.99 -2.71 -18.94
C LYS B 198 -54.02 -3.55 -18.11
N THR B 199 -54.49 -4.42 -17.22
CA THR B 199 -53.52 -5.14 -16.39
C THR B 199 -52.69 -6.12 -17.20
N LYS B 200 -51.37 -6.14 -16.92
CA LYS B 200 -50.48 -7.06 -17.57
C LYS B 200 -49.70 -7.92 -16.61
N CYS B 201 -49.56 -7.51 -15.35
CA CYS B 201 -48.59 -8.19 -14.51
C CYS B 201 -49.08 -8.08 -13.08
N ILE B 202 -48.78 -9.08 -12.27
CA ILE B 202 -48.95 -9.02 -10.84
C ILE B 202 -47.56 -9.03 -10.25
N LEU B 203 -47.25 -8.08 -9.37
CA LEU B 203 -45.91 -7.90 -8.81
C LEU B 203 -45.96 -8.06 -7.30
N PRO B 204 -46.10 -9.30 -6.83
CA PRO B 204 -46.14 -9.52 -5.38
C PRO B 204 -44.76 -9.31 -4.78
N VAL B 205 -44.74 -8.89 -3.54
CA VAL B 205 -43.47 -8.69 -2.84
C VAL B 205 -43.33 -9.66 -1.69
N HIS B 206 -42.21 -10.37 -1.64
CA HIS B 206 -41.90 -11.20 -0.45
C HIS B 206 -41.30 -10.38 0.68
N LEU B 207 -42.17 -9.60 1.30
CA LEU B 207 -41.70 -8.52 2.17
C LEU B 207 -41.10 -9.08 3.46
N TYR B 208 -39.96 -8.47 3.84
CA TYR B 208 -39.25 -8.72 5.10
C TYR B 208 -38.63 -10.12 5.11
N GLY B 209 -38.71 -10.84 4.00
CA GLY B 209 -38.14 -12.18 3.84
C GLY B 209 -39.16 -13.30 3.93
N LYS B 210 -40.45 -12.93 3.99
CA LYS B 210 -41.57 -13.86 4.11
C LYS B 210 -42.14 -14.04 2.69
N GLN B 211 -42.41 -15.27 2.27
CA GLN B 211 -43.02 -15.41 0.94
C GLN B 211 -44.52 -15.16 0.94
N CYS B 212 -45.01 -14.58 -0.18
CA CYS B 212 -46.44 -14.44 -0.42
C CYS B 212 -47.08 -15.82 -0.73
N ASP B 213 -48.43 -15.88 -0.63
CA ASP B 213 -49.19 -17.08 -1.03
C ASP B 213 -49.23 -17.20 -2.56
N MET B 214 -48.16 -17.77 -3.13
CA MET B 214 -48.00 -17.68 -4.59
C MET B 214 -48.93 -18.63 -5.35
N LYS B 215 -49.37 -19.74 -4.73
CA LYS B 215 -50.24 -20.65 -5.45
C LYS B 215 -51.56 -19.97 -5.84
N ARG B 216 -52.16 -19.30 -4.87
CA ARG B 216 -53.40 -18.58 -5.15
C ARG B 216 -53.16 -17.46 -6.16
N ILE B 217 -51.99 -16.77 -6.08
CA ILE B 217 -51.79 -15.70 -7.04
C ILE B 217 -51.62 -16.28 -8.45
N ARG B 218 -51.00 -17.46 -8.56
CA ARG B 218 -50.82 -18.05 -9.89
C ARG B 218 -52.15 -18.51 -10.45
N GLU B 219 -53.01 -19.06 -9.58
CA GLU B 219 -54.34 -19.43 -10.01
C GLU B 219 -55.04 -18.25 -10.67
N ILE B 220 -54.94 -17.06 -10.07
CA ILE B 220 -55.63 -15.89 -10.62
C ILE B 220 -54.96 -15.44 -11.91
N ALA B 221 -53.62 -15.47 -11.94
CA ALA B 221 -52.90 -14.96 -13.11
C ALA B 221 -53.15 -15.81 -14.36
N ASP B 222 -53.33 -17.12 -14.18
CA ASP B 222 -53.57 -17.99 -15.33
C ASP B 222 -54.94 -17.72 -15.95
N VAL B 223 -55.98 -17.57 -15.10
CA VAL B 223 -57.33 -17.21 -15.54
C VAL B 223 -57.33 -15.91 -16.36
N TYR B 224 -56.58 -14.91 -15.92
CA TYR B 224 -56.54 -13.61 -16.56
C TYR B 224 -55.37 -13.45 -17.54
N GLN B 225 -54.62 -14.53 -17.76
CA GLN B 225 -53.47 -14.52 -18.66
C GLN B 225 -52.57 -13.34 -18.32
N LEU B 226 -52.18 -13.27 -17.05
CA LEU B 226 -51.27 -12.25 -16.57
C LEU B 226 -49.93 -12.87 -16.23
N ARG B 227 -48.89 -12.09 -16.39
CA ARG B 227 -47.60 -12.52 -15.88
C ARG B 227 -47.49 -12.25 -14.38
N ILE B 228 -46.59 -13.01 -13.74
CA ILE B 228 -46.15 -12.75 -12.36
C ILE B 228 -44.65 -12.51 -12.38
N ILE B 229 -44.24 -11.31 -11.92
CA ILE B 229 -42.85 -11.05 -11.58
C ILE B 229 -42.79 -10.92 -10.09
N GLU B 230 -41.97 -11.76 -9.42
CA GLU B 230 -41.94 -11.77 -7.95
C GLU B 230 -40.79 -10.93 -7.48
N ASP B 231 -41.09 -9.92 -6.67
CA ASP B 231 -40.04 -9.10 -6.07
C ASP B 231 -39.55 -9.87 -4.84
N ALA B 232 -38.44 -10.60 -5.04
CA ALA B 232 -37.83 -11.40 -3.98
C ALA B 232 -36.53 -10.79 -3.50
N CYS B 233 -36.43 -9.46 -3.58
CA CYS B 233 -35.19 -8.78 -3.20
C CYS B 233 -34.84 -8.93 -1.73
N GLN B 234 -35.80 -9.25 -0.83
CA GLN B 234 -35.52 -9.49 0.59
C GLN B 234 -35.56 -10.97 0.97
N ALA B 235 -35.67 -11.92 0.01
CA ALA B 235 -36.07 -13.27 0.40
C ALA B 235 -35.10 -14.35 -0.09
N ILE B 236 -33.85 -13.99 -0.40
CA ILE B 236 -32.92 -15.04 -0.83
C ILE B 236 -32.76 -16.15 0.21
N GLY B 237 -32.79 -17.40 -0.27
CA GLY B 237 -32.69 -18.55 0.64
C GLY B 237 -34.03 -19.12 1.03
N SER B 238 -35.13 -18.43 0.71
CA SER B 238 -36.43 -18.97 1.13
C SER B 238 -36.74 -20.26 0.34
N SER B 239 -37.16 -21.32 1.04
CA SER B 239 -37.38 -22.59 0.33
C SER B 239 -38.46 -22.48 -0.74
N ASN B 240 -38.18 -23.09 -1.91
CA ASN B 240 -39.15 -23.17 -3.00
C ASN B 240 -39.49 -21.81 -3.61
N LEU B 241 -38.70 -20.78 -3.32
CA LEU B 241 -38.86 -19.48 -3.95
C LEU B 241 -39.03 -19.62 -5.46
N GLY B 242 -40.10 -19.04 -5.97
CA GLY B 242 -40.27 -18.81 -7.40
C GLY B 242 -40.99 -19.89 -8.14
N GLU B 243 -41.55 -20.89 -7.42
CA GLU B 243 -42.13 -22.05 -8.05
C GLU B 243 -43.21 -21.66 -9.05
N TYR B 244 -43.96 -20.61 -8.75
CA TYR B 244 -45.12 -20.21 -9.56
C TYR B 244 -44.90 -18.93 -10.36
N GLY B 245 -43.73 -18.31 -10.26
CA GLY B 245 -43.53 -17.01 -10.89
C GLY B 245 -42.95 -17.12 -12.29
N ASP B 246 -43.29 -16.16 -13.16
CA ASP B 246 -42.62 -16.16 -14.46
C ASP B 246 -41.16 -15.73 -14.32
N ILE B 247 -40.91 -14.65 -13.59
CA ILE B 247 -39.56 -14.13 -13.33
C ILE B 247 -39.50 -13.81 -11.86
N ILE B 248 -38.36 -14.12 -11.23
CA ILE B 248 -38.10 -13.79 -9.84
C ILE B 248 -36.95 -12.78 -9.84
N ILE B 249 -37.10 -11.75 -9.07
CA ILE B 249 -36.12 -10.63 -8.96
C ILE B 249 -35.38 -10.74 -7.63
N LEU B 250 -34.05 -10.73 -7.67
CA LEU B 250 -33.23 -10.68 -6.46
C LEU B 250 -32.48 -9.36 -6.39
N SER B 251 -32.16 -8.91 -5.15
CA SER B 251 -31.15 -7.88 -4.91
C SER B 251 -30.00 -8.44 -4.10
N PHE B 252 -28.80 -8.00 -4.44
CA PHE B 252 -27.61 -8.38 -3.70
C PHE B 252 -27.01 -7.10 -3.08
N ASN B 253 -27.88 -6.13 -2.83
CA ASN B 253 -27.43 -4.96 -2.10
C ASN B 253 -26.76 -5.39 -0.79
N PRO B 254 -25.83 -4.59 -0.26
CA PRO B 254 -25.04 -5.08 0.90
C PRO B 254 -25.83 -5.29 2.16
N TYR B 255 -27.03 -4.77 2.28
CA TYR B 255 -27.77 -4.95 3.49
C TYR B 255 -28.72 -6.16 3.39
N LYS B 256 -28.79 -6.76 2.24
CA LYS B 256 -29.62 -7.97 2.09
C LYS B 256 -29.02 -9.17 2.82
N ASN B 257 -29.83 -10.27 2.93
CA ASN B 257 -29.30 -11.43 3.63
C ASN B 257 -28.03 -11.97 2.97
N PHE B 258 -27.92 -11.88 1.63
CA PHE B 258 -26.68 -12.06 0.88
C PHE B 258 -26.40 -10.75 0.14
N GLY B 259 -25.23 -10.16 0.37
CA GLY B 259 -24.90 -8.95 -0.38
C GLY B 259 -23.52 -9.03 -0.99
N VAL B 260 -23.31 -8.16 -1.99
CA VAL B 260 -21.96 -7.89 -2.51
C VAL B 260 -21.39 -6.68 -1.80
N CYS B 261 -20.43 -5.98 -2.41
CA CYS B 261 -19.88 -4.75 -1.81
C CYS B 261 -20.13 -3.55 -2.71
N GLY B 262 -21.40 -3.34 -3.00
CA GLY B 262 -21.86 -2.37 -3.98
C GLY B 262 -23.22 -2.83 -4.41
N LYS B 263 -23.71 -2.30 -5.54
CA LYS B 263 -25.02 -2.66 -6.01
C LYS B 263 -24.96 -3.83 -6.99
N ALA B 264 -25.97 -4.69 -6.91
CA ALA B 264 -26.09 -5.84 -7.82
C ALA B 264 -27.44 -6.50 -7.59
N GLY B 265 -27.87 -7.26 -8.56
CA GLY B 265 -29.03 -8.11 -8.35
C GLY B 265 -29.15 -9.15 -9.42
N ALA B 266 -30.36 -9.74 -9.57
CA ALA B 266 -30.42 -10.75 -10.64
C ALA B 266 -31.86 -10.95 -11.10
N ILE B 267 -31.98 -11.37 -12.36
CA ILE B 267 -33.23 -11.84 -12.93
C ILE B 267 -33.15 -13.36 -13.03
N VAL B 268 -34.17 -14.08 -12.54
CA VAL B 268 -34.14 -15.54 -12.54
C VAL B 268 -35.41 -16.03 -13.22
N THR B 269 -35.26 -16.93 -14.20
CA THR B 269 -36.43 -17.48 -14.90
C THR B 269 -36.11 -18.85 -15.51
N ASN B 270 -37.16 -19.64 -15.74
CA ASN B 270 -37.10 -20.82 -16.59
C ASN B 270 -37.47 -20.53 -18.04
N ASN B 271 -37.85 -19.29 -18.37
CA ASN B 271 -38.49 -18.95 -19.64
C ASN B 271 -37.43 -18.39 -20.59
N GLU B 272 -37.06 -19.22 -21.58
CA GLU B 272 -35.90 -18.87 -22.42
C GLU B 272 -36.13 -17.58 -23.19
N ASN B 273 -37.32 -17.42 -23.77
CA ASN B 273 -37.60 -16.19 -24.50
C ASN B 273 -37.47 -14.97 -23.61
N LEU B 274 -38.03 -15.05 -22.41
CA LEU B 274 -37.93 -13.94 -21.49
C LEU B 274 -36.48 -13.72 -21.06
N ALA B 275 -35.73 -14.81 -20.79
CA ALA B 275 -34.33 -14.64 -20.43
C ALA B 275 -33.54 -13.92 -21.54
N ILE B 276 -33.77 -14.32 -22.80
CA ILE B 276 -33.03 -13.67 -23.90
C ILE B 276 -33.34 -12.18 -23.95
N ARG B 277 -34.66 -11.81 -23.86
CA ARG B 277 -35.03 -10.41 -23.87
C ARG B 277 -34.46 -9.66 -22.67
N CYS B 278 -34.34 -10.33 -21.52
CA CYS B 278 -33.75 -9.68 -20.37
C CYS B 278 -32.28 -9.38 -20.60
N ASN B 279 -31.59 -10.35 -21.19
CA ASN B 279 -30.17 -10.21 -21.48
C ASN B 279 -29.95 -9.05 -22.43
N GLN B 280 -30.79 -8.95 -23.47
CA GLN B 280 -30.63 -7.85 -24.43
C GLN B 280 -30.97 -6.48 -23.82
N TYR B 281 -32.09 -6.41 -23.12
CA TYR B 281 -32.44 -5.13 -22.49
C TYR B 281 -31.43 -4.71 -21.46
N SER B 282 -30.78 -5.67 -20.79
CA SER B 282 -29.88 -5.29 -19.71
C SER B 282 -28.58 -4.75 -20.28
N TYR B 283 -28.37 -4.81 -21.61
CA TYR B 283 -27.09 -4.34 -22.17
C TYR B 283 -27.41 -3.73 -23.54
N HIS B 284 -28.08 -2.58 -23.47
CA HIS B 284 -28.12 -1.61 -24.62
C HIS B 284 -29.01 -2.07 -25.75
N GLY B 285 -29.76 -3.17 -25.55
CA GLY B 285 -30.55 -3.70 -26.65
C GLY B 285 -29.75 -4.48 -27.68
N PHE B 286 -28.47 -4.74 -27.42
CA PHE B 286 -27.62 -5.45 -28.37
C PHE B 286 -27.98 -6.93 -28.43
N GLU B 287 -27.73 -7.55 -29.59
CA GLU B 287 -27.83 -9.00 -29.66
C GLU B 287 -26.82 -9.58 -28.69
N VAL B 288 -27.19 -10.69 -28.04
CA VAL B 288 -26.31 -11.29 -27.06
C VAL B 288 -25.06 -11.73 -27.78
N ASP B 289 -23.90 -11.34 -27.27
CA ASP B 289 -22.61 -11.69 -27.87
C ASP B 289 -22.37 -11.03 -29.24
N LYS B 290 -23.07 -9.90 -29.56
CA LYS B 290 -22.78 -9.10 -30.77
C LYS B 290 -22.94 -7.64 -30.36
N LYS B 291 -21.97 -7.18 -29.59
CA LYS B 291 -22.00 -5.82 -29.09
C LYS B 291 -22.10 -4.81 -30.25
N ASN B 292 -22.71 -3.66 -29.98
CA ASN B 292 -22.90 -2.58 -30.95
C ASN B 292 -23.90 -2.91 -32.05
N LYS B 293 -24.60 -4.07 -31.97
CA LYS B 293 -25.58 -4.39 -33.01
C LYS B 293 -26.97 -4.51 -32.38
N LYS B 294 -27.81 -3.48 -32.48
CA LYS B 294 -29.07 -3.51 -31.68
C LYS B 294 -30.10 -4.39 -32.33
N VAL B 295 -30.79 -5.17 -31.49
CA VAL B 295 -31.96 -5.88 -31.96
C VAL B 295 -33.22 -5.44 -31.26
N LEU B 296 -33.10 -4.85 -30.09
CA LEU B 296 -34.20 -4.20 -29.39
C LEU B 296 -34.06 -2.70 -29.54
N ASP B 297 -35.18 -2.00 -29.33
CA ASP B 297 -35.17 -0.58 -29.68
C ASP B 297 -34.18 0.19 -28.84
N PHE B 298 -34.01 -0.22 -27.60
CA PHE B 298 -33.06 0.42 -26.69
C PHE B 298 -32.74 -0.59 -25.61
N GLY B 299 -31.84 -0.20 -24.73
CA GLY B 299 -31.67 -0.94 -23.48
C GLY B 299 -30.87 -0.12 -22.51
N PHE B 300 -30.45 -0.77 -21.41
CA PHE B 300 -29.78 -0.09 -20.27
C PHE B 300 -28.34 -0.56 -20.19
N ASN B 301 -27.59 0.05 -19.28
CA ASN B 301 -26.27 -0.47 -18.96
C ASN B 301 -26.35 -1.12 -17.57
N SER B 302 -26.90 -2.34 -17.56
CA SER B 302 -27.42 -2.90 -16.31
C SER B 302 -27.01 -4.34 -16.02
N LYS B 303 -25.89 -4.82 -16.52
CA LYS B 303 -25.36 -6.10 -16.04
C LYS B 303 -24.56 -5.87 -14.77
N ILE B 304 -24.42 -6.96 -13.99
CA ILE B 304 -23.52 -6.87 -12.85
C ILE B 304 -22.08 -6.52 -13.31
N ASP B 305 -21.37 -5.85 -12.41
CA ASP B 305 -19.90 -5.74 -12.57
C ASP B 305 -19.21 -7.08 -12.24
N ASN B 306 -18.29 -7.53 -13.11
CA ASN B 306 -17.44 -8.68 -12.85
C ASN B 306 -16.79 -8.58 -11.48
N LEU B 307 -16.32 -7.37 -11.11
CA LEU B 307 -15.71 -7.21 -9.78
C LEU B 307 -16.71 -7.57 -8.66
N GLN B 308 -17.96 -7.12 -8.77
CA GLN B 308 -18.95 -7.46 -7.72
C GLN B 308 -19.33 -8.92 -7.79
N ALA B 309 -19.33 -9.51 -8.98
CA ALA B 309 -19.64 -10.94 -9.04
C ALA B 309 -18.57 -11.74 -8.28
N ALA B 310 -17.30 -11.39 -8.51
CA ALA B 310 -16.23 -12.04 -7.77
C ALA B 310 -16.38 -11.84 -6.25
N ILE B 311 -16.68 -10.60 -5.81
CA ILE B 311 -16.98 -10.40 -4.37
C ILE B 311 -18.12 -11.29 -3.93
N GLY B 312 -19.19 -11.34 -4.73
CA GLY B 312 -20.35 -12.11 -4.34
C GLY B 312 -20.08 -13.60 -4.22
N LEU B 313 -19.20 -14.16 -5.07
CA LEU B 313 -18.84 -15.55 -4.90
C LEU B 313 -18.08 -15.82 -3.61
N GLU B 314 -17.46 -14.79 -3.01
N GLU B 314 -17.43 -14.80 -3.04
CA GLU B 314 -16.85 -14.96 -1.70
CA GLU B 314 -16.86 -14.97 -1.70
C GLU B 314 -17.83 -14.77 -0.55
C GLU B 314 -17.94 -14.85 -0.64
N ARG B 315 -18.69 -13.74 -0.65
CA ARG B 315 -19.63 -13.47 0.43
C ARG B 315 -20.77 -14.47 0.48
N ILE B 316 -21.18 -15.06 -0.66
CA ILE B 316 -22.32 -16.01 -0.61
C ILE B 316 -21.96 -17.26 0.17
N LYS B 317 -20.66 -17.57 0.35
CA LYS B 317 -20.27 -18.65 1.23
C LYS B 317 -20.90 -18.59 2.61
N PHE B 318 -21.20 -17.37 3.10
CA PHE B 318 -21.76 -17.17 4.43
C PHE B 318 -23.29 -17.19 4.47
N LEU B 319 -23.97 -17.43 3.35
CA LEU B 319 -25.40 -17.17 3.28
C LEU B 319 -26.19 -18.12 4.18
N SER B 320 -25.99 -19.44 4.03
CA SER B 320 -26.83 -20.34 4.83
C SER B 320 -26.56 -20.14 6.31
N TYR B 321 -25.29 -19.93 6.68
CA TYR B 321 -24.94 -19.74 8.09
C TYR B 321 -25.52 -18.47 8.67
N ASN B 322 -25.35 -17.34 7.96
CA ASN B 322 -25.98 -16.10 8.42
C ASN B 322 -27.50 -16.22 8.44
N ASN B 323 -28.11 -16.93 7.46
CA ASN B 323 -29.55 -17.14 7.56
C ASN B 323 -29.91 -17.96 8.78
N LEU B 324 -29.10 -18.99 9.14
CA LEU B 324 -29.37 -19.77 10.36
C LEU B 324 -29.32 -18.87 11.60
N LYS B 325 -28.36 -17.93 11.63
CA LYS B 325 -28.26 -17.00 12.76
C LYS B 325 -29.50 -16.11 12.88
N ARG B 326 -30.02 -15.70 11.73
CA ARG B 326 -31.23 -14.89 11.70
C ARG B 326 -32.43 -15.64 12.25
N VAL B 327 -32.59 -16.91 11.89
N VAL B 327 -32.61 -16.90 11.83
CA VAL B 327 -33.78 -17.61 12.35
CA VAL B 327 -33.74 -17.67 12.34
C VAL B 327 -33.67 -17.94 13.84
C VAL B 327 -33.66 -17.77 13.86
N PHE B 328 -32.46 -18.08 14.39
CA PHE B 328 -32.30 -18.20 15.83
C PHE B 328 -32.73 -16.89 16.52
N LEU B 329 -32.21 -15.78 16.00
CA LEU B 329 -32.56 -14.46 16.58
C LEU B 329 -34.07 -14.24 16.56
N ALA B 330 -34.70 -14.56 15.46
CA ALA B 330 -36.12 -14.32 15.37
C ALA B 330 -36.92 -15.19 16.37
N GLN B 331 -36.53 -16.43 16.47
CA GLN B 331 -37.20 -17.32 17.43
C GLN B 331 -37.01 -16.80 18.83
N ARG B 332 -35.82 -16.30 19.12
CA ARG B 332 -35.61 -15.69 20.43
C ARG B 332 -36.48 -14.49 20.68
N TYR B 333 -36.65 -13.61 19.72
CA TYR B 333 -37.60 -12.52 19.92
C TYR B 333 -39.02 -13.05 20.15
N ILE B 334 -39.44 -14.02 19.35
CA ILE B 334 -40.80 -14.54 19.48
C ILE B 334 -41.01 -15.14 20.86
N ARG B 335 -40.06 -15.94 21.34
CA ARG B 335 -40.25 -16.65 22.60
C ARG B 335 -40.16 -15.68 23.76
N ASN B 336 -39.29 -14.66 23.65
CA ASN B 336 -39.09 -13.79 24.79
C ASN B 336 -40.01 -12.59 24.82
N LEU B 337 -40.74 -12.33 23.74
CA LEU B 337 -41.74 -11.27 23.72
C LEU B 337 -43.15 -11.81 23.83
N LYS B 338 -43.29 -13.15 23.92
CA LYS B 338 -44.63 -13.70 23.90
C LYS B 338 -45.52 -13.07 24.97
N GLU B 339 -44.95 -12.75 26.16
CA GLU B 339 -45.78 -12.19 27.24
C GLU B 339 -46.43 -10.88 26.82
N LEU B 340 -45.78 -10.11 25.95
CA LEU B 340 -46.37 -8.85 25.51
C LEU B 340 -47.54 -9.12 24.54
N GLU B 341 -47.48 -10.19 23.75
CA GLU B 341 -48.60 -10.58 22.93
C GLU B 341 -49.75 -11.18 23.77
N ASP B 342 -49.40 -11.96 24.80
CA ASP B 342 -50.48 -12.53 25.60
C ASP B 342 -51.25 -11.42 26.30
N ARG B 343 -50.55 -10.34 26.71
CA ARG B 343 -51.22 -9.20 27.32
C ARG B 343 -51.89 -8.31 26.31
N GLU B 344 -51.85 -8.69 25.01
CA GLU B 344 -52.49 -7.95 23.93
C GLU B 344 -51.94 -6.54 23.85
N LEU B 345 -50.61 -6.42 23.99
CA LEU B 345 -49.92 -5.18 23.72
C LEU B 345 -49.28 -5.13 22.34
N ILE B 346 -48.87 -6.28 21.81
CA ILE B 346 -48.17 -6.36 20.53
C ILE B 346 -48.68 -7.60 19.83
N LYS B 347 -48.47 -7.63 18.54
CA LYS B 347 -48.60 -8.85 17.77
C LYS B 347 -47.23 -9.17 17.25
N LEU B 348 -46.82 -10.44 17.40
CA LEU B 348 -45.58 -11.04 16.94
C LEU B 348 -45.75 -11.83 15.64
N PRO B 349 -44.68 -11.94 14.84
CA PRO B 349 -44.68 -12.92 13.74
C PRO B 349 -44.68 -14.35 14.29
N ARG B 350 -45.14 -15.27 13.46
CA ARG B 350 -45.03 -16.68 13.78
C ARG B 350 -43.87 -17.27 13.04
N MET B 351 -43.30 -18.35 13.62
CA MET B 351 -42.24 -19.04 12.90
C MET B 351 -42.81 -19.83 11.73
N THR B 352 -42.24 -19.61 10.53
CA THR B 352 -42.64 -20.40 9.38
C THR B 352 -41.41 -20.88 8.63
N GLU B 353 -41.60 -21.90 7.79
CA GLU B 353 -40.43 -22.52 7.20
C GLU B 353 -39.90 -21.75 6.01
N ASP B 354 -40.67 -20.80 5.49
CA ASP B 354 -40.24 -20.01 4.35
C ASP B 354 -39.55 -18.70 4.73
N ASN B 355 -39.75 -18.19 5.93
CA ASN B 355 -39.27 -16.85 6.24
C ASN B 355 -37.74 -16.84 6.40
N VAL B 356 -37.05 -15.91 5.73
CA VAL B 356 -35.60 -15.78 5.97
C VAL B 356 -35.27 -14.60 6.88
N TRP B 357 -36.29 -13.89 7.43
CA TRP B 357 -36.03 -12.94 8.51
C TRP B 357 -35.02 -11.85 8.11
N HIS B 358 -35.25 -11.26 6.94
CA HIS B 358 -34.50 -10.08 6.57
C HIS B 358 -34.76 -8.94 7.54
N LEU B 359 -36.04 -8.73 7.88
CA LEU B 359 -36.51 -7.72 8.82
C LEU B 359 -37.49 -8.40 9.77
N PHE B 360 -37.56 -7.93 11.02
CA PHE B 360 -38.36 -8.59 12.06
C PHE B 360 -39.43 -7.60 12.46
N PRO B 361 -40.64 -7.75 11.94
CA PRO B 361 -41.73 -6.84 12.30
C PRO B 361 -42.55 -7.26 13.50
N ILE B 362 -42.88 -6.32 14.36
CA ILE B 362 -43.96 -6.51 15.33
C ILE B 362 -45.03 -5.45 15.10
N ARG B 363 -46.20 -5.65 15.70
CA ARG B 363 -47.25 -4.62 15.69
C ARG B 363 -47.51 -4.17 17.12
N ILE B 364 -47.43 -2.86 17.34
CA ILE B 364 -47.76 -2.27 18.63
C ILE B 364 -49.12 -1.64 18.49
N ILE B 365 -50.05 -2.13 19.26
CA ILE B 365 -51.45 -1.88 18.95
C ILE B 365 -51.98 -0.81 19.89
N ASN B 366 -53.26 -0.49 19.74
CA ASN B 366 -53.94 0.58 20.46
C ASN B 366 -53.13 1.87 20.47
N GLY B 367 -52.56 2.20 19.32
CA GLY B 367 -52.03 3.54 19.11
C GLY B 367 -50.67 3.83 19.70
N ARG B 368 -50.05 2.89 20.41
CA ARG B 368 -48.86 3.14 21.21
C ARG B 368 -47.54 3.08 20.43
N ARG B 369 -47.57 2.81 19.14
CA ARG B 369 -46.31 2.52 18.42
C ARG B 369 -45.29 3.67 18.50
N ASP B 370 -45.74 4.91 18.26
CA ASP B 370 -44.81 6.03 18.26
C ASP B 370 -44.20 6.24 19.63
N GLU B 371 -45.03 6.16 20.66
CA GLU B 371 -44.55 6.29 22.03
C GLU B 371 -43.50 5.21 22.34
N VAL B 372 -43.80 3.95 22.00
CA VAL B 372 -42.88 2.86 22.28
C VAL B 372 -41.57 3.09 21.54
N LYS B 373 -41.64 3.47 20.27
CA LYS B 373 -40.42 3.68 19.49
C LYS B 373 -39.62 4.86 20.05
N ASN B 374 -40.32 5.95 20.38
CA ASN B 374 -39.67 7.14 20.93
C ASN B 374 -39.01 6.87 22.28
N LYS B 375 -39.72 6.18 23.19
CA LYS B 375 -39.15 5.91 24.50
C LYS B 375 -38.00 4.90 24.44
N LEU B 376 -38.11 3.88 23.58
CA LEU B 376 -36.98 2.96 23.41
C LEU B 376 -35.70 3.74 23.09
N TYR B 377 -35.81 4.74 22.25
CA TYR B 377 -34.60 5.48 21.87
C TYR B 377 -34.20 6.47 22.97
N GLN B 378 -35.12 7.31 23.40
CA GLN B 378 -34.75 8.36 24.35
C GLN B 378 -34.38 7.78 25.73
N LEU B 379 -35.12 6.79 26.22
CA LEU B 379 -34.93 6.26 27.57
C LEU B 379 -33.93 5.13 27.66
N TYR B 380 -33.83 4.28 26.62
CA TYR B 380 -32.96 3.10 26.69
C TYR B 380 -31.90 3.04 25.61
N ASN B 381 -31.75 4.07 24.77
CA ASN B 381 -30.77 4.14 23.69
C ASN B 381 -30.87 2.93 22.76
N ILE B 382 -32.10 2.56 22.42
CA ILE B 382 -32.36 1.47 21.50
C ILE B 382 -32.98 2.09 20.27
N GLU B 383 -32.32 1.94 19.13
CA GLU B 383 -32.90 2.34 17.85
C GLU B 383 -33.75 1.24 17.26
N THR B 384 -34.99 1.57 16.92
CA THR B 384 -35.84 0.69 16.15
C THR B 384 -36.15 1.47 14.89
N ASP B 385 -36.81 0.85 13.93
CA ASP B 385 -37.02 1.56 12.68
C ASP B 385 -38.35 1.12 12.13
N ILE B 386 -38.86 1.85 11.14
CA ILE B 386 -40.11 1.51 10.44
C ILE B 386 -39.77 1.36 8.96
N TYR B 387 -39.84 0.14 8.43
CA TYR B 387 -39.65 -0.12 7.00
C TYR B 387 -41.04 -0.47 6.45
N TYR B 388 -41.73 0.47 5.79
CA TYR B 388 -41.24 1.74 5.35
C TYR B 388 -42.10 2.92 5.92
N PRO B 389 -41.53 4.13 6.09
CA PRO B 389 -42.28 5.15 6.81
C PRO B 389 -43.42 5.76 6.05
N VAL B 390 -43.46 5.71 4.71
CA VAL B 390 -44.55 6.29 3.92
C VAL B 390 -45.07 5.25 2.93
N LEU B 391 -46.41 5.03 2.92
CA LEU B 391 -47.02 4.15 1.93
C LEU B 391 -46.98 4.77 0.53
N SER B 392 -47.05 3.90 -0.48
CA SER B 392 -46.87 4.36 -1.87
C SER B 392 -47.88 5.41 -2.28
N HIS B 393 -49.10 5.29 -1.81
CA HIS B 393 -50.14 6.22 -2.19
C HIS B 393 -50.21 7.41 -1.27
N LYS B 394 -49.17 7.62 -0.44
CA LYS B 394 -49.18 8.75 0.47
C LYS B 394 -47.99 9.72 0.33
N HIS B 395 -47.07 9.48 -0.62
CA HIS B 395 -45.93 10.38 -0.79
C HIS B 395 -46.35 11.79 -1.19
N ASN B 396 -45.52 12.79 -0.84
CA ASN B 396 -45.80 14.18 -1.17
C ASN B 396 -45.44 14.46 -2.65
N THR B 397 -46.13 13.84 -3.63
CA THR B 397 -45.69 13.95 -5.03
C THR B 397 -46.85 14.37 -5.91
N LYS B 398 -46.51 14.97 -7.06
CA LYS B 398 -47.54 15.33 -8.05
C LYS B 398 -48.30 14.09 -8.52
N LEU B 399 -47.59 12.96 -8.70
CA LEU B 399 -48.25 11.76 -9.18
C LEU B 399 -49.32 11.28 -8.19
N VAL B 400 -48.99 11.28 -6.91
CA VAL B 400 -49.99 10.90 -5.89
C VAL B 400 -51.17 11.84 -5.90
N LYS B 401 -50.92 13.15 -6.00
CA LYS B 401 -52.02 14.10 -6.01
C LYS B 401 -52.92 13.92 -7.21
N LYS B 402 -52.35 13.45 -8.32
CA LYS B 402 -53.07 13.33 -9.59
C LYS B 402 -53.78 12.00 -9.74
N ASN B 403 -53.23 10.90 -9.19
CA ASN B 403 -53.73 9.57 -9.49
C ASN B 403 -54.16 8.74 -8.31
N TYR B 404 -53.69 9.04 -7.10
CA TYR B 404 -53.79 8.13 -5.98
C TYR B 404 -54.56 8.72 -4.80
N MET B 405 -55.20 9.88 -4.95
CA MET B 405 -55.89 10.42 -3.77
C MET B 405 -57.14 9.62 -3.38
N GLN B 406 -57.73 8.84 -4.28
CA GLN B 406 -58.91 8.03 -3.98
CA GLN B 406 -58.90 8.07 -3.88
C GLN B 406 -58.57 6.61 -3.51
N ASP B 407 -57.30 6.25 -3.42
CA ASP B 407 -56.94 4.94 -2.93
C ASP B 407 -57.16 4.88 -1.42
N THR B 408 -57.92 3.89 -0.95
CA THR B 408 -57.94 3.55 0.46
C THR B 408 -57.54 2.10 0.58
N LEU B 409 -56.53 1.83 1.39
CA LEU B 409 -56.04 0.48 1.56
C LEU B 409 -56.15 0.20 3.06
N LEU B 410 -57.31 -0.32 3.47
CA LEU B 410 -57.72 -0.35 4.87
C LEU B 410 -56.70 -1.08 5.72
N ASN B 411 -56.39 -2.32 5.37
N ASN B 411 -56.32 -2.29 5.34
CA ASN B 411 -55.46 -3.09 6.18
CA ASN B 411 -55.47 -3.02 6.24
C ASN B 411 -54.09 -2.45 6.17
C ASN B 411 -54.00 -2.60 6.14
N THR B 412 -53.57 -2.13 4.97
CA THR B 412 -52.21 -1.61 4.86
C THR B 412 -52.05 -0.37 5.74
N GLU B 413 -53.06 0.49 5.73
CA GLU B 413 -52.97 1.75 6.46
C GLU B 413 -53.07 1.52 7.95
N GLN B 414 -53.93 0.59 8.37
CA GLN B 414 -53.99 0.31 9.80
C GLN B 414 -52.72 -0.34 10.31
N VAL B 415 -52.17 -1.30 9.54
CA VAL B 415 -50.94 -1.95 9.99
C VAL B 415 -49.80 -0.92 10.07
N HIS B 416 -49.80 0.03 9.15
CA HIS B 416 -48.73 1.01 9.09
C HIS B 416 -48.69 1.92 10.34
N LYS B 417 -49.84 2.12 11.03
CA LYS B 417 -49.86 2.83 12.29
C LYS B 417 -49.32 1.97 13.46
N GLU B 418 -49.07 0.67 13.24
CA GLU B 418 -48.68 -0.27 14.29
C GLU B 418 -47.31 -0.88 14.12
N ILE B 419 -46.76 -0.87 12.90
CA ILE B 419 -45.57 -1.67 12.63
C ILE B 419 -44.34 -1.04 13.31
N LEU B 420 -43.43 -1.89 13.80
CA LEU B 420 -42.13 -1.44 14.27
C LEU B 420 -41.22 -2.62 14.01
N HIS B 421 -40.04 -2.35 13.44
CA HIS B 421 -39.02 -3.36 13.21
C HIS B 421 -37.99 -3.36 14.32
N LEU B 422 -37.60 -4.57 14.75
CA LEU B 422 -36.60 -4.74 15.80
C LEU B 422 -35.27 -5.10 15.21
N PRO B 423 -34.15 -4.64 15.79
CA PRO B 423 -32.80 -4.94 15.20
C PRO B 423 -32.61 -6.44 15.09
N LEU B 424 -32.25 -6.89 13.89
CA LEU B 424 -31.99 -8.30 13.66
C LEU B 424 -30.98 -8.40 12.53
N HIS B 425 -29.76 -8.76 12.89
CA HIS B 425 -28.80 -8.99 11.84
C HIS B 425 -27.83 -10.01 12.35
N PRO B 426 -27.26 -10.83 11.46
CA PRO B 426 -26.64 -12.09 11.90
C PRO B 426 -25.42 -11.93 12.81
N ASN B 427 -24.72 -10.82 12.84
CA ASN B 427 -23.58 -10.71 13.72
C ASN B 427 -23.91 -9.90 14.95
N MET B 428 -25.19 -9.77 15.22
CA MET B 428 -25.62 -9.15 16.45
C MET B 428 -25.22 -10.06 17.59
N LEU B 429 -24.99 -9.46 18.75
CA LEU B 429 -24.70 -10.26 19.93
C LEU B 429 -25.98 -10.68 20.64
N LEU B 430 -25.96 -11.86 21.26
CA LEU B 430 -27.14 -12.17 22.06
C LEU B 430 -27.33 -11.18 23.21
N GLU B 431 -26.23 -10.64 23.73
CA GLU B 431 -26.34 -9.60 24.75
C GLU B 431 -27.05 -8.37 24.18
N GLU B 432 -26.79 -8.06 22.90
CA GLU B 432 -27.46 -6.93 22.28
C GLU B 432 -28.96 -7.22 22.15
N GLN B 433 -29.30 -8.44 21.74
CA GLN B 433 -30.73 -8.77 21.68
C GLN B 433 -31.36 -8.77 23.06
N ASN B 434 -30.65 -9.28 24.07
CA ASN B 434 -31.15 -9.19 25.44
C ASN B 434 -31.45 -7.75 25.85
N PHE B 435 -30.59 -6.81 25.44
CA PHE B 435 -30.79 -5.40 25.80
C PHE B 435 -32.07 -4.86 25.14
N VAL B 436 -32.28 -5.20 23.87
CA VAL B 436 -33.54 -4.87 23.17
C VAL B 436 -34.72 -5.48 23.93
N LEU B 437 -34.63 -6.79 24.22
CA LEU B 437 -35.72 -7.50 24.93
C LEU B 437 -36.05 -6.82 26.25
N GLU B 438 -35.04 -6.50 27.06
CA GLU B 438 -35.33 -5.82 28.33
C GLU B 438 -35.94 -4.44 28.13
N GLY B 439 -35.46 -3.68 27.14
CA GLY B 439 -36.04 -2.38 26.87
C GLY B 439 -37.52 -2.47 26.48
N LEU B 440 -37.87 -3.42 25.63
CA LEU B 440 -39.25 -3.56 25.18
C LEU B 440 -40.17 -3.98 26.31
N ILE B 441 -39.69 -4.87 27.18
CA ILE B 441 -40.51 -5.29 28.31
C ILE B 441 -40.69 -4.11 29.25
N ASN B 442 -39.61 -3.37 29.50
CA ASN B 442 -39.66 -2.32 30.49
C ASN B 442 -40.51 -1.14 30.04
N VAL B 443 -40.52 -0.84 28.75
CA VAL B 443 -41.28 0.30 28.28
C VAL B 443 -42.77 -0.02 28.24
N ASN B 444 -43.13 -1.31 28.32
CA ASN B 444 -44.51 -1.78 28.28
C ASN B 444 -45.01 -2.19 29.64
N LYS B 445 -44.25 -1.89 30.69
CA LYS B 445 -44.68 -2.16 32.05
C LYS B 445 -45.61 -1.04 32.48
N THR C 7 -16.20 5.73 33.85
CA THR C 7 -14.99 6.55 33.79
C THR C 7 -14.36 6.30 32.44
N LEU C 8 -13.68 7.30 31.89
CA LEU C 8 -13.08 7.18 30.56
C LEU C 8 -11.56 7.23 30.71
N THR C 9 -10.90 6.26 30.09
CA THR C 9 -9.43 6.19 30.05
C THR C 9 -8.99 6.28 28.60
N THR C 10 -7.93 7.08 28.33
CA THR C 10 -7.29 7.11 27.03
C THR C 10 -6.16 6.09 27.01
N ILE C 11 -6.28 5.09 26.11
CA ILE C 11 -5.20 4.12 25.88
C ILE C 11 -4.01 4.85 25.26
N SER C 12 -2.85 4.83 25.96
CA SER C 12 -1.67 5.60 25.56
C SER C 12 -0.75 4.76 24.70
N GLY C 13 -1.00 3.45 24.67
CA GLY C 13 -0.13 2.49 24.04
C GLY C 13 0.96 1.92 24.90
N HIS C 14 0.97 2.21 26.20
CA HIS C 14 2.00 1.69 27.09
C HIS C 14 1.48 0.48 27.89
N SER C 15 2.38 -0.11 28.70
CA SER C 15 2.15 -1.32 29.50
C SER C 15 0.91 -1.20 30.35
N LYS C 16 0.81 -0.09 31.07
CA LYS C 16 -0.22 -0.03 32.11
C LYS C 16 -1.60 0.01 31.49
N ASP C 17 -1.73 0.75 30.42
CA ASP C 17 -3.06 0.85 29.83
C ASP C 17 -3.41 -0.39 29.02
N ASN C 18 -2.41 -1.10 28.49
CA ASN C 18 -2.70 -2.39 27.89
C ASN C 18 -3.23 -3.36 28.91
N LEU C 19 -2.70 -3.37 30.14
CA LEU C 19 -3.23 -4.26 31.16
C LEU C 19 -4.66 -3.86 31.52
N ALA C 20 -4.94 -2.54 31.57
CA ALA C 20 -6.32 -2.14 31.92
C ALA C 20 -7.27 -2.52 30.78
N LEU C 21 -6.78 -2.43 29.56
CA LEU C 21 -7.65 -2.79 28.43
C LEU C 21 -7.93 -4.28 28.44
N LEU C 22 -6.90 -5.11 28.72
CA LEU C 22 -7.12 -6.55 28.76
C LEU C 22 -8.07 -6.93 29.89
N LYS C 23 -7.97 -6.22 31.03
CA LYS C 23 -8.90 -6.53 32.14
C LYS C 23 -10.32 -6.17 31.75
N CYS C 24 -10.50 -5.09 31.02
CA CYS C 24 -11.84 -4.76 30.56
C CYS C 24 -12.36 -5.74 29.59
N LEU C 25 -11.55 -6.11 28.60
CA LEU C 25 -11.97 -7.08 27.60
C LEU C 25 -12.35 -8.40 28.26
N GLN C 26 -11.67 -8.76 29.33
CA GLN C 26 -11.99 -9.98 30.05
C GLN C 26 -13.01 -9.78 31.15
N GLY C 27 -13.52 -8.56 31.33
CA GLY C 27 -14.60 -8.38 32.28
C GLY C 27 -14.21 -8.49 33.73
N GLU C 28 -12.96 -8.17 34.05
CA GLU C 28 -12.40 -7.99 35.38
C GLU C 28 -12.59 -6.57 35.90
N THR C 29 -13.11 -5.68 35.05
CA THR C 29 -13.62 -4.38 35.47
C THR C 29 -14.90 -4.17 34.70
N LYS C 30 -15.81 -3.41 35.29
CA LYS C 30 -17.06 -3.04 34.65
C LYS C 30 -17.16 -1.53 34.59
N GLU C 31 -17.92 -1.03 33.61
CA GLU C 31 -18.16 0.40 33.47
C GLU C 31 -16.84 1.16 33.35
N LYS C 32 -15.91 0.58 32.61
CA LYS C 32 -14.78 1.31 32.07
C LYS C 32 -15.03 1.51 30.58
N GLU C 33 -14.95 2.76 30.14
CA GLU C 33 -14.97 3.05 28.73
C GLU C 33 -13.60 3.51 28.30
N PHE C 34 -13.30 3.27 27.04
CA PHE C 34 -11.97 3.54 26.53
C PHE C 34 -12.00 4.38 25.26
N GLU C 35 -11.07 5.34 25.16
CA GLU C 35 -10.74 5.96 23.88
C GLU C 35 -9.29 5.65 23.61
N ILE C 36 -8.80 6.01 22.44
CA ILE C 36 -7.45 5.59 22.11
C ILE C 36 -6.68 6.79 21.59
N SER C 37 -5.45 6.97 22.08
CA SER C 37 -4.69 8.11 21.68
C SER C 37 -4.23 7.94 20.23
N ASN C 38 -4.31 9.02 19.47
CA ASN C 38 -3.95 8.96 18.03
C ASN C 38 -2.48 9.17 17.81
N VAL C 39 -1.68 8.38 18.49
CA VAL C 39 -0.23 8.33 18.31
C VAL C 39 0.13 7.14 17.44
N LEU C 40 1.24 7.25 16.70
CA LEU C 40 1.56 6.23 15.71
C LEU C 40 1.63 4.82 16.31
N PRO C 41 2.16 4.58 17.54
CA PRO C 41 2.23 3.20 18.06
C PRO C 41 0.89 2.57 18.31
N ASN C 42 -0.19 3.33 18.23
CA ASN C 42 -1.54 2.81 18.47
C ASN C 42 -2.30 2.60 17.18
N HIS C 43 -1.66 2.84 16.02
N HIS C 43 -1.69 2.83 16.01
CA HIS C 43 -2.39 2.83 14.75
CA HIS C 43 -2.57 2.85 14.83
C HIS C 43 -3.13 1.52 14.53
C HIS C 43 -3.19 1.49 14.51
N LYS C 44 -2.45 0.38 14.67
CA LYS C 44 -3.12 -0.90 14.43
C LYS C 44 -4.21 -1.15 15.49
N MET C 45 -3.93 -0.87 16.74
CA MET C 45 -4.92 -1.15 17.79
C MET C 45 -6.14 -0.30 17.58
N LYS C 46 -5.94 0.93 17.11
CA LYS C 46 -7.10 1.77 16.79
C LYS C 46 -7.89 1.16 15.65
N GLU C 47 -7.20 0.68 14.59
CA GLU C 47 -7.93 0.15 13.43
C GLU C 47 -8.74 -1.09 13.83
N LYS C 48 -8.10 -2.00 14.55
CA LYS C 48 -8.62 -3.33 14.86
C LYS C 48 -9.67 -3.31 15.99
N LEU C 49 -9.48 -2.47 16.98
CA LEU C 49 -10.30 -2.60 18.19
C LEU C 49 -11.24 -1.45 18.49
N PHE C 50 -11.09 -0.32 17.84
CA PHE C 50 -11.94 0.85 18.09
C PHE C 50 -12.73 1.24 16.85
N ARG C 51 -13.81 1.97 17.10
CA ARG C 51 -14.77 2.43 16.10
C ARG C 51 -15.31 3.75 16.64
N GLU C 52 -15.12 4.85 15.89
CA GLU C 52 -15.56 6.20 16.33
C GLU C 52 -14.96 6.53 17.69
N ASN C 53 -13.68 6.20 17.85
CA ASN C 53 -12.89 6.44 19.05
C ASN C 53 -13.55 5.82 20.29
N LYS C 54 -14.27 4.71 20.12
CA LYS C 54 -14.73 3.90 21.24
C LYS C 54 -14.38 2.43 21.00
N LEU C 55 -14.16 1.72 22.09
CA LEU C 55 -13.91 0.29 22.02
C LEU C 55 -15.06 -0.46 21.35
N LYS C 56 -14.72 -1.32 20.38
CA LYS C 56 -15.74 -2.07 19.66
C LYS C 56 -16.41 -3.03 20.64
N ILE C 57 -17.72 -3.21 20.50
CA ILE C 57 -18.42 -4.04 21.47
C ILE C 57 -18.26 -5.52 21.16
N ASP C 58 -17.79 -5.85 19.96
CA ASP C 58 -17.92 -7.22 19.47
C ASP C 58 -16.56 -7.91 19.43
N ILE C 59 -15.66 -7.53 20.33
CA ILE C 59 -14.30 -8.09 20.32
C ILE C 59 -14.31 -9.42 21.08
N ASP C 60 -13.86 -10.48 20.44
CA ASP C 60 -13.61 -11.76 21.11
C ASP C 60 -12.12 -11.99 21.00
N ILE C 61 -11.40 -11.95 22.14
CA ILE C 61 -9.93 -12.01 22.04
C ILE C 61 -9.49 -13.25 21.26
N GLU C 62 -9.91 -14.42 21.71
CA GLU C 62 -9.42 -15.66 21.10
C GLU C 62 -9.75 -15.71 19.61
N LYS C 63 -10.99 -15.38 19.24
CA LYS C 63 -11.41 -15.60 17.86
C LYS C 63 -10.98 -14.43 16.95
N ASP C 64 -11.05 -13.20 17.44
CA ASP C 64 -10.74 -12.04 16.59
C ASP C 64 -9.31 -11.58 16.68
N ILE C 65 -8.72 -11.63 17.86
CA ILE C 65 -7.36 -11.15 17.95
C ILE C 65 -6.37 -12.28 17.65
N PHE C 66 -6.68 -13.50 18.10
CA PHE C 66 -5.77 -14.60 17.88
C PHE C 66 -6.23 -15.58 16.82
N ASN C 67 -7.39 -15.35 16.18
CA ASN C 67 -7.78 -16.18 15.03
C ASN C 67 -7.86 -17.66 15.37
N TYR C 68 -8.30 -17.98 16.59
CA TYR C 68 -8.43 -19.37 17.01
C TYR C 68 -9.40 -20.12 16.12
N SER C 69 -8.97 -21.30 15.69
CA SER C 69 -9.80 -22.12 14.81
C SER C 69 -9.65 -23.60 15.13
N ARG C 70 -9.02 -23.96 16.26
CA ARG C 70 -8.76 -25.38 16.61
C ARG C 70 -7.86 -26.02 15.56
N LYS C 71 -6.97 -25.20 15.02
CA LYS C 71 -5.93 -25.63 14.09
C LYS C 71 -5.04 -26.70 14.71
N ASN C 72 -4.75 -27.74 13.92
CA ASN C 72 -3.85 -28.77 14.43
C ASN C 72 -2.40 -28.32 14.39
N ILE C 73 -1.70 -28.59 15.50
CA ILE C 73 -0.31 -28.20 15.72
C ILE C 73 0.53 -29.44 16.01
N GLN C 74 1.71 -29.55 15.38
CA GLN C 74 2.55 -30.75 15.57
C GLN C 74 3.95 -30.48 16.12
N LYS C 75 4.33 -29.23 16.24
CA LYS C 75 5.62 -28.85 16.76
C LYS C 75 5.59 -27.36 17.03
N ILE C 76 6.56 -26.90 17.81
CA ILE C 76 6.66 -25.53 18.27
C ILE C 76 8.11 -25.11 18.13
N GLU C 77 8.37 -24.04 17.36
CA GLU C 77 9.68 -23.43 17.33
C GLU C 77 9.66 -22.22 18.25
N PHE C 78 10.84 -21.87 18.81
CA PHE C 78 10.82 -20.83 19.83
C PHE C 78 10.55 -19.46 19.25
N MET C 79 11.25 -19.13 18.16
CA MET C 79 11.14 -17.81 17.52
C MET C 79 11.40 -17.94 16.00
N PRO C 80 10.44 -18.42 15.30
CA PRO C 80 10.53 -18.49 13.83
C PRO C 80 10.45 -17.09 13.24
N VAL C 81 11.57 -16.56 12.69
CA VAL C 81 11.61 -15.12 12.40
C VAL C 81 10.63 -14.71 11.29
N ASN C 82 10.23 -15.67 10.45
CA ASN C 82 9.22 -15.36 9.45
C ASN C 82 7.87 -15.10 10.08
N ARG C 83 7.64 -15.51 11.34
CA ARG C 83 6.36 -15.24 11.97
C ARG C 83 6.30 -13.89 12.71
N LEU C 84 7.44 -13.14 12.80
CA LEU C 84 7.49 -11.88 13.52
C LEU C 84 7.02 -10.71 12.68
N ILE C 85 6.72 -10.94 11.40
CA ILE C 85 6.32 -9.85 10.53
C ILE C 85 5.09 -10.30 9.79
N SER C 86 4.09 -9.44 9.74
CA SER C 86 2.82 -9.79 9.13
C SER C 86 2.77 -9.32 7.69
N GLN C 87 1.80 -9.84 6.95
CA GLN C 87 1.59 -9.37 5.58
C GLN C 87 1.19 -7.90 5.57
N SER C 88 0.36 -7.47 6.53
CA SER C 88 0.01 -6.05 6.61
C SER C 88 1.26 -5.17 6.71
N GLU C 89 2.18 -5.53 7.60
CA GLU C 89 3.42 -4.79 7.73
C GLU C 89 4.18 -4.79 6.41
N ILE C 90 4.23 -5.92 5.74
CA ILE C 90 4.99 -5.97 4.48
C ILE C 90 4.37 -5.05 3.44
N ASP C 91 3.04 -5.10 3.31
CA ASP C 91 2.37 -4.22 2.36
C ASP C 91 2.67 -2.76 2.66
N GLY C 92 2.69 -2.40 3.93
CA GLY C 92 2.98 -1.02 4.27
C GLY C 92 4.43 -0.64 4.02
N ILE C 93 5.35 -1.58 4.31
CA ILE C 93 6.77 -1.35 4.05
C ILE C 93 7.04 -1.19 2.57
N ILE C 94 6.41 -2.01 1.73
CA ILE C 94 6.63 -1.81 0.28
C ILE C 94 6.12 -0.43 -0.15
N GLY C 95 4.95 -0.06 0.34
CA GLY C 95 4.44 1.28 0.11
C GLY C 95 5.38 2.39 0.52
N THR C 96 5.99 2.28 1.69
CA THR C 96 6.87 3.36 2.03
C THR C 96 8.21 3.24 1.32
N LEU C 97 8.64 2.03 0.95
CA LEU C 97 9.89 1.97 0.17
C LEU C 97 9.69 2.61 -1.21
N LYS C 98 8.45 2.63 -1.72
CA LYS C 98 8.25 3.25 -3.03
C LYS C 98 8.39 4.76 -2.96
N GLU C 99 8.11 5.33 -1.80
CA GLU C 99 8.30 6.77 -1.55
C GLU C 99 9.75 7.12 -1.22
N VAL C 100 10.43 6.30 -0.41
CA VAL C 100 11.77 6.66 -0.01
C VAL C 100 12.79 6.37 -1.11
N LEU C 101 12.66 5.25 -1.83
CA LEU C 101 13.75 4.93 -2.77
C LEU C 101 14.03 6.03 -3.78
N PRO C 102 12.99 6.64 -4.43
CA PRO C 102 13.40 7.66 -5.40
C PRO C 102 14.03 8.90 -4.83
N THR C 103 13.94 9.15 -3.55
CA THR C 103 14.60 10.29 -2.93
C THR C 103 16.13 10.15 -2.90
N GLY C 104 16.59 8.93 -3.00
CA GLY C 104 18.00 8.70 -2.85
C GLY C 104 18.58 8.98 -1.46
N GLN C 105 17.71 9.29 -0.49
CA GLN C 105 18.16 9.61 0.88
C GLN C 105 18.11 8.33 1.73
N PHE C 106 19.26 7.66 1.95
CA PHE C 106 19.13 6.33 2.55
C PHE C 106 19.81 6.19 3.87
N THR C 107 20.84 7.05 4.06
CA THR C 107 21.54 7.22 5.32
C THR C 107 21.03 8.50 5.99
N SER C 108 21.51 9.68 5.65
CA SER C 108 20.91 10.89 6.18
C SER C 108 19.56 11.12 5.52
N GLY C 109 18.61 11.66 6.28
CA GLY C 109 17.31 12.02 5.71
C GLY C 109 16.16 12.28 6.67
N PRO C 110 14.98 12.64 6.14
CA PRO C 110 13.96 13.23 6.99
C PRO C 110 13.12 12.23 7.78
N PHE C 111 13.07 10.95 7.38
CA PHE C 111 12.29 9.99 8.16
C PHE C 111 13.01 9.75 9.48
N SER C 112 14.34 9.83 9.50
CA SER C 112 15.03 9.68 10.79
C SER C 112 14.55 10.68 11.82
N LYS C 113 14.42 11.96 11.41
CA LYS C 113 13.88 12.97 12.30
C LYS C 113 12.49 12.62 12.75
N LYS C 114 11.63 12.18 11.82
CA LYS C 114 10.24 11.86 12.17
C LYS C 114 10.20 10.72 13.17
N LEU C 115 11.10 9.73 13.00
CA LEU C 115 11.05 8.64 13.96
C LEU C 115 11.55 9.08 15.34
N GLU C 116 12.54 9.97 15.38
CA GLU C 116 13.02 10.55 16.62
C GLU C 116 11.89 11.30 17.33
N GLU C 117 11.03 11.99 16.56
CA GLU C 117 9.91 12.71 17.14
C GLU C 117 8.86 11.75 17.68
N VAL C 118 8.54 10.71 16.91
CA VAL C 118 7.58 9.71 17.40
C VAL C 118 8.08 9.07 18.68
N ILE C 119 9.37 8.70 18.71
CA ILE C 119 9.88 8.02 19.91
C ILE C 119 9.93 8.99 21.08
N GLY C 120 10.29 10.25 20.82
CA GLY C 120 10.30 11.20 21.89
C GLY C 120 8.93 11.41 22.46
N ASP C 121 7.90 11.47 21.59
CA ASP C 121 6.54 11.63 22.10
C ASP C 121 6.11 10.40 22.90
N TYR C 122 6.49 9.22 22.42
CA TYR C 122 6.04 7.99 23.08
C TYR C 122 6.73 7.79 24.41
N LEU C 123 7.98 8.23 24.54
CA LEU C 123 8.68 8.07 25.80
C LEU C 123 8.55 9.31 26.70
N ASN C 124 7.84 10.33 26.26
CA ASN C 124 7.76 11.61 26.98
C ASN C 124 9.15 12.14 27.33
N LYS C 125 10.02 12.19 26.31
CA LYS C 125 11.37 12.71 26.49
C LYS C 125 11.70 13.72 25.39
N LYS C 126 12.54 14.68 25.75
CA LYS C 126 12.79 15.86 24.92
C LYS C 126 13.67 15.60 23.71
N TYR C 127 14.71 14.80 23.86
CA TYR C 127 15.73 14.54 22.84
C TYR C 127 15.86 13.05 22.51
N VAL C 128 15.90 12.74 21.21
CA VAL C 128 16.09 11.37 20.73
C VAL C 128 17.11 11.40 19.59
N ILE C 129 18.14 10.60 19.73
CA ILE C 129 19.10 10.38 18.65
C ILE C 129 18.87 8.95 18.15
N ALA C 130 18.34 8.79 16.94
CA ALA C 130 18.13 7.45 16.43
C ALA C 130 19.44 6.89 15.87
N THR C 131 19.78 5.67 16.25
CA THR C 131 21.12 5.11 15.98
C THR C 131 21.05 3.87 15.09
N SER C 132 22.26 3.35 14.76
CA SER C 132 22.37 2.24 13.89
C SER C 132 22.18 0.90 14.61
N SER C 133 22.16 0.91 15.93
CA SER C 133 21.85 -0.29 16.70
C SER C 133 21.72 0.13 18.16
N GLY C 134 21.17 -0.75 18.96
CA GLY C 134 21.21 -0.48 20.39
C GLY C 134 22.62 -0.53 20.98
N THR C 135 23.44 -1.43 20.49
CA THR C 135 24.81 -1.50 20.97
C THR C 135 25.50 -0.15 20.70
N ASP C 136 25.33 0.38 19.47
CA ASP C 136 25.93 1.68 19.16
C ASP C 136 25.36 2.79 20.08
N ALA C 137 24.05 2.79 20.28
CA ALA C 137 23.44 3.75 21.17
C ALA C 137 24.10 3.72 22.55
N LEU C 138 24.35 2.50 23.09
CA LEU C 138 24.95 2.41 24.42
C LEU C 138 26.41 2.89 24.41
N MET C 139 27.18 2.54 23.37
CA MET C 139 28.57 3.03 23.27
C MET C 139 28.60 4.56 23.25
N VAL C 140 27.77 5.18 22.41
CA VAL C 140 27.76 6.63 22.27
C VAL C 140 27.34 7.28 23.56
N SER C 141 26.32 6.70 24.21
N SER C 141 26.31 6.72 24.21
CA SER C 141 25.80 7.27 25.46
CA SER C 141 25.79 7.30 25.44
C SER C 141 26.85 7.27 26.53
C SER C 141 26.85 7.28 26.54
N LEU C 142 27.63 6.19 26.61
CA LEU C 142 28.68 6.12 27.61
C LEU C 142 29.74 7.18 27.35
N LEU C 143 30.12 7.36 26.07
CA LEU C 143 31.04 8.46 25.79
C LEU C 143 30.44 9.81 26.16
N SER C 144 29.15 10.00 25.89
CA SER C 144 28.54 11.28 26.18
C SER C 144 28.56 11.66 27.64
N ILE C 145 28.51 10.67 28.56
CA ILE C 145 28.59 11.09 29.94
C ILE C 145 30.01 11.14 30.45
N GLY C 146 30.98 10.95 29.55
CA GLY C 146 32.34 11.24 29.86
C GLY C 146 33.15 10.05 30.23
N ILE C 147 32.70 8.85 29.87
CA ILE C 147 33.42 7.65 30.26
C ILE C 147 34.79 7.68 29.60
N GLN C 148 35.83 7.45 30.39
CA GLN C 148 37.20 7.32 29.88
C GLN C 148 37.69 5.90 30.08
N PRO C 149 38.71 5.46 29.35
CA PRO C 149 39.25 4.11 29.58
C PRO C 149 39.63 3.96 31.04
N GLY C 150 39.21 2.83 31.62
CA GLY C 150 39.50 2.55 33.01
C GLY C 150 38.36 2.90 33.95
N ASP C 151 37.36 3.67 33.49
CA ASP C 151 36.24 3.98 34.37
C ASP C 151 35.40 2.72 34.58
N GLU C 152 34.75 2.63 35.73
CA GLU C 152 33.93 1.45 36.02
C GLU C 152 32.44 1.73 35.75
N VAL C 153 31.73 0.69 35.31
CA VAL C 153 30.31 0.79 35.02
C VAL C 153 29.69 -0.40 35.74
N ILE C 154 28.81 -0.10 36.71
CA ILE C 154 28.15 -1.18 37.48
C ILE C 154 26.97 -1.71 36.66
N MET C 155 26.87 -3.03 36.55
CA MET C 155 25.85 -3.64 35.68
C MET C 155 25.65 -5.09 36.12
N PRO C 156 24.57 -5.73 35.67
CA PRO C 156 24.34 -7.15 35.99
C PRO C 156 25.10 -8.03 34.99
N ALA C 157 25.22 -9.34 35.32
CA ALA C 157 26.00 -10.30 34.56
C ALA C 157 25.15 -11.25 33.73
N ASN C 158 23.85 -10.94 33.57
CA ASN C 158 22.92 -11.87 32.96
C ASN C 158 22.23 -11.22 31.76
N SER C 159 22.80 -10.15 31.21
CA SER C 159 22.23 -9.53 30.00
C SER C 159 22.87 -10.14 28.74
N PHE C 160 22.29 -9.80 27.58
CA PHE C 160 22.95 -10.08 26.32
C PHE C 160 24.32 -9.45 26.33
N ALA C 161 25.24 -10.08 25.57
CA ALA C 161 26.62 -9.64 25.57
C ALA C 161 26.77 -8.21 25.10
N ALA C 162 25.79 -7.67 24.33
CA ALA C 162 25.96 -6.31 23.90
C ALA C 162 26.18 -5.31 25.04
N THR C 163 25.53 -5.52 26.20
CA THR C 163 25.57 -4.55 27.29
C THR C 163 27.01 -4.39 27.79
N GLU C 164 27.65 -5.50 28.11
CA GLU C 164 29.04 -5.46 28.52
C GLU C 164 29.96 -5.06 27.37
N ASN C 165 29.63 -5.47 26.13
CA ASN C 165 30.49 -5.15 24.99
C ASN C 165 30.60 -3.66 24.77
N ALA C 166 29.48 -2.92 24.86
CA ALA C 166 29.59 -1.45 24.70
C ALA C 166 30.52 -0.80 25.72
N VAL C 167 30.46 -1.24 26.98
CA VAL C 167 31.38 -0.78 28.03
C VAL C 167 32.82 -1.12 27.68
N LEU C 168 33.04 -2.34 27.24
CA LEU C 168 34.42 -2.78 26.96
C LEU C 168 34.98 -2.10 25.72
N ALA C 169 34.13 -1.87 24.69
CA ALA C 169 34.62 -1.33 23.42
C ALA C 169 35.24 0.05 23.57
N ILE C 170 34.78 0.84 24.53
CA ILE C 170 35.34 2.17 24.76
C ILE C 170 36.38 2.16 25.87
N GLY C 171 36.78 0.98 26.31
CA GLY C 171 37.88 0.82 27.26
C GLY C 171 37.48 0.87 28.72
N ALA C 172 36.18 0.92 29.02
CA ALA C 172 35.71 0.94 30.40
C ALA C 172 35.59 -0.48 30.96
N LYS C 173 35.34 -0.57 32.28
CA LYS C 173 35.40 -1.86 32.97
C LYS C 173 34.05 -2.21 33.57
N PRO C 174 33.38 -3.30 33.13
CA PRO C 174 32.18 -3.77 33.84
C PRO C 174 32.49 -4.14 35.28
N VAL C 175 31.60 -3.76 36.19
CA VAL C 175 31.73 -4.18 37.59
C VAL C 175 30.40 -4.87 37.89
N PHE C 176 30.44 -6.20 38.04
CA PHE C 176 29.21 -6.95 38.09
C PHE C 176 28.61 -7.02 39.48
N VAL C 177 27.29 -6.87 39.54
CA VAL C 177 26.52 -6.88 40.79
C VAL C 177 25.38 -7.90 40.60
N ASP C 178 25.05 -8.57 41.68
CA ASP C 178 24.09 -9.67 41.67
C ASP C 178 22.67 -9.16 41.40
N ILE C 179 21.82 -10.06 40.92
CA ILE C 179 20.41 -9.74 40.66
C ILE C 179 19.60 -9.96 41.93
N ASP C 180 18.38 -9.43 41.93
CA ASP C 180 17.48 -9.59 43.07
C ASP C 180 16.82 -10.97 43.01
N HIS C 181 15.91 -11.21 43.95
CA HIS C 181 15.25 -12.51 44.07
C HIS C 181 13.85 -12.54 43.50
N LYS C 182 13.50 -11.66 42.57
CA LYS C 182 12.11 -11.67 42.14
C LYS C 182 11.91 -11.22 40.72
N SER C 183 12.96 -10.69 40.06
CA SER C 183 12.64 -9.99 38.81
C SER C 183 13.70 -10.12 37.75
N TYR C 184 14.79 -10.79 38.02
CA TYR C 184 15.94 -10.94 37.10
C TYR C 184 16.74 -9.68 36.94
N CYS C 185 16.46 -8.68 37.75
CA CYS C 185 17.07 -7.37 37.53
C CYS C 185 18.10 -7.11 38.63
N ILE C 186 18.99 -6.17 38.35
CA ILE C 186 20.07 -5.85 39.29
C ILE C 186 19.50 -5.48 40.65
N ASP C 187 20.12 -5.98 41.69
CA ASP C 187 19.65 -5.83 43.08
C ASP C 187 20.07 -4.44 43.58
N PRO C 188 19.16 -3.49 43.76
CA PRO C 188 19.62 -2.15 44.21
C PRO C 188 20.39 -2.22 45.52
N LEU C 189 20.14 -3.24 46.34
CA LEU C 189 20.82 -3.28 47.63
C LEU C 189 22.25 -3.77 47.53
N LYS C 190 22.69 -4.21 46.37
CA LYS C 190 24.07 -4.66 46.17
C LYS C 190 24.92 -3.63 45.41
N ILE C 191 24.33 -2.50 45.00
CA ILE C 191 25.06 -1.55 44.16
C ILE C 191 26.04 -0.72 44.96
N GLU C 192 25.62 -0.16 46.10
CA GLU C 192 26.51 0.78 46.81
C GLU C 192 27.86 0.16 47.18
N GLU C 193 27.84 -1.10 47.64
CA GLU C 193 29.07 -1.77 48.01
C GLU C 193 30.03 -1.95 46.84
N ALA C 194 29.56 -1.85 45.59
CA ALA C 194 30.46 -2.01 44.47
C ALA C 194 31.01 -0.68 43.96
N ILE C 195 30.54 0.44 44.50
CA ILE C 195 31.02 1.75 44.06
C ILE C 195 32.45 1.95 44.54
N THR C 196 33.32 2.44 43.62
CA THR C 196 34.66 2.88 43.92
C THR C 196 34.87 4.29 43.36
N GLN C 197 36.06 4.82 43.61
CA GLN C 197 36.40 6.10 43.01
C GLN C 197 36.36 6.08 41.48
N LYS C 198 36.46 4.89 40.86
CA LYS C 198 36.41 4.75 39.40
C LYS C 198 35.00 4.67 38.85
N THR C 199 33.98 4.40 39.69
CA THR C 199 32.64 4.28 39.15
C THR C 199 32.17 5.59 38.54
N LYS C 200 31.60 5.48 37.37
CA LYS C 200 31.02 6.61 36.69
C LYS C 200 29.58 6.41 36.28
N CYS C 201 29.08 5.17 36.26
CA CYS C 201 27.75 4.98 35.72
C CYS C 201 27.17 3.72 36.36
N ILE C 202 25.85 3.73 36.59
CA ILE C 202 25.12 2.49 36.83
C ILE C 202 24.34 2.18 35.58
N LEU C 203 24.43 0.91 35.10
CA LEU C 203 23.83 0.41 33.83
C LEU C 203 22.85 -0.72 34.14
N PRO C 204 21.67 -0.39 34.68
CA PRO C 204 20.64 -1.40 34.92
C PRO C 204 20.09 -1.86 33.58
N VAL C 205 19.69 -3.11 33.52
CA VAL C 205 19.07 -3.69 32.33
C VAL C 205 17.64 -4.08 32.64
N HIS C 206 16.70 -3.59 31.82
CA HIS C 206 15.30 -3.96 32.01
C HIS C 206 15.06 -5.29 31.33
N LEU C 207 15.62 -6.34 31.93
CA LEU C 207 15.73 -7.61 31.28
C LEU C 207 14.36 -8.28 31.02
N TYR C 208 14.23 -8.85 29.84
CA TYR C 208 13.08 -9.63 29.38
C TYR C 208 11.84 -8.76 29.18
N GLY C 209 11.98 -7.45 29.28
CA GLY C 209 10.80 -6.57 29.20
C GLY C 209 10.35 -6.00 30.53
N LYS C 210 11.03 -6.32 31.62
CA LYS C 210 10.58 -5.96 32.97
C LYS C 210 11.46 -4.83 33.48
N GLN C 211 10.89 -3.79 34.09
CA GLN C 211 11.77 -2.72 34.60
C GLN C 211 12.42 -3.08 35.92
N CYS C 212 13.65 -2.60 36.08
CA CYS C 212 14.33 -2.62 37.37
C CYS C 212 13.69 -1.62 38.34
N ASP C 213 14.12 -1.65 39.59
CA ASP C 213 13.62 -0.75 40.65
C ASP C 213 14.39 0.58 40.57
N MET C 214 13.92 1.44 39.69
CA MET C 214 14.72 2.60 39.30
C MET C 214 14.69 3.67 40.36
N LYS C 215 13.61 3.74 41.14
CA LYS C 215 13.61 4.75 42.19
C LYS C 215 14.74 4.49 43.17
N ARG C 216 14.89 3.24 43.64
CA ARG C 216 15.98 2.94 44.56
C ARG C 216 17.35 3.14 43.90
N ILE C 217 17.49 2.77 42.65
CA ILE C 217 18.80 2.93 42.03
C ILE C 217 19.12 4.41 41.92
N ARG C 218 18.11 5.25 41.67
CA ARG C 218 18.35 6.68 41.57
C ARG C 218 18.75 7.26 42.93
N GLU C 219 18.17 6.74 44.02
CA GLU C 219 18.55 7.21 45.36
C GLU C 219 20.04 7.04 45.60
N ILE C 220 20.58 5.88 45.24
CA ILE C 220 22.01 5.59 45.39
C ILE C 220 22.84 6.49 44.47
N ALA C 221 22.46 6.56 43.19
CA ALA C 221 23.18 7.36 42.20
C ALA C 221 23.33 8.81 42.63
N ASP C 222 22.25 9.40 43.15
CA ASP C 222 22.31 10.76 43.63
C ASP C 222 23.31 10.93 44.77
N VAL C 223 23.33 9.98 45.71
CA VAL C 223 24.28 10.09 46.83
C VAL C 223 25.72 10.13 46.32
N TYR C 224 26.04 9.31 45.31
CA TYR C 224 27.40 9.18 44.82
C TYR C 224 27.66 9.95 43.53
N GLN C 225 26.75 10.84 43.13
CA GLN C 225 26.90 11.65 41.91
C GLN C 225 27.22 10.79 40.69
N LEU C 226 26.46 9.72 40.53
CA LEU C 226 26.60 8.81 39.41
C LEU C 226 25.50 9.05 38.39
N ARG C 227 25.85 8.84 37.13
CA ARG C 227 24.87 8.79 36.06
C ARG C 227 24.22 7.42 36.03
N ILE C 228 23.01 7.38 35.47
CA ILE C 228 22.30 6.15 35.16
C ILE C 228 22.01 6.13 33.66
N ILE C 229 22.50 5.10 32.96
CA ILE C 229 22.08 4.85 31.60
C ILE C 229 21.31 3.56 31.67
N GLU C 230 20.07 3.58 31.20
CA GLU C 230 19.23 2.39 31.37
C GLU C 230 19.29 1.62 30.04
N ASP C 231 19.58 0.30 30.12
CA ASP C 231 19.47 -0.58 28.95
C ASP C 231 18.05 -1.07 28.86
N ALA C 232 17.28 -0.33 28.05
CA ALA C 232 15.88 -0.61 27.82
C ALA C 232 15.69 -1.24 26.47
N CYS C 233 16.69 -1.96 26.00
CA CYS C 233 16.60 -2.49 24.65
C CYS C 233 15.49 -3.56 24.51
N GLN C 234 15.00 -4.12 25.61
CA GLN C 234 13.98 -5.15 25.52
C GLN C 234 12.64 -4.60 26.01
N ALA C 235 12.57 -3.31 26.37
CA ALA C 235 11.45 -2.86 27.19
C ALA C 235 10.58 -1.75 26.57
N ILE C 236 10.63 -1.55 25.25
CA ILE C 236 9.82 -0.47 24.65
C ILE C 236 8.33 -0.69 24.97
N GLY C 237 7.68 0.43 25.39
CA GLY C 237 6.29 0.43 25.75
C GLY C 237 6.06 0.30 27.22
N SER C 238 7.11 -0.03 28.00
CA SER C 238 6.89 -0.14 29.43
C SER C 238 6.53 1.21 30.05
N SER C 239 5.41 1.27 30.80
CA SER C 239 4.97 2.57 31.31
C SER C 239 6.01 3.24 32.18
N ASN C 240 6.15 4.57 32.00
CA ASN C 240 7.06 5.44 32.76
C ASN C 240 8.53 5.06 32.62
N LEU C 241 8.88 4.36 31.57
CA LEU C 241 10.28 4.11 31.25
C LEU C 241 11.11 5.39 31.28
N GLY C 242 12.23 5.36 32.03
CA GLY C 242 13.19 6.45 31.97
C GLY C 242 13.01 7.52 33.02
N GLU C 243 11.98 7.38 33.88
CA GLU C 243 11.60 8.48 34.74
C GLU C 243 12.79 8.92 35.57
N TYR C 244 13.65 7.98 35.96
CA TYR C 244 14.75 8.30 36.84
C TYR C 244 16.11 8.20 36.16
N GLY C 245 16.17 7.90 34.86
CA GLY C 245 17.46 7.68 34.17
C GLY C 245 17.97 8.94 33.48
N ASP C 246 19.29 9.09 33.47
CA ASP C 246 19.87 10.17 32.64
C ASP C 246 19.61 9.93 31.16
N ILE C 247 19.95 8.72 30.66
CA ILE C 247 19.77 8.36 29.27
C ILE C 247 19.11 6.99 29.25
N ILE C 248 18.20 6.77 28.29
CA ILE C 248 17.57 5.45 28.07
C ILE C 248 17.99 4.96 26.69
N ILE C 249 18.39 3.69 26.59
CA ILE C 249 18.81 3.11 25.31
C ILE C 249 17.71 2.18 24.85
N LEU C 250 17.35 2.29 23.58
CA LEU C 250 16.48 1.35 22.94
C LEU C 250 17.17 0.64 21.80
N SER C 251 16.66 -0.56 21.51
CA SER C 251 17.01 -1.32 20.32
C SER C 251 15.76 -1.51 19.47
N PHE C 252 15.90 -1.32 18.17
CA PHE C 252 14.82 -1.66 17.24
C PHE C 252 15.23 -2.86 16.36
N ASN C 253 16.07 -3.75 16.91
CA ASN C 253 16.38 -4.97 16.15
C ASN C 253 15.10 -5.75 15.83
N PRO C 254 15.07 -6.54 14.73
CA PRO C 254 13.80 -7.11 14.25
C PRO C 254 13.13 -8.04 15.22
N TYR C 255 13.86 -8.56 16.18
CA TYR C 255 13.21 -9.45 17.15
C TYR C 255 12.68 -8.71 18.34
N LYS C 256 12.86 -7.41 18.45
CA LYS C 256 12.33 -6.73 19.64
C LYS C 256 10.82 -6.53 19.53
N ASN C 257 10.24 -5.99 20.60
CA ASN C 257 8.79 -5.83 20.63
C ASN C 257 8.35 -4.89 19.53
N PHE C 258 9.21 -3.88 19.22
CA PHE C 258 9.13 -3.08 18.01
C PHE C 258 10.50 -3.21 17.33
N GLY C 259 10.49 -3.58 16.06
CA GLY C 259 11.74 -3.59 15.30
C GLY C 259 11.56 -3.02 13.91
N VAL C 260 12.71 -2.69 13.31
CA VAL C 260 12.76 -2.32 11.89
C VAL C 260 13.13 -3.56 11.06
N CYS C 261 13.71 -3.37 9.84
CA CYS C 261 14.05 -4.52 8.99
C CYS C 261 15.57 -4.52 8.77
N GLY C 262 16.29 -4.53 9.88
CA GLY C 262 17.74 -4.38 9.93
C GLY C 262 18.08 -3.88 11.32
N LYS C 263 19.27 -3.33 11.45
CA LYS C 263 19.69 -2.84 12.71
C LYS C 263 19.37 -1.37 12.94
N ALA C 264 18.94 -1.06 14.16
CA ALA C 264 18.66 0.30 14.56
C ALA C 264 18.44 0.38 16.06
N GLY C 265 18.57 1.58 16.60
CA GLY C 265 18.22 1.79 18.01
C GLY C 265 18.06 3.26 18.28
N ALA C 266 18.06 3.61 19.60
CA ALA C 266 17.97 5.01 19.90
C ALA C 266 18.48 5.36 21.28
N ILE C 267 18.89 6.62 21.40
CA ILE C 267 19.31 7.26 22.65
C ILE C 267 18.21 8.25 23.01
N VAL C 268 17.70 8.21 24.25
CA VAL C 268 16.59 9.08 24.64
C VAL C 268 16.97 9.79 25.93
N THR C 269 16.82 11.11 26.01
CA THR C 269 17.21 11.83 27.21
C THR C 269 16.46 13.15 27.30
N ASN C 270 16.33 13.69 28.52
CA ASN C 270 15.90 15.09 28.65
C ASN C 270 17.08 16.08 28.72
N ASN C 271 18.31 15.57 28.81
CA ASN C 271 19.43 16.41 29.15
C ASN C 271 20.05 16.93 27.83
N GLU C 272 19.90 18.24 27.54
CA GLU C 272 20.38 18.81 26.26
C GLU C 272 21.89 18.64 26.07
N ASN C 273 22.69 18.85 27.12
CA ASN C 273 24.12 18.65 26.99
C ASN C 273 24.44 17.21 26.55
N LEU C 274 23.88 16.22 27.25
CA LEU C 274 24.18 14.87 26.81
C LEU C 274 23.65 14.62 25.41
N ALA C 275 22.47 15.17 25.06
CA ALA C 275 21.91 14.90 23.76
C ALA C 275 22.82 15.44 22.63
N ILE C 276 23.32 16.65 22.83
CA ILE C 276 24.26 17.24 21.87
C ILE C 276 25.51 16.36 21.72
N ARG C 277 26.13 15.99 22.84
CA ARG C 277 27.31 15.13 22.74
C ARG C 277 26.99 13.78 22.09
N CYS C 278 25.81 13.17 22.41
CA CYS C 278 25.43 11.95 21.71
C CYS C 278 25.36 12.16 20.20
N ASN C 279 24.74 13.27 19.78
CA ASN C 279 24.59 13.57 18.36
C ASN C 279 25.95 13.69 17.73
N GLN C 280 26.86 14.33 18.43
CA GLN C 280 28.25 14.50 17.91
C GLN C 280 29.00 13.16 17.86
N TYR C 281 28.99 12.37 18.97
CA TYR C 281 29.72 11.10 18.92
C TYR C 281 29.09 10.09 17.96
N SER C 282 27.80 10.20 17.66
CA SER C 282 27.16 9.20 16.82
C SER C 282 27.47 9.51 15.36
N TYR C 283 28.11 10.65 15.09
CA TYR C 283 28.44 10.96 13.71
C TYR C 283 29.84 11.62 13.65
N HIS C 284 30.86 10.79 13.88
CA HIS C 284 32.27 11.14 13.60
C HIS C 284 32.83 12.29 14.43
N GLY C 285 32.08 12.77 15.45
CA GLY C 285 32.57 13.85 16.29
C GLY C 285 32.34 15.21 15.64
N PHE C 286 31.61 15.22 14.53
CA PHE C 286 31.28 16.48 13.86
C PHE C 286 30.34 17.30 14.72
N GLU C 287 30.52 18.63 14.65
CA GLU C 287 29.54 19.54 15.18
C GLU C 287 28.21 19.26 14.49
N VAL C 288 27.11 19.42 15.25
CA VAL C 288 25.77 19.11 14.76
C VAL C 288 25.46 19.92 13.49
N ASP C 289 25.09 19.21 12.42
CA ASP C 289 24.78 19.76 11.12
C ASP C 289 25.99 20.39 10.48
N LYS C 290 27.20 20.05 10.93
CA LYS C 290 28.41 20.59 10.30
C LYS C 290 29.27 19.43 9.84
N LYS C 291 28.85 18.77 8.77
CA LYS C 291 29.62 17.64 8.28
C LYS C 291 31.08 18.01 7.99
N ASN C 292 31.98 17.10 8.37
CA ASN C 292 33.42 17.13 8.14
C ASN C 292 34.14 18.14 9.04
N LYS C 293 33.45 18.76 10.01
CA LYS C 293 34.06 19.71 10.93
C LYS C 293 33.94 19.12 12.33
N LYS C 294 35.04 18.55 12.88
CA LYS C 294 35.00 17.91 14.20
C LYS C 294 35.02 18.94 15.34
N VAL C 295 34.19 18.66 16.36
CA VAL C 295 34.27 19.40 17.63
C VAL C 295 34.66 18.46 18.76
N LEU C 296 34.34 17.16 18.63
CA LEU C 296 34.81 16.17 19.60
C LEU C 296 35.99 15.44 18.97
N ASP C 297 36.79 14.76 19.77
CA ASP C 297 38.01 14.21 19.23
C ASP C 297 37.85 13.15 18.19
N PHE C 298 36.77 12.41 18.27
CA PHE C 298 36.47 11.35 17.32
C PHE C 298 34.98 11.05 17.44
N GLY C 299 34.51 10.21 16.56
CA GLY C 299 33.20 9.61 16.76
C GLY C 299 33.04 8.39 15.89
N PHE C 300 31.79 7.88 15.84
CA PHE C 300 31.43 6.65 15.11
C PHE C 300 30.53 6.99 13.92
N ASN C 301 30.16 5.97 13.13
CA ASN C 301 29.20 6.19 12.02
C ASN C 301 27.95 5.45 12.45
N SER C 302 27.21 6.07 13.35
CA SER C 302 26.21 5.34 14.14
C SER C 302 24.83 5.97 14.20
N LYS C 303 24.46 6.78 13.23
CA LYS C 303 23.05 7.19 13.17
C LYS C 303 22.25 6.11 12.48
N ILE C 304 20.91 6.16 12.66
CA ILE C 304 20.04 5.26 11.92
C ILE C 304 20.09 5.56 10.42
N ASP C 305 19.87 4.55 9.62
CA ASP C 305 19.59 4.71 8.20
C ASP C 305 18.20 5.31 8.03
N ASN C 306 18.11 6.35 7.20
CA ASN C 306 16.80 6.91 6.80
C ASN C 306 15.82 5.84 6.34
N LEU C 307 16.33 4.86 5.57
CA LEU C 307 15.49 3.78 5.08
C LEU C 307 14.93 2.98 6.24
N GLN C 308 15.75 2.64 7.24
CA GLN C 308 15.21 1.89 8.37
C GLN C 308 14.27 2.74 9.16
N ALA C 309 14.56 4.05 9.29
CA ALA C 309 13.61 4.93 9.99
C ALA C 309 12.25 4.93 9.31
N ALA C 310 12.22 4.93 7.98
CA ALA C 310 10.93 4.94 7.26
C ALA C 310 10.23 3.60 7.53
N ILE C 311 11.00 2.50 7.50
CA ILE C 311 10.40 1.17 7.79
C ILE C 311 9.87 1.16 9.22
N GLY C 312 10.63 1.79 10.14
CA GLY C 312 10.21 1.86 11.55
C GLY C 312 8.90 2.60 11.72
N LEU C 313 8.69 3.68 10.94
CA LEU C 313 7.42 4.43 11.05
C LEU C 313 6.21 3.60 10.60
N GLU C 314 6.44 2.59 9.81
CA GLU C 314 5.38 1.70 9.43
C GLU C 314 5.21 0.57 10.44
N ARG C 315 6.29 -0.08 10.83
CA ARG C 315 6.14 -1.19 11.73
C ARG C 315 5.69 -0.74 13.15
N ILE C 316 6.13 0.44 13.57
CA ILE C 316 5.74 0.84 14.94
C ILE C 316 4.23 0.97 15.05
N LYS C 317 3.52 1.10 13.93
CA LYS C 317 2.05 1.16 14.03
C LYS C 317 1.47 -0.06 14.75
N PHE C 318 2.19 -1.18 14.73
CA PHE C 318 1.73 -2.41 15.36
C PHE C 318 2.14 -2.59 16.80
N LEU C 319 2.87 -1.65 17.40
CA LEU C 319 3.54 -1.91 18.68
C LEU C 319 2.53 -2.09 19.80
N SER C 320 1.60 -1.13 19.98
CA SER C 320 0.72 -1.33 21.16
C SER C 320 -0.11 -2.62 21.04
N TYR C 321 -0.67 -2.89 19.83
CA TYR C 321 -1.48 -4.12 19.62
C TYR C 321 -0.62 -5.38 19.85
N ASN C 322 0.60 -5.41 19.30
CA ASN C 322 1.43 -6.57 19.53
C ASN C 322 1.78 -6.71 21.01
N ASN C 323 1.99 -5.59 21.71
CA ASN C 323 2.31 -5.67 23.14
C ASN C 323 1.09 -6.18 23.90
N LEU C 324 -0.09 -5.77 23.49
CA LEU C 324 -1.31 -6.29 24.14
C LEU C 324 -1.40 -7.81 23.98
N LYS C 325 -1.16 -8.29 22.77
CA LYS C 325 -1.15 -9.73 22.53
C LYS C 325 -0.13 -10.45 23.41
N ARG C 326 1.09 -9.89 23.55
CA ARG C 326 2.10 -10.51 24.44
C ARG C 326 1.58 -10.60 25.88
N VAL C 327 0.92 -9.54 26.41
CA VAL C 327 0.40 -9.64 27.78
C VAL C 327 -0.63 -10.74 27.89
N PHE C 328 -1.56 -10.85 26.93
CA PHE C 328 -2.49 -11.95 26.98
C PHE C 328 -1.81 -13.31 27.02
N LEU C 329 -0.79 -13.48 26.16
CA LEU C 329 -0.08 -14.74 26.15
C LEU C 329 0.61 -14.99 27.50
N ALA C 330 1.17 -13.94 28.09
CA ALA C 330 1.84 -14.10 29.38
C ALA C 330 0.85 -14.50 30.45
N GLN C 331 -0.30 -13.79 30.51
CA GLN C 331 -1.31 -14.13 31.50
C GLN C 331 -1.82 -15.56 31.31
N ARG C 332 -1.89 -16.06 30.08
CA ARG C 332 -2.38 -17.42 29.87
C ARG C 332 -1.37 -18.46 30.33
N TYR C 333 -0.08 -18.20 30.12
CA TYR C 333 0.94 -19.08 30.70
C TYR C 333 0.84 -19.09 32.21
N ILE C 334 0.80 -17.91 32.83
CA ILE C 334 0.74 -17.84 34.29
C ILE C 334 -0.47 -18.61 34.84
N ARG C 335 -1.64 -18.40 34.20
CA ARG C 335 -2.86 -18.99 34.76
C ARG C 335 -2.95 -20.50 34.55
N ASN C 336 -2.43 -20.98 33.41
CA ASN C 336 -2.56 -22.38 33.07
C ASN C 336 -1.41 -23.20 33.60
N LEU C 337 -0.36 -22.56 34.10
CA LEU C 337 0.75 -23.32 34.64
C LEU C 337 0.75 -23.28 36.15
N LYS C 338 -0.30 -22.69 36.74
CA LYS C 338 -0.30 -22.44 38.17
C LYS C 338 -0.14 -23.75 38.96
N GLU C 339 -0.72 -24.87 38.49
CA GLU C 339 -0.67 -26.14 39.24
C GLU C 339 0.76 -26.62 39.40
N LEU C 340 1.63 -26.34 38.42
CA LEU C 340 3.01 -26.77 38.55
C LEU C 340 3.79 -25.96 39.60
N GLU C 341 3.43 -24.68 39.82
CA GLU C 341 4.00 -23.89 40.89
C GLU C 341 3.46 -24.33 42.24
N ASP C 342 2.15 -24.55 42.30
CA ASP C 342 1.53 -25.17 43.49
C ASP C 342 2.27 -26.44 43.93
N ARG C 343 2.68 -27.28 42.97
CA ARG C 343 3.40 -28.54 43.21
C ARG C 343 4.88 -28.36 43.52
N GLU C 344 5.32 -27.11 43.57
CA GLU C 344 6.70 -26.76 43.83
C GLU C 344 7.63 -27.35 42.78
N LEU C 345 7.20 -27.34 41.52
CA LEU C 345 8.05 -27.81 40.43
C LEU C 345 8.71 -26.66 39.68
N ILE C 346 8.00 -25.52 39.63
CA ILE C 346 8.43 -24.37 38.82
C ILE C 346 8.06 -23.11 39.59
N LYS C 347 8.74 -22.03 39.26
CA LYS C 347 8.32 -20.71 39.69
C LYS C 347 7.89 -19.91 38.48
N LEU C 348 6.76 -19.22 38.57
CA LEU C 348 6.18 -18.45 37.48
C LEU C 348 6.43 -16.97 37.68
N PRO C 349 6.55 -16.17 36.62
CA PRO C 349 6.55 -14.72 36.81
C PRO C 349 5.20 -14.21 37.31
N ARG C 350 5.22 -13.01 37.89
CA ARG C 350 3.97 -12.35 38.24
C ARG C 350 3.56 -11.36 37.16
N MET C 351 2.28 -11.10 37.10
CA MET C 351 1.75 -10.05 36.23
CA MET C 351 1.80 -10.06 36.23
C MET C 351 1.97 -8.69 36.90
N THR C 352 2.61 -7.76 36.18
CA THR C 352 2.87 -6.45 36.74
C THR C 352 2.68 -5.41 35.63
N GLU C 353 2.40 -4.15 36.03
CA GLU C 353 1.99 -3.14 35.06
C GLU C 353 3.14 -2.67 34.15
N ASP C 354 4.39 -2.97 34.49
CA ASP C 354 5.51 -2.47 33.70
C ASP C 354 6.02 -3.46 32.71
N ASN C 355 5.65 -4.71 32.82
CA ASN C 355 6.33 -5.69 32.01
C ASN C 355 5.74 -5.68 30.61
N VAL C 356 6.62 -5.63 29.58
CA VAL C 356 6.13 -5.76 28.20
C VAL C 356 6.35 -7.15 27.62
N TRP C 357 6.93 -8.10 28.40
CA TRP C 357 6.91 -9.51 28.00
C TRP C 357 7.62 -9.75 26.66
N HIS C 358 8.85 -9.22 26.58
CA HIS C 358 9.67 -9.52 25.43
C HIS C 358 10.04 -10.97 25.46
N LEU C 359 10.39 -11.48 26.66
CA LEU C 359 10.67 -12.90 26.83
C LEU C 359 9.93 -13.35 28.09
N PHE C 360 9.62 -14.65 28.15
CA PHE C 360 8.78 -15.19 29.23
C PHE C 360 9.56 -16.21 30.04
N PRO C 361 10.13 -15.83 31.15
CA PRO C 361 10.98 -16.76 31.92
C PRO C 361 10.19 -17.55 32.95
N ILE C 362 10.54 -18.81 33.10
CA ILE C 362 10.09 -19.58 34.27
C ILE C 362 11.36 -20.13 34.90
N ARG C 363 11.24 -20.60 36.14
CA ARG C 363 12.33 -21.32 36.79
C ARG C 363 11.89 -22.74 37.06
N ILE C 364 12.73 -23.70 36.66
CA ILE C 364 12.50 -25.12 36.90
C ILE C 364 13.43 -25.50 38.03
N ILE C 365 12.86 -25.82 39.20
CA ILE C 365 13.72 -25.97 40.37
C ILE C 365 14.02 -27.44 40.61
N ASN C 366 14.76 -27.72 41.69
CA ASN C 366 15.19 -29.08 42.05
C ASN C 366 16.05 -29.68 40.95
N GLY C 367 16.85 -28.82 40.32
CA GLY C 367 17.85 -29.25 39.37
C GLY C 367 17.30 -29.89 38.11
N ARG C 368 16.02 -29.74 37.82
CA ARG C 368 15.42 -30.41 36.69
C ARG C 368 15.38 -29.59 35.42
N ARG C 369 15.97 -28.39 35.39
CA ARG C 369 15.78 -27.53 34.20
C ARG C 369 16.26 -28.25 32.92
N ASP C 370 17.48 -28.82 32.94
CA ASP C 370 18.04 -29.39 31.72
C ASP C 370 17.21 -30.56 31.23
N GLU C 371 16.74 -31.40 32.18
CA GLU C 371 15.92 -32.55 31.81
C GLU C 371 14.63 -32.07 31.15
N VAL C 372 13.98 -31.06 31.75
CA VAL C 372 12.71 -30.60 31.18
C VAL C 372 12.95 -29.98 29.80
N LYS C 373 13.98 -29.15 29.68
CA LYS C 373 14.26 -28.57 28.35
C LYS C 373 14.51 -29.66 27.32
N ASN C 374 15.35 -30.61 27.64
CA ASN C 374 15.69 -31.60 26.63
C ASN C 374 14.49 -32.48 26.30
N LYS C 375 13.71 -32.86 27.31
CA LYS C 375 12.53 -33.71 27.02
C LYS C 375 11.42 -32.94 26.32
N LEU C 376 11.29 -31.63 26.60
CA LEU C 376 10.28 -30.87 25.88
C LEU C 376 10.58 -30.94 24.37
N TYR C 377 11.88 -30.88 24.02
CA TYR C 377 12.27 -30.93 22.62
C TYR C 377 12.19 -32.36 22.09
N GLN C 378 12.90 -33.28 22.74
CA GLN C 378 13.06 -34.61 22.15
CA GLN C 378 13.06 -34.62 22.16
C GLN C 378 11.77 -35.40 22.22
N LEU C 379 11.05 -35.29 23.34
CA LEU C 379 9.81 -36.05 23.48
C LEU C 379 8.61 -35.31 22.92
N TYR C 380 8.50 -33.99 23.15
CA TYR C 380 7.27 -33.24 22.89
C TYR C 380 7.36 -32.33 21.67
N ASN C 381 8.51 -32.29 20.99
CA ASN C 381 8.72 -31.40 19.82
C ASN C 381 8.46 -29.91 20.13
N ILE C 382 8.87 -29.49 21.31
CA ILE C 382 8.81 -28.09 21.74
C ILE C 382 10.21 -27.53 21.95
N GLU C 383 10.55 -26.47 21.21
CA GLU C 383 11.75 -25.70 21.45
C GLU C 383 11.53 -24.69 22.53
N THR C 384 12.36 -24.72 23.56
CA THR C 384 12.50 -23.62 24.48
C THR C 384 13.91 -23.09 24.36
N ASP C 385 14.23 -22.04 25.12
CA ASP C 385 15.57 -21.47 24.96
C ASP C 385 15.98 -20.88 26.28
N ILE C 386 17.27 -20.53 26.38
CA ILE C 386 17.82 -19.91 27.60
C ILE C 386 18.49 -18.62 27.20
N TYR C 387 17.87 -17.50 27.54
CA TYR C 387 18.49 -16.20 27.28
C TYR C 387 19.02 -15.73 28.61
N TYR C 388 20.31 -15.90 28.89
CA TYR C 388 21.41 -16.16 27.95
C TYR C 388 22.20 -17.40 28.48
N PRO C 389 22.89 -18.20 27.59
CA PRO C 389 23.41 -19.47 28.09
C PRO C 389 24.65 -19.37 28.95
N VAL C 390 25.40 -18.25 28.86
CA VAL C 390 26.65 -18.08 29.62
C VAL C 390 26.59 -16.72 30.31
N LEU C 391 26.87 -16.69 31.64
CA LEU C 391 26.94 -15.40 32.33
C LEU C 391 28.24 -14.67 31.97
N SER C 392 28.23 -13.35 32.21
CA SER C 392 29.31 -12.47 31.75
C SER C 392 30.66 -12.91 32.33
N HIS C 393 30.67 -13.34 33.59
CA HIS C 393 31.92 -13.67 34.27
C HIS C 393 32.32 -15.10 34.02
N LYS C 394 31.64 -15.78 33.09
CA LYS C 394 31.90 -17.19 32.90
C LYS C 394 32.32 -17.53 31.48
N HIS C 395 32.67 -16.52 30.66
CA HIS C 395 33.24 -16.83 29.34
C HIS C 395 34.73 -17.21 29.42
N ASN C 396 35.16 -18.07 28.48
CA ASN C 396 36.58 -18.41 28.37
C ASN C 396 37.27 -17.34 27.53
N THR C 397 37.33 -16.14 28.10
CA THR C 397 38.07 -15.07 27.42
C THR C 397 39.20 -14.59 28.31
N LYS C 398 40.20 -13.96 27.69
CA LYS C 398 41.33 -13.43 28.47
C LYS C 398 40.84 -12.39 29.47
N LEU C 399 39.89 -11.52 29.07
CA LEU C 399 39.32 -10.56 30.02
C LEU C 399 38.77 -11.27 31.27
N VAL C 400 37.96 -12.31 31.07
CA VAL C 400 37.34 -12.98 32.21
C VAL C 400 38.42 -13.67 33.05
N LYS C 401 39.31 -14.42 32.40
CA LYS C 401 40.36 -15.11 33.16
C LYS C 401 41.30 -14.15 33.89
N LYS C 402 41.53 -12.93 33.38
CA LYS C 402 42.36 -11.96 34.09
C LYS C 402 41.65 -11.10 35.15
N ASN C 403 40.32 -10.95 35.11
CA ASN C 403 39.63 -9.91 35.89
C ASN C 403 38.43 -10.40 36.70
N TYR C 404 37.79 -11.48 36.27
CA TYR C 404 36.49 -11.79 36.82
C TYR C 404 36.45 -13.14 37.49
N MET C 405 37.63 -13.71 37.78
CA MET C 405 37.61 -15.05 38.34
C MET C 405 37.22 -15.08 39.82
N GLN C 406 37.35 -13.96 40.52
CA GLN C 406 36.94 -13.93 41.92
C GLN C 406 35.51 -13.46 42.11
N ASP C 407 34.78 -13.21 41.02
CA ASP C 407 33.42 -12.71 41.17
C ASP C 407 32.51 -13.87 41.57
N THR C 408 31.73 -13.67 42.63
CA THR C 408 30.65 -14.61 42.91
C THR C 408 29.36 -13.82 43.01
N LEU C 409 28.40 -14.28 42.27
CA LEU C 409 27.11 -13.64 42.01
C LEU C 409 26.14 -14.78 42.33
N LEU C 410 25.87 -14.95 43.62
CA LEU C 410 25.17 -16.13 44.11
C LEU C 410 23.79 -16.29 43.48
N ASN C 411 22.95 -15.23 43.56
CA ASN C 411 21.62 -15.29 42.98
C ASN C 411 21.67 -15.47 41.47
N THR C 412 22.52 -14.68 40.78
CA THR C 412 22.58 -14.80 39.32
C THR C 412 22.94 -16.24 38.94
N GLU C 413 23.94 -16.83 39.61
CA GLU C 413 24.36 -18.18 39.23
C GLU C 413 23.29 -19.21 39.55
N GLN C 414 22.61 -19.06 40.67
CA GLN C 414 21.57 -20.05 41.02
C GLN C 414 20.40 -19.95 40.06
N VAL C 415 19.89 -18.74 39.87
CA VAL C 415 18.82 -18.54 38.88
C VAL C 415 19.21 -19.08 37.49
N HIS C 416 20.48 -18.99 37.11
CA HIS C 416 20.93 -19.42 35.78
C HIS C 416 20.82 -20.95 35.60
N LYS C 417 20.90 -21.68 36.69
CA LYS C 417 20.67 -23.12 36.67
C LYS C 417 19.20 -23.51 36.53
N GLU C 418 18.26 -22.58 36.70
CA GLU C 418 16.84 -22.89 36.71
C GLU C 418 16.05 -22.25 35.61
N ILE C 419 16.61 -21.22 34.95
N ILE C 419 16.57 -21.20 34.99
CA ILE C 419 15.85 -20.39 34.00
CA ILE C 419 15.72 -20.42 34.09
C ILE C 419 15.49 -21.18 32.74
C ILE C 419 15.46 -21.18 32.78
N LEU C 420 14.28 -20.93 32.21
CA LEU C 420 13.90 -21.47 30.91
C LEU C 420 12.86 -20.53 30.33
N HIS C 421 13.11 -20.11 29.07
CA HIS C 421 12.18 -19.24 28.36
C HIS C 421 11.24 -20.06 27.50
N LEU C 422 9.92 -19.73 27.58
CA LEU C 422 8.85 -20.34 26.80
C LEU C 422 8.51 -19.48 25.60
N PRO C 423 8.17 -20.12 24.50
CA PRO C 423 7.83 -19.37 23.27
C PRO C 423 6.73 -18.36 23.53
N LEU C 424 6.98 -17.13 23.05
CA LEU C 424 6.05 -16.03 23.34
C LEU C 424 6.35 -14.95 22.31
N HIS C 425 5.45 -14.82 21.32
CA HIS C 425 5.60 -13.75 20.36
C HIS C 425 4.23 -13.49 19.79
N PRO C 426 3.95 -12.26 19.40
CA PRO C 426 2.54 -11.81 19.27
C PRO C 426 1.77 -12.50 18.17
N ASN C 427 2.42 -13.04 17.15
CA ASN C 427 1.69 -13.73 16.11
C ASN C 427 1.57 -15.23 16.39
N MET C 428 1.92 -15.69 17.60
CA MET C 428 1.63 -17.09 17.98
C MET C 428 0.15 -17.32 17.95
N LEU C 429 -0.23 -18.55 17.57
CA LEU C 429 -1.59 -19.02 17.78
C LEU C 429 -1.83 -19.49 19.22
N LEU C 430 -3.04 -19.35 19.70
CA LEU C 430 -3.34 -19.92 20.99
C LEU C 430 -3.27 -21.44 20.90
N GLU C 431 -3.50 -21.99 19.71
CA GLU C 431 -3.35 -23.42 19.56
C GLU C 431 -1.90 -23.80 19.79
N GLU C 432 -0.98 -22.94 19.31
CA GLU C 432 0.44 -23.21 19.53
C GLU C 432 0.78 -23.09 21.00
N GLN C 433 0.27 -22.05 21.67
CA GLN C 433 0.51 -21.97 23.10
C GLN C 433 -0.08 -23.19 23.85
N ASN C 434 -1.20 -23.70 23.40
CA ASN C 434 -1.80 -24.88 24.05
C ASN C 434 -0.89 -26.09 23.91
N PHE C 435 -0.21 -26.17 22.76
CA PHE C 435 0.71 -27.28 22.56
C PHE C 435 1.87 -27.18 23.54
N VAL C 436 2.41 -25.96 23.74
CA VAL C 436 3.42 -25.75 24.78
C VAL C 436 2.86 -26.12 26.17
N LEU C 437 1.68 -25.61 26.50
CA LEU C 437 1.11 -25.90 27.83
C LEU C 437 0.98 -27.40 28.08
N GLU C 438 0.45 -28.11 27.13
CA GLU C 438 0.33 -29.55 27.29
C GLU C 438 1.66 -30.30 27.46
N GLY C 439 2.68 -29.89 26.74
CA GLY C 439 3.97 -30.56 26.92
C GLY C 439 4.55 -30.27 28.31
N LEU C 440 4.40 -29.03 28.78
CA LEU C 440 4.88 -28.68 30.11
C LEU C 440 4.16 -29.45 31.21
N ILE C 441 2.84 -29.55 31.10
CA ILE C 441 2.10 -30.32 32.11
C ILE C 441 2.56 -31.76 32.04
N ASN C 442 2.69 -32.29 30.82
CA ASN C 442 2.94 -33.71 30.68
C ASN C 442 4.32 -34.09 31.17
N VAL C 443 5.35 -33.32 30.81
CA VAL C 443 6.71 -33.65 31.17
C VAL C 443 6.93 -33.53 32.66
N ASN C 444 6.00 -32.91 33.38
CA ASN C 444 6.08 -32.76 34.83
C ASN C 444 5.07 -33.65 35.56
N LYS C 445 4.51 -34.66 34.89
CA LYS C 445 3.65 -35.60 35.57
C LYS C 445 4.48 -36.23 36.68
N THR D 7 42.43 -9.21 -31.94
CA THR D 7 42.66 -9.60 -30.54
C THR D 7 41.35 -9.46 -29.73
N LEU D 8 41.18 -10.24 -28.70
CA LEU D 8 39.93 -10.25 -27.94
C LEU D 8 40.22 -10.01 -26.47
N THR D 9 39.49 -9.08 -25.86
CA THR D 9 39.56 -8.83 -24.43
C THR D 9 38.21 -9.20 -23.80
N THR D 10 38.25 -9.87 -22.66
CA THR D 10 37.04 -10.11 -21.87
C THR D 10 36.97 -9.09 -20.74
N ILE D 11 35.94 -8.24 -20.79
CA ILE D 11 35.76 -7.16 -19.83
C ILE D 11 35.45 -7.77 -18.49
N SER D 12 36.28 -7.42 -17.49
CA SER D 12 36.23 -8.05 -16.18
C SER D 12 35.38 -7.25 -15.22
N GLY D 13 35.11 -5.98 -15.58
CA GLY D 13 34.34 -5.07 -14.73
C GLY D 13 35.17 -4.10 -13.93
N HIS D 14 36.48 -4.15 -14.07
CA HIS D 14 37.41 -3.29 -13.35
C HIS D 14 37.89 -2.15 -14.23
N SER D 15 38.63 -1.26 -13.60
CA SER D 15 39.01 0.03 -14.19
C SER D 15 39.85 -0.13 -15.45
N LYS D 16 40.78 -1.09 -15.47
CA LYS D 16 41.62 -1.18 -16.67
C LYS D 16 40.79 -1.52 -17.91
N ASP D 17 39.93 -2.54 -17.82
CA ASP D 17 39.17 -2.91 -19.01
C ASP D 17 38.15 -1.83 -19.37
N ASN D 18 37.66 -1.09 -18.40
CA ASN D 18 36.78 0.02 -18.73
C ASN D 18 37.49 1.07 -19.57
N LEU D 19 38.72 1.39 -19.20
CA LEU D 19 39.46 2.35 -20.02
C LEU D 19 39.70 1.80 -21.42
N ALA D 20 40.01 0.52 -21.53
CA ALA D 20 40.24 -0.09 -22.84
C ALA D 20 38.97 0.00 -23.69
N LEU D 21 37.82 -0.25 -23.05
CA LEU D 21 36.53 -0.28 -23.75
C LEU D 21 36.14 1.13 -24.19
N LEU D 22 36.42 2.12 -23.34
CA LEU D 22 36.14 3.49 -23.69
C LEU D 22 36.92 3.91 -24.94
N LYS D 23 38.20 3.58 -24.99
CA LYS D 23 39.04 3.90 -26.14
C LYS D 23 38.49 3.25 -27.41
N CYS D 24 37.83 2.11 -27.27
CA CYS D 24 37.22 1.44 -28.42
C CYS D 24 35.93 2.15 -28.82
N LEU D 25 35.05 2.42 -27.88
CA LEU D 25 33.83 3.15 -28.19
C LEU D 25 34.10 4.50 -28.85
N GLN D 26 35.27 5.08 -28.64
CA GLN D 26 35.59 6.36 -29.23
C GLN D 26 36.40 6.24 -30.51
N GLY D 27 36.78 5.03 -30.89
CA GLY D 27 37.52 4.86 -32.12
C GLY D 27 38.99 5.21 -32.04
N GLU D 28 39.53 5.31 -30.83
CA GLU D 28 40.95 5.46 -30.56
C GLU D 28 41.66 4.12 -30.60
N THR D 29 40.93 3.05 -30.90
CA THR D 29 41.49 1.73 -31.13
C THR D 29 40.57 1.04 -32.13
N LYS D 30 41.17 0.23 -32.98
CA LYS D 30 40.53 -0.35 -34.14
C LYS D 30 40.60 -1.87 -34.17
N GLU D 31 41.66 -2.42 -33.60
CA GLU D 31 42.08 -3.80 -33.76
C GLU D 31 41.55 -4.72 -32.66
N LYS D 32 40.57 -4.27 -31.89
CA LYS D 32 40.24 -4.91 -30.61
C LYS D 32 38.78 -5.33 -30.56
N GLU D 33 38.54 -6.59 -30.22
CA GLU D 33 37.20 -7.12 -30.04
C GLU D 33 36.96 -7.35 -28.55
N PHE D 34 35.70 -7.22 -28.11
CA PHE D 34 35.38 -7.31 -26.70
C PHE D 34 34.31 -8.34 -26.45
N GLU D 35 34.53 -9.10 -25.39
CA GLU D 35 33.51 -9.88 -24.74
C GLU D 35 33.42 -9.39 -23.30
N ILE D 36 32.41 -9.88 -22.58
CA ILE D 36 32.25 -9.41 -21.20
C ILE D 36 31.95 -10.59 -20.30
N SER D 37 32.51 -10.59 -19.10
CA SER D 37 32.29 -11.74 -18.25
C SER D 37 30.91 -11.64 -17.58
N ASN D 38 30.45 -12.79 -17.09
CA ASN D 38 29.10 -12.89 -16.56
C ASN D 38 29.03 -12.65 -15.03
N VAL D 39 30.02 -11.98 -14.48
CA VAL D 39 29.95 -11.66 -13.05
C VAL D 39 28.89 -10.59 -12.79
N LEU D 40 28.30 -10.63 -11.59
CA LEU D 40 27.25 -9.69 -11.22
C LEU D 40 27.59 -8.21 -11.45
N PRO D 41 28.80 -7.72 -11.15
CA PRO D 41 29.07 -6.31 -11.41
C PRO D 41 29.05 -5.93 -12.90
N ASN D 42 28.98 -6.91 -13.82
CA ASN D 42 28.90 -6.63 -15.24
C ASN D 42 27.49 -6.72 -15.78
N HIS D 43 26.48 -6.93 -14.93
CA HIS D 43 25.15 -7.26 -15.44
C HIS D 43 24.56 -6.17 -16.33
N LYS D 44 24.57 -4.92 -15.84
CA LYS D 44 23.98 -3.84 -16.62
C LYS D 44 24.81 -3.54 -17.85
N MET D 45 26.13 -3.52 -17.74
CA MET D 45 26.92 -3.26 -18.97
C MET D 45 26.67 -4.34 -20.02
N LYS D 46 26.57 -5.60 -19.58
CA LYS D 46 26.34 -6.65 -20.57
C LYS D 46 24.99 -6.47 -21.24
N GLU D 47 23.96 -6.17 -20.45
CA GLU D 47 22.63 -5.97 -21.02
C GLU D 47 22.60 -4.76 -21.94
N LYS D 48 23.26 -3.66 -21.55
CA LYS D 48 23.12 -2.40 -22.27
C LYS D 48 23.95 -2.39 -23.56
N LEU D 49 25.19 -2.87 -23.50
CA LEU D 49 26.15 -2.61 -24.57
C LEU D 49 26.49 -3.86 -25.40
N PHE D 50 26.00 -5.03 -24.99
CA PHE D 50 26.34 -6.27 -25.69
C PHE D 50 25.09 -6.99 -26.12
N ARG D 51 25.25 -7.74 -27.21
CA ARG D 51 24.26 -8.66 -27.74
C ARG D 51 24.96 -9.97 -28.00
N GLU D 52 24.54 -11.02 -27.28
CA GLU D 52 25.12 -12.35 -27.43
C GLU D 52 26.64 -12.30 -27.26
N ASN D 53 27.05 -11.59 -26.22
CA ASN D 53 28.46 -11.50 -25.78
C ASN D 53 29.31 -10.89 -26.89
N LYS D 54 28.72 -10.01 -27.68
CA LYS D 54 29.44 -9.22 -28.66
C LYS D 54 29.00 -7.78 -28.49
N LEU D 55 29.93 -6.86 -28.66
CA LEU D 55 29.64 -5.44 -28.47
C LEU D 55 28.68 -4.95 -29.57
N LYS D 56 27.64 -4.23 -29.17
CA LYS D 56 26.66 -3.71 -30.12
C LYS D 56 27.39 -2.88 -31.18
N ILE D 57 26.91 -3.01 -32.42
CA ILE D 57 27.46 -2.28 -33.58
C ILE D 57 27.27 -0.76 -33.46
N ASP D 58 26.17 -0.35 -32.85
CA ASP D 58 25.52 0.94 -33.03
C ASP D 58 25.62 1.87 -31.81
N ILE D 59 26.72 1.82 -31.05
CA ILE D 59 26.74 2.52 -29.76
C ILE D 59 27.12 3.99 -29.95
N ASP D 60 26.20 4.87 -29.53
CA ASP D 60 26.42 6.32 -29.55
C ASP D 60 26.56 6.67 -28.09
N ILE D 61 27.78 6.97 -27.62
CA ILE D 61 27.98 7.21 -26.20
C ILE D 61 27.05 8.34 -25.73
N GLU D 62 27.03 9.45 -26.47
CA GLU D 62 26.28 10.63 -26.03
C GLU D 62 24.79 10.33 -25.95
N LYS D 63 24.21 9.72 -26.98
CA LYS D 63 22.77 9.49 -26.97
C LYS D 63 22.36 8.21 -26.25
N ASP D 64 23.10 7.11 -26.45
CA ASP D 64 22.67 5.84 -25.89
C ASP D 64 23.06 5.72 -24.43
N ILE D 65 24.23 6.21 -24.07
CA ILE D 65 24.67 6.07 -22.69
C ILE D 65 24.30 7.28 -21.83
N PHE D 66 24.37 8.49 -22.40
CA PHE D 66 24.11 9.70 -21.62
C PHE D 66 22.75 10.36 -21.96
N ASN D 67 21.95 9.77 -22.86
CA ASN D 67 20.63 10.32 -23.23
C ASN D 67 20.72 11.79 -23.63
N TYR D 68 21.78 12.13 -24.37
CA TYR D 68 22.01 13.53 -24.71
C TYR D 68 20.87 14.04 -25.57
N SER D 69 20.25 15.17 -25.17
CA SER D 69 19.09 15.65 -25.90
C SER D 69 19.04 17.17 -25.96
N ARG D 70 20.21 17.82 -25.94
CA ARG D 70 20.35 19.27 -25.88
C ARG D 70 19.43 19.88 -24.83
N LYS D 71 19.34 19.27 -23.64
CA LYS D 71 18.56 19.86 -22.55
C LYS D 71 19.15 21.22 -22.15
N ASN D 72 18.27 22.13 -21.70
CA ASN D 72 18.68 23.45 -21.23
C ASN D 72 18.88 23.44 -19.72
N ILE D 73 20.10 23.71 -19.26
CA ILE D 73 20.47 23.65 -17.85
C ILE D 73 20.46 25.03 -17.21
N GLN D 74 19.94 25.09 -15.97
CA GLN D 74 19.79 26.25 -15.12
C GLN D 74 20.74 26.30 -13.92
N LYS D 75 21.13 25.16 -13.38
CA LYS D 75 21.87 25.09 -12.14
C LYS D 75 22.46 23.69 -12.00
N ILE D 76 23.51 23.58 -11.20
CA ILE D 76 24.25 22.37 -10.97
C ILE D 76 24.38 22.24 -9.46
N GLU D 77 23.85 21.15 -8.89
CA GLU D 77 24.23 20.68 -7.56
C GLU D 77 25.39 19.69 -7.62
N PHE D 78 26.23 19.74 -6.59
CA PHE D 78 27.40 18.87 -6.61
C PHE D 78 27.03 17.40 -6.59
N MET D 79 26.13 16.98 -5.73
CA MET D 79 25.80 15.56 -5.62
C MET D 79 24.38 15.43 -5.18
N PRO D 80 23.45 15.63 -6.08
CA PRO D 80 22.05 15.43 -5.69
C PRO D 80 21.78 13.93 -5.58
N VAL D 81 21.40 13.49 -4.36
CA VAL D 81 21.37 12.04 -4.13
C VAL D 81 20.23 11.33 -4.88
N ASN D 82 19.18 12.05 -5.29
CA ASN D 82 18.17 11.41 -6.11
C ASN D 82 18.75 10.91 -7.44
N ARG D 83 19.82 11.58 -7.95
CA ARG D 83 20.36 11.15 -9.24
C ARG D 83 21.25 9.94 -9.15
N LEU D 84 21.63 9.52 -7.92
CA LEU D 84 22.51 8.36 -7.79
C LEU D 84 21.83 6.99 -7.94
N ILE D 85 20.50 6.95 -8.02
CA ILE D 85 19.78 5.69 -8.11
C ILE D 85 18.82 5.82 -9.27
N SER D 86 18.76 4.77 -10.06
CA SER D 86 18.00 4.73 -11.30
C SER D 86 16.69 4.00 -11.05
N GLN D 87 15.69 4.29 -11.90
CA GLN D 87 14.44 3.59 -11.73
C GLN D 87 14.63 2.11 -11.99
N SER D 88 15.61 1.73 -12.81
CA SER D 88 15.87 0.32 -13.04
C SER D 88 16.29 -0.34 -11.72
N GLU D 89 17.12 0.37 -10.98
CA GLU D 89 17.57 -0.16 -9.70
C GLU D 89 16.40 -0.25 -8.72
N ILE D 90 15.64 0.83 -8.65
CA ILE D 90 14.48 0.82 -7.75
C ILE D 90 13.57 -0.36 -8.05
N ASP D 91 13.27 -0.61 -9.35
CA ASP D 91 12.40 -1.72 -9.69
C ASP D 91 12.96 -3.05 -9.20
N GLY D 92 14.26 -3.26 -9.38
CA GLY D 92 14.90 -4.49 -8.94
C GLY D 92 14.90 -4.63 -7.41
N ILE D 93 15.12 -3.51 -6.71
CA ILE D 93 15.13 -3.47 -5.25
C ILE D 93 13.76 -3.83 -4.71
N ILE D 94 12.70 -3.22 -5.25
CA ILE D 94 11.35 -3.62 -4.80
C ILE D 94 11.09 -5.10 -5.08
N GLY D 95 11.54 -5.57 -6.25
CA GLY D 95 11.44 -6.99 -6.56
C GLY D 95 12.11 -7.88 -5.54
N THR D 96 13.34 -7.56 -5.16
CA THR D 96 14.04 -8.49 -4.26
C THR D 96 13.51 -8.39 -2.84
N LEU D 97 13.10 -7.20 -2.41
CA LEU D 97 12.52 -7.08 -1.07
C LEU D 97 11.19 -7.83 -0.96
N LYS D 98 10.44 -7.99 -2.06
CA LYS D 98 9.23 -8.79 -2.00
C LYS D 98 9.53 -10.26 -1.67
N GLU D 99 10.75 -10.73 -1.95
CA GLU D 99 11.18 -12.08 -1.60
C GLU D 99 11.86 -12.11 -0.23
N VAL D 100 12.51 -11.02 0.14
CA VAL D 100 13.24 -10.98 1.41
C VAL D 100 12.30 -10.77 2.56
N LEU D 101 11.41 -9.77 2.44
CA LEU D 101 10.60 -9.38 3.59
C LEU D 101 9.78 -10.53 4.19
N PRO D 102 9.14 -11.43 3.43
CA PRO D 102 8.40 -12.53 4.06
C PRO D 102 9.24 -13.50 4.86
N THR D 103 10.56 -13.56 4.60
CA THR D 103 11.44 -14.49 5.31
C THR D 103 11.71 -14.06 6.74
N GLY D 104 11.52 -12.78 7.06
CA GLY D 104 11.84 -12.23 8.37
C GLY D 104 13.29 -12.22 8.74
N GLN D 105 14.18 -12.46 7.75
CA GLN D 105 15.62 -12.48 7.99
C GLN D 105 16.15 -11.12 7.59
N PHE D 106 16.32 -10.19 8.55
CA PHE D 106 16.73 -8.85 8.10
C PHE D 106 18.08 -8.41 8.58
N THR D 107 18.53 -9.01 9.67
CA THR D 107 19.89 -8.80 10.14
C THR D 107 20.75 -9.99 9.70
N SER D 108 20.77 -11.08 10.46
CA SER D 108 21.36 -12.31 9.97
C SER D 108 20.53 -12.82 8.78
N GLY D 109 21.22 -13.39 7.78
CA GLY D 109 20.55 -14.01 6.63
C GLY D 109 21.42 -14.49 5.48
N PRO D 110 20.81 -15.19 4.50
CA PRO D 110 21.62 -15.80 3.42
C PRO D 110 22.09 -14.85 2.33
N PHE D 111 21.48 -13.65 2.16
CA PHE D 111 21.99 -12.73 1.14
C PHE D 111 23.36 -12.19 1.53
N SER D 112 23.62 -12.04 2.83
CA SER D 112 24.93 -11.52 3.25
C SER D 112 26.05 -12.42 2.74
N LYS D 113 25.87 -13.73 2.86
CA LYS D 113 26.89 -14.65 2.41
C LYS D 113 27.06 -14.55 0.89
N LYS D 114 25.95 -14.42 0.17
CA LYS D 114 26.06 -14.30 -1.28
C LYS D 114 26.85 -13.04 -1.68
N LEU D 115 26.53 -11.90 -1.05
CA LEU D 115 27.29 -10.67 -1.34
C LEU D 115 28.79 -10.82 -0.99
N GLU D 116 29.09 -11.50 0.10
CA GLU D 116 30.49 -11.76 0.41
C GLU D 116 31.15 -12.57 -0.71
N GLU D 117 30.44 -13.58 -1.23
CA GLU D 117 31.02 -14.38 -2.31
C GLU D 117 31.23 -13.54 -3.58
N VAL D 118 30.25 -12.70 -3.93
CA VAL D 118 30.41 -11.84 -5.12
C VAL D 118 31.58 -10.89 -4.95
N ILE D 119 31.69 -10.29 -3.77
CA ILE D 119 32.74 -9.34 -3.49
C ILE D 119 34.11 -10.06 -3.49
N GLY D 120 34.20 -11.22 -2.87
CA GLY D 120 35.49 -11.93 -2.89
C GLY D 120 35.94 -12.27 -4.30
N ASP D 121 35.00 -12.64 -5.15
CA ASP D 121 35.44 -12.94 -6.51
C ASP D 121 35.86 -11.69 -7.25
N TYR D 122 35.08 -10.61 -7.09
CA TYR D 122 35.41 -9.35 -7.75
C TYR D 122 36.76 -8.80 -7.31
N LEU D 123 37.14 -9.02 -6.06
CA LEU D 123 38.39 -8.52 -5.50
C LEU D 123 39.53 -9.54 -5.63
N ASN D 124 39.21 -10.78 -6.06
CA ASN D 124 40.13 -11.89 -6.09
C ASN D 124 40.73 -12.15 -4.72
N LYS D 125 39.88 -12.19 -3.71
CA LYS D 125 40.37 -12.46 -2.36
C LYS D 125 39.58 -13.60 -1.74
N LYS D 126 40.19 -14.31 -0.79
CA LYS D 126 39.55 -15.54 -0.31
C LYS D 126 38.47 -15.28 0.73
N TYR D 127 38.62 -14.25 1.55
CA TYR D 127 37.73 -14.07 2.70
C TYR D 127 37.11 -12.68 2.70
N VAL D 128 35.80 -12.62 2.91
CA VAL D 128 35.10 -11.34 2.93
C VAL D 128 34.16 -11.38 4.11
N ILE D 129 34.21 -10.34 4.93
CA ILE D 129 33.28 -10.12 6.06
C ILE D 129 32.47 -8.88 5.71
N ALA D 130 31.19 -9.03 5.35
CA ALA D 130 30.38 -7.85 5.05
C ALA D 130 29.94 -7.18 6.35
N THR D 131 30.16 -5.86 6.44
CA THR D 131 29.97 -5.13 7.70
C THR D 131 28.86 -4.10 7.58
N SER D 132 28.56 -3.46 8.74
CA SER D 132 27.48 -2.43 8.80
C SER D 132 27.91 -1.06 8.32
N SER D 133 29.22 -0.87 8.08
CA SER D 133 29.75 0.33 7.43
C SER D 133 31.23 0.09 7.15
N GLY D 134 31.83 1.02 6.37
CA GLY D 134 33.30 0.99 6.21
C GLY D 134 34.01 1.36 7.49
N THR D 135 33.48 2.34 8.24
CA THR D 135 34.07 2.72 9.53
C THR D 135 34.17 1.50 10.45
N ASP D 136 33.06 0.75 10.56
CA ASP D 136 33.07 -0.47 11.38
C ASP D 136 34.06 -1.48 10.83
N ALA D 137 34.14 -1.61 9.49
CA ALA D 137 35.11 -2.53 8.90
C ALA D 137 36.50 -2.16 9.34
N LEU D 138 36.84 -0.86 9.24
CA LEU D 138 38.17 -0.42 9.61
C LEU D 138 38.44 -0.68 11.09
N MET D 139 37.50 -0.34 11.97
CA MET D 139 37.79 -0.59 13.40
C MET D 139 37.99 -2.08 13.67
N VAL D 140 37.14 -2.94 13.09
CA VAL D 140 37.27 -4.38 13.35
C VAL D 140 38.61 -4.90 12.83
N SER D 141 39.00 -4.46 11.63
N SER D 141 39.01 -4.47 11.64
CA SER D 141 40.27 -4.91 11.04
CA SER D 141 40.26 -4.98 11.08
C SER D 141 41.46 -4.53 11.90
C SER D 141 41.48 -4.53 11.90
N LEU D 142 41.48 -3.27 12.36
CA LEU D 142 42.57 -2.84 13.26
C LEU D 142 42.61 -3.70 14.53
N LEU D 143 41.45 -3.97 15.15
CA LEU D 143 41.48 -4.89 16.29
C LEU D 143 42.00 -6.28 15.89
N SER D 144 41.66 -6.75 14.68
CA SER D 144 42.05 -8.11 14.28
C SER D 144 43.56 -8.29 14.14
N ILE D 145 44.29 -7.26 13.66
CA ILE D 145 45.76 -7.36 13.59
C ILE D 145 46.41 -7.07 14.93
N GLY D 146 45.63 -6.86 15.99
CA GLY D 146 46.19 -6.75 17.33
C GLY D 146 46.47 -5.37 17.82
N ILE D 147 45.83 -4.35 17.23
CA ILE D 147 46.08 -2.97 17.68
C ILE D 147 45.61 -2.80 19.12
N GLN D 148 46.48 -2.22 19.95
CA GLN D 148 46.15 -1.98 21.34
C GLN D 148 46.22 -0.49 21.62
N PRO D 149 45.57 -0.01 22.66
CA PRO D 149 45.64 1.42 22.98
C PRO D 149 47.09 1.87 23.06
N GLY D 150 47.39 2.98 22.39
CA GLY D 150 48.73 3.51 22.36
C GLY D 150 49.53 3.13 21.12
N ASP D 151 49.15 2.06 20.43
CA ASP D 151 49.86 1.71 19.20
C ASP D 151 49.68 2.80 18.15
N GLU D 152 50.68 2.97 17.31
CA GLU D 152 50.68 4.03 16.29
C GLU D 152 50.28 3.47 14.93
N VAL D 153 49.49 4.26 14.20
CA VAL D 153 49.01 3.88 12.86
C VAL D 153 49.37 5.02 11.91
N ILE D 154 50.24 4.75 10.93
CA ILE D 154 50.67 5.78 9.99
C ILE D 154 49.59 5.95 8.92
N MET D 155 49.23 7.19 8.63
CA MET D 155 48.10 7.46 7.72
C MET D 155 48.26 8.88 7.17
N PRO D 156 47.59 9.24 6.07
CA PRO D 156 47.60 10.64 5.61
C PRO D 156 46.59 11.45 6.41
N ALA D 157 46.67 12.78 6.24
CA ALA D 157 45.84 13.71 7.00
C ALA D 157 44.73 14.32 6.14
N ASN D 158 44.47 13.77 4.96
CA ASN D 158 43.51 14.37 4.04
C ASN D 158 42.36 13.43 3.67
N SER D 159 42.16 12.36 4.43
CA SER D 159 41.02 11.47 4.17
C SER D 159 39.74 11.93 4.90
N PHE D 160 38.63 11.28 4.58
CA PHE D 160 37.41 11.44 5.38
C PHE D 160 37.71 11.13 6.85
N ALA D 161 36.95 11.75 7.75
CA ALA D 161 37.25 11.62 9.17
C ALA D 161 37.16 10.17 9.65
N ALA D 162 36.43 9.31 8.95
CA ALA D 162 36.30 7.91 9.36
C ALA D 162 37.63 7.23 9.55
N THR D 163 38.62 7.56 8.69
CA THR D 163 39.88 6.83 8.71
C THR D 163 40.55 7.04 10.05
N GLU D 164 40.69 8.33 10.46
CA GLU D 164 41.34 8.60 11.74
C GLU D 164 40.44 8.17 12.88
N ASN D 165 39.13 8.31 12.72
CA ASN D 165 38.23 8.00 13.82
C ASN D 165 38.27 6.54 14.18
N ALA D 166 38.47 5.66 13.20
CA ALA D 166 38.48 4.25 13.54
C ALA D 166 39.71 3.94 14.40
N VAL D 167 40.83 4.60 14.08
CA VAL D 167 42.04 4.37 14.87
C VAL D 167 41.89 4.94 16.28
N LEU D 168 41.29 6.12 16.38
CA LEU D 168 41.08 6.74 17.69
C LEU D 168 40.07 5.98 18.55
N ALA D 169 39.00 5.49 17.90
CA ALA D 169 37.90 4.82 18.63
C ALA D 169 38.39 3.63 19.44
N ILE D 170 39.46 2.97 19.00
CA ILE D 170 40.01 1.81 19.69
C ILE D 170 41.24 2.18 20.51
N GLY D 171 41.51 3.49 20.69
CA GLY D 171 42.55 3.88 21.61
C GLY D 171 43.94 4.02 20.98
N ALA D 172 44.06 3.86 19.67
CA ALA D 172 45.36 3.97 19.01
C ALA D 172 45.62 5.39 18.56
N LYS D 173 46.82 5.64 18.05
CA LYS D 173 47.30 7.00 17.80
C LYS D 173 47.63 7.21 16.34
N PRO D 174 46.87 8.05 15.62
CA PRO D 174 47.24 8.35 14.24
C PRO D 174 48.60 9.05 14.22
N VAL D 175 49.42 8.69 13.22
CA VAL D 175 50.70 9.37 12.96
C VAL D 175 50.59 9.81 11.51
N PHE D 176 50.52 11.13 11.27
CA PHE D 176 50.22 11.62 9.92
C PHE D 176 51.50 11.78 9.12
N VAL D 177 51.44 11.37 7.84
CA VAL D 177 52.55 11.49 6.89
C VAL D 177 52.05 12.26 5.68
N ASP D 178 52.88 13.11 5.10
CA ASP D 178 52.48 13.93 3.95
C ASP D 178 52.14 13.16 2.70
N ILE D 179 51.32 13.77 1.88
CA ILE D 179 50.97 13.15 0.59
C ILE D 179 52.06 13.45 -0.45
N ASP D 180 52.02 12.74 -1.58
CA ASP D 180 52.93 12.89 -2.70
C ASP D 180 52.61 14.16 -3.53
N HIS D 181 53.36 14.34 -4.61
CA HIS D 181 53.15 15.47 -5.50
C HIS D 181 52.32 15.13 -6.73
N LYS D 182 51.60 14.00 -6.73
CA LYS D 182 51.01 13.65 -8.00
C LYS D 182 49.69 12.95 -7.91
N SER D 183 49.26 12.53 -6.73
CA SER D 183 48.07 11.66 -6.67
C SER D 183 47.16 11.80 -5.45
N TYR D 184 47.46 12.70 -4.52
CA TYR D 184 46.71 12.98 -3.29
C TYR D 184 46.89 11.84 -2.29
N CYS D 185 47.80 10.89 -2.56
CA CYS D 185 47.96 9.72 -1.72
C CYS D 185 49.23 9.86 -0.90
N ILE D 186 49.27 9.07 0.16
CA ILE D 186 50.40 9.06 1.09
C ILE D 186 51.74 8.90 0.35
N ASP D 187 52.70 9.77 0.68
CA ASP D 187 54.02 9.68 0.03
C ASP D 187 54.79 8.50 0.61
N PRO D 188 55.11 7.47 -0.18
CA PRO D 188 55.86 6.35 0.37
C PRO D 188 57.22 6.76 0.89
N LEU D 189 57.77 7.83 0.33
CA LEU D 189 59.10 8.30 0.69
C LEU D 189 59.15 8.99 2.05
N LYS D 190 58.00 9.23 2.67
CA LYS D 190 58.00 9.88 3.97
C LYS D 190 57.51 8.95 5.05
N ILE D 191 57.22 7.68 4.72
CA ILE D 191 56.68 6.75 5.71
C ILE D 191 57.76 6.30 6.67
N GLU D 192 58.91 5.86 6.12
CA GLU D 192 59.90 5.18 6.96
C GLU D 192 60.36 6.07 8.10
N GLU D 193 60.49 7.38 7.86
CA GLU D 193 60.94 8.31 8.90
C GLU D 193 59.92 8.46 10.03
N ALA D 194 58.69 7.99 9.83
CA ALA D 194 57.65 8.11 10.86
C ALA D 194 57.45 6.84 11.64
N ILE D 195 58.18 5.79 11.31
CA ILE D 195 58.08 4.55 12.06
C ILE D 195 58.81 4.70 13.40
N THR D 196 58.12 4.34 14.48
CA THR D 196 58.69 4.28 15.82
C THR D 196 58.52 2.85 16.34
N GLN D 197 59.07 2.56 17.52
CA GLN D 197 58.80 1.22 18.08
C GLN D 197 57.33 0.99 18.39
N LYS D 198 56.50 2.04 18.37
CA LYS D 198 55.07 1.86 18.58
C LYS D 198 54.30 1.60 17.30
N THR D 199 54.89 1.80 16.14
CA THR D 199 54.08 1.70 14.93
C THR D 199 53.72 0.23 14.69
N LYS D 200 52.45 -0.02 14.38
CA LYS D 200 51.98 -1.37 14.08
C LYS D 200 51.36 -1.52 12.69
N CYS D 201 50.99 -0.42 12.05
CA CYS D 201 50.19 -0.58 10.84
C CYS D 201 50.39 0.66 10.00
N ILE D 202 50.40 0.47 8.68
CA ILE D 202 50.26 1.57 7.75
C ILE D 202 48.87 1.51 7.14
N LEU D 203 48.20 2.65 7.07
CA LEU D 203 46.79 2.75 6.68
C LEU D 203 46.75 3.73 5.52
N PRO D 204 47.19 3.32 4.34
CA PRO D 204 47.06 4.18 3.14
C PRO D 204 45.61 4.26 2.67
N VAL D 205 45.31 5.37 2.03
CA VAL D 205 43.96 5.67 1.58
C VAL D 205 43.97 5.82 0.09
N HIS D 206 43.13 5.06 -0.60
CA HIS D 206 43.02 5.19 -2.06
C HIS D 206 42.08 6.36 -2.40
N LEU D 207 42.58 7.59 -2.19
CA LEU D 207 41.70 8.75 -2.12
C LEU D 207 41.10 9.10 -3.45
N TYR D 208 39.81 9.41 -3.47
CA TYR D 208 39.06 9.90 -4.65
C TYR D 208 38.88 8.84 -5.69
N GLY D 209 39.29 7.62 -5.40
CA GLY D 209 39.18 6.51 -6.32
C GLY D 209 40.49 6.15 -6.97
N LYS D 210 41.58 6.82 -6.60
CA LYS D 210 42.90 6.61 -7.18
C LYS D 210 43.71 5.75 -6.22
N GLN D 211 44.45 4.77 -6.76
CA GLN D 211 45.21 3.86 -5.89
C GLN D 211 46.56 4.42 -5.50
N CYS D 212 46.93 4.20 -4.22
CA CYS D 212 48.29 4.57 -3.79
C CYS D 212 49.32 3.62 -4.40
N ASP D 213 50.61 4.02 -4.31
CA ASP D 213 51.74 3.21 -4.82
C ASP D 213 52.07 2.10 -3.80
N MET D 214 51.33 0.99 -3.93
CA MET D 214 51.31 -0.05 -2.91
C MET D 214 52.58 -0.88 -2.90
N LYS D 215 53.26 -0.94 -4.04
CA LYS D 215 54.55 -1.62 -4.14
C LYS D 215 55.55 -1.06 -3.14
N ARG D 216 55.82 0.25 -3.22
CA ARG D 216 56.87 0.80 -2.36
C ARG D 216 56.45 0.78 -0.90
N ILE D 217 55.13 0.90 -0.62
CA ILE D 217 54.66 0.82 0.75
C ILE D 217 54.85 -0.59 1.32
N ARG D 218 54.52 -1.63 0.52
CA ARG D 218 54.74 -3.00 0.99
C ARG D 218 56.22 -3.26 1.23
N GLU D 219 57.09 -2.71 0.39
CA GLU D 219 58.50 -2.93 0.65
C GLU D 219 58.89 -2.41 2.05
N ILE D 220 58.39 -1.23 2.44
CA ILE D 220 58.72 -0.69 3.77
C ILE D 220 58.10 -1.53 4.89
N ALA D 221 56.82 -1.88 4.75
CA ALA D 221 56.17 -2.68 5.81
C ALA D 221 56.89 -4.01 6.07
N ASP D 222 57.50 -4.62 5.04
CA ASP D 222 58.14 -5.91 5.28
C ASP D 222 59.41 -5.75 6.11
N VAL D 223 60.20 -4.75 5.75
CA VAL D 223 61.41 -4.44 6.50
C VAL D 223 61.08 -4.28 7.97
N TYR D 224 60.00 -3.56 8.27
CA TYR D 224 59.68 -3.22 9.66
C TYR D 224 58.60 -4.12 10.26
N GLN D 225 58.19 -5.18 9.56
CA GLN D 225 57.22 -6.14 10.06
C GLN D 225 55.91 -5.46 10.46
N LEU D 226 55.45 -4.57 9.61
CA LEU D 226 54.19 -3.88 9.84
C LEU D 226 53.05 -4.49 9.03
N ARG D 227 51.83 -4.37 9.55
CA ARG D 227 50.71 -4.69 8.68
C ARG D 227 50.38 -3.50 7.76
N ILE D 228 49.71 -3.79 6.65
CA ILE D 228 49.03 -2.76 5.87
C ILE D 228 47.56 -3.04 5.87
N ILE D 229 46.74 -2.05 6.28
CA ILE D 229 45.31 -2.13 6.07
C ILE D 229 44.96 -1.03 5.07
N GLU D 230 44.38 -1.41 3.92
CA GLU D 230 44.16 -0.39 2.89
C GLU D 230 42.76 0.17 3.00
N ASP D 231 42.66 1.50 3.06
CA ASP D 231 41.31 2.15 3.06
C ASP D 231 40.91 2.36 1.61
N ALA D 232 40.13 1.43 1.09
CA ALA D 232 39.67 1.44 -0.30
C ALA D 232 38.21 1.82 -0.39
N CYS D 233 37.73 2.54 0.63
CA CYS D 233 36.31 2.86 0.66
C CYS D 233 35.81 3.65 -0.54
N GLN D 234 36.67 4.38 -1.24
CA GLN D 234 36.28 5.07 -2.48
C GLN D 234 36.73 4.38 -3.74
N ALA D 235 37.31 3.17 -3.67
CA ALA D 235 38.04 2.72 -4.87
C ALA D 235 37.53 1.38 -5.43
N ILE D 236 36.27 0.99 -5.13
CA ILE D 236 35.76 -0.30 -5.67
C ILE D 236 35.79 -0.31 -7.20
N GLY D 237 36.28 -1.43 -7.77
CA GLY D 237 36.42 -1.55 -9.20
C GLY D 237 37.83 -1.31 -9.70
N SER D 238 38.72 -0.76 -8.86
CA SER D 238 40.08 -0.41 -9.29
C SER D 238 40.89 -1.69 -9.55
N SER D 239 41.48 -1.80 -10.73
CA SER D 239 42.19 -3.02 -11.08
C SER D 239 43.32 -3.31 -10.11
N ASN D 240 43.42 -4.59 -9.72
CA ASN D 240 44.52 -5.07 -8.89
C ASN D 240 44.49 -4.46 -7.51
N LEU D 241 43.34 -3.95 -7.08
CA LEU D 241 43.15 -3.49 -5.72
C LEU D 241 43.49 -4.57 -4.70
N GLY D 242 44.31 -4.19 -3.71
CA GLY D 242 44.65 -5.03 -2.58
C GLY D 242 45.76 -6.05 -2.78
N GLU D 243 46.49 -6.01 -3.90
CA GLU D 243 47.56 -6.97 -4.18
C GLU D 243 48.53 -7.11 -3.01
N TYR D 244 48.85 -6.01 -2.34
CA TYR D 244 49.96 -6.04 -1.39
C TYR D 244 49.50 -5.83 0.03
N GLY D 245 48.21 -5.60 0.25
CA GLY D 245 47.75 -5.27 1.58
C GLY D 245 47.32 -6.49 2.37
N ASP D 246 47.48 -6.40 3.69
CA ASP D 246 46.99 -7.51 4.53
C ASP D 246 45.47 -7.59 4.51
N ILE D 247 44.81 -6.45 4.65
CA ILE D 247 43.35 -6.31 4.75
C ILE D 247 42.97 -5.10 3.92
N ILE D 248 41.86 -5.22 3.18
CA ILE D 248 41.37 -4.13 2.34
C ILE D 248 39.97 -3.83 2.85
N ILE D 249 39.71 -2.55 3.12
CA ILE D 249 38.41 -2.06 3.60
C ILE D 249 37.63 -1.49 2.44
N LEU D 250 36.37 -1.85 2.37
CA LEU D 250 35.39 -1.27 1.45
C LEU D 250 34.28 -0.58 2.21
N SER D 251 33.71 0.47 1.58
CA SER D 251 32.42 1.05 1.98
C SER D 251 31.41 0.90 0.86
N PHE D 252 30.17 0.58 1.27
CA PHE D 252 29.03 0.49 0.33
C PHE D 252 28.01 1.55 0.69
N ASN D 253 28.49 2.63 1.26
CA ASN D 253 27.65 3.81 1.53
C ASN D 253 26.97 4.24 0.24
N PRO D 254 25.76 4.80 0.29
CA PRO D 254 25.00 4.95 -0.95
C PRO D 254 25.63 5.96 -1.90
N TYR D 255 26.61 6.75 -1.48
CA TYR D 255 27.21 7.72 -2.40
C TYR D 255 28.47 7.17 -3.06
N LYS D 256 28.89 5.97 -2.65
CA LYS D 256 30.06 5.37 -3.26
C LYS D 256 29.76 4.86 -4.67
N ASN D 257 30.84 4.48 -5.38
CA ASN D 257 30.65 4.04 -6.75
C ASN D 257 29.71 2.86 -6.85
N PHE D 258 29.68 2.04 -5.82
CA PHE D 258 28.69 0.99 -5.62
C PHE D 258 28.16 1.25 -4.22
N GLY D 259 26.84 1.42 -4.08
CA GLY D 259 26.29 1.59 -2.75
C GLY D 259 25.06 0.70 -2.57
N VAL D 260 24.71 0.52 -1.30
CA VAL D 260 23.43 -0.11 -0.94
C VAL D 260 22.46 1.01 -0.64
N CYS D 261 21.40 0.75 0.15
CA CYS D 261 20.44 1.80 0.45
C CYS D 261 20.44 2.05 1.94
N GLY D 262 21.61 2.34 2.45
CA GLY D 262 21.85 2.41 3.87
C GLY D 262 23.32 2.24 4.06
N LYS D 263 23.73 1.99 5.29
CA LYS D 263 25.13 1.80 5.60
C LYS D 263 25.55 0.33 5.44
N ALA D 264 26.78 0.14 4.93
CA ALA D 264 27.38 -1.20 4.78
C ALA D 264 28.82 -1.02 4.32
N GLY D 265 29.60 -2.07 4.53
CA GLY D 265 30.95 -2.11 3.98
C GLY D 265 31.47 -3.52 4.03
N ALA D 266 32.81 -3.67 3.94
CA ALA D 266 33.35 -5.01 3.99
C ALA D 266 34.83 -5.00 4.34
N ILE D 267 35.24 -6.11 4.90
CA ILE D 267 36.63 -6.44 5.19
C ILE D 267 37.00 -7.52 4.20
N VAL D 268 38.13 -7.34 3.49
N VAL D 268 38.08 -7.34 3.45
CA VAL D 268 38.55 -8.28 2.48
CA VAL D 268 38.45 -8.40 2.52
C VAL D 268 39.96 -8.74 2.80
C VAL D 268 39.91 -8.76 2.73
N THR D 269 40.19 -10.05 2.81
CA THR D 269 41.56 -10.53 3.11
C THR D 269 41.82 -11.93 2.53
N ASN D 270 43.13 -12.27 2.35
CA ASN D 270 43.51 -13.65 2.08
C ASN D 270 43.96 -14.38 3.35
N ASN D 271 43.99 -13.68 4.47
CA ASN D 271 44.62 -14.17 5.69
C ASN D 271 43.55 -14.81 6.59
N GLU D 272 43.58 -16.14 6.68
CA GLU D 272 42.43 -16.79 7.36
C GLU D 272 42.40 -16.46 8.83
N ASN D 273 43.56 -16.37 9.49
CA ASN D 273 43.54 -15.98 10.90
C ASN D 273 42.94 -14.60 11.11
N LEU D 274 43.34 -13.61 10.28
CA LEU D 274 42.75 -12.28 10.40
C LEU D 274 41.26 -12.33 10.11
N ALA D 275 40.87 -13.12 9.10
CA ALA D 275 39.48 -13.14 8.68
C ALA D 275 38.62 -13.71 9.80
N ILE D 276 39.14 -14.70 10.51
CA ILE D 276 38.37 -15.32 11.61
C ILE D 276 38.24 -14.32 12.76
N ARG D 277 39.33 -13.59 13.07
CA ARG D 277 39.24 -12.61 14.15
C ARG D 277 38.31 -11.47 13.75
N CYS D 278 38.33 -11.07 12.47
CA CYS D 278 37.41 -10.04 12.05
C CYS D 278 35.96 -10.50 12.19
N ASN D 279 35.70 -11.75 11.82
CA ASN D 279 34.34 -12.27 11.94
C ASN D 279 33.90 -12.22 13.41
N GLN D 280 34.75 -12.63 14.32
CA GLN D 280 34.38 -12.62 15.74
C GLN D 280 34.20 -11.22 16.28
N TYR D 281 35.14 -10.30 16.00
CA TYR D 281 34.99 -8.94 16.51
C TYR D 281 33.77 -8.24 15.93
N SER D 282 33.40 -8.60 14.71
CA SER D 282 32.23 -7.95 14.10
C SER D 282 30.92 -8.41 14.68
N TYR D 283 30.88 -9.50 15.45
CA TYR D 283 29.63 -9.90 16.11
C TYR D 283 29.94 -10.35 17.54
N HIS D 284 30.14 -9.36 18.40
CA HIS D 284 30.14 -9.44 19.86
C HIS D 284 31.27 -10.25 20.46
N GLY D 285 32.25 -10.63 19.65
CA GLY D 285 33.33 -11.46 20.17
C GLY D 285 32.98 -12.94 20.24
N PHE D 286 31.81 -13.33 19.73
CA PHE D 286 31.36 -14.74 19.85
C PHE D 286 32.16 -15.62 18.89
N GLU D 287 32.31 -16.89 19.27
CA GLU D 287 32.85 -17.86 18.32
C GLU D 287 31.95 -17.91 17.10
N VAL D 288 32.58 -18.07 15.92
CA VAL D 288 31.83 -18.15 14.67
C VAL D 288 30.77 -19.24 14.81
N ASP D 289 29.54 -18.94 14.41
CA ASP D 289 28.44 -19.94 14.45
C ASP D 289 28.20 -20.50 15.85
N LYS D 290 28.66 -19.80 16.90
CA LYS D 290 28.34 -20.11 18.30
C LYS D 290 27.91 -18.78 18.99
N LYS D 291 26.72 -18.29 18.65
CA LYS D 291 26.22 -17.09 19.31
C LYS D 291 26.18 -17.26 20.82
N ASN D 292 26.46 -16.17 21.55
CA ASN D 292 26.39 -16.09 23.01
C ASN D 292 27.56 -16.80 23.70
N LYS D 293 28.57 -17.28 22.96
CA LYS D 293 29.73 -17.90 23.62
C LYS D 293 30.96 -17.11 23.17
N LYS D 294 31.47 -16.24 24.07
CA LYS D 294 32.50 -15.28 23.66
C LYS D 294 33.87 -15.97 23.67
N VAL D 295 34.62 -15.80 22.60
CA VAL D 295 36.02 -16.19 22.64
C VAL D 295 36.96 -14.97 22.59
N LEU D 296 36.47 -13.81 22.15
CA LEU D 296 37.25 -12.58 22.25
C LEU D 296 36.68 -11.77 23.39
N ASP D 297 37.44 -10.77 23.86
CA ASP D 297 37.02 -10.08 25.10
C ASP D 297 35.74 -9.30 24.89
N PHE D 298 35.56 -8.76 23.70
CA PHE D 298 34.35 -8.03 23.33
C PHE D 298 34.25 -8.08 21.83
N GLY D 299 33.16 -7.56 21.31
CA GLY D 299 33.12 -7.19 19.92
C GLY D 299 32.00 -6.20 19.72
N PHE D 300 31.71 -5.93 18.47
CA PHE D 300 30.65 -4.98 18.06
C PHE D 300 29.42 -5.68 17.51
N ASN D 301 28.45 -4.87 17.15
CA ASN D 301 27.32 -5.34 16.40
C ASN D 301 27.44 -4.76 14.99
N SER D 302 28.30 -5.42 14.21
CA SER D 302 28.79 -4.73 13.02
C SER D 302 28.82 -5.58 11.77
N LYS D 303 28.00 -6.63 11.65
CA LYS D 303 27.81 -7.29 10.34
C LYS D 303 26.82 -6.53 9.48
N ILE D 304 26.90 -6.74 8.15
CA ILE D 304 25.89 -6.12 7.29
C ILE D 304 24.47 -6.61 7.68
N ASP D 305 23.45 -5.80 7.41
CA ASP D 305 22.06 -6.31 7.40
C ASP D 305 21.78 -7.15 6.15
N ASN D 306 21.16 -8.31 6.34
CA ASN D 306 20.72 -9.15 5.24
C ASN D 306 19.91 -8.37 4.24
N LEU D 307 19.05 -7.48 4.70
CA LEU D 307 18.31 -6.69 3.77
C LEU D 307 19.19 -5.79 2.87
N GLN D 308 20.18 -5.17 3.46
CA GLN D 308 21.10 -4.37 2.64
C GLN D 308 21.91 -5.29 1.71
N ALA D 309 22.28 -6.50 2.16
CA ALA D 309 23.01 -7.40 1.27
C ALA D 309 22.16 -7.74 0.04
N ALA D 310 20.85 -7.88 0.27
CA ALA D 310 19.99 -8.18 -0.86
C ALA D 310 19.90 -6.97 -1.80
N ILE D 311 19.74 -5.78 -1.22
CA ILE D 311 19.76 -4.57 -2.03
C ILE D 311 21.08 -4.49 -2.80
N GLY D 312 22.21 -4.78 -2.13
CA GLY D 312 23.51 -4.65 -2.82
C GLY D 312 23.66 -5.59 -3.98
N LEU D 313 23.05 -6.78 -3.89
CA LEU D 313 23.13 -7.72 -5.01
C LEU D 313 22.33 -7.21 -6.18
N GLU D 314 21.38 -6.34 -5.95
N GLU D 314 21.35 -6.35 -5.94
CA GLU D 314 20.70 -5.72 -7.08
CA GLU D 314 20.68 -5.68 -7.06
C GLU D 314 21.46 -4.51 -7.61
C GLU D 314 21.54 -4.56 -7.59
N ARG D 315 21.94 -3.64 -6.71
CA ARG D 315 22.60 -2.42 -7.16
C ARG D 315 23.95 -2.71 -7.79
N ILE D 316 24.66 -3.75 -7.31
CA ILE D 316 26.02 -4.00 -7.87
C ILE D 316 25.97 -4.40 -9.34
N LYS D 317 24.81 -4.83 -9.85
CA LYS D 317 24.65 -5.06 -11.28
C LYS D 317 25.07 -3.85 -12.13
N PHE D 318 24.96 -2.65 -11.57
CA PHE D 318 25.24 -1.40 -12.30
C PHE D 318 26.68 -0.91 -12.12
N LEU D 319 27.53 -1.62 -11.36
CA LEU D 319 28.82 -1.08 -10.99
C LEU D 319 29.69 -0.86 -12.20
N SER D 320 29.93 -1.90 -13.00
CA SER D 320 30.90 -1.67 -14.07
C SER D 320 30.40 -0.60 -15.04
N TYR D 321 29.11 -0.57 -15.33
CA TYR D 321 28.55 0.38 -16.27
C TYR D 321 28.62 1.79 -15.73
N ASN D 322 28.24 1.97 -14.45
CA ASN D 322 28.41 3.29 -13.86
C ASN D 322 29.89 3.73 -13.76
N ASN D 323 30.82 2.81 -13.46
CA ASN D 323 32.22 3.22 -13.47
C ASN D 323 32.67 3.63 -14.86
N LEU D 324 32.14 2.95 -15.89
CA LEU D 324 32.47 3.36 -17.27
C LEU D 324 31.97 4.78 -17.53
N LYS D 325 30.78 5.10 -17.10
CA LYS D 325 30.28 6.46 -17.24
C LYS D 325 31.15 7.49 -16.55
N ARG D 326 31.62 7.18 -15.35
CA ARG D 326 32.53 8.08 -14.65
C ARG D 326 33.85 8.35 -15.42
N VAL D 327 34.44 7.29 -15.95
CA VAL D 327 35.68 7.47 -16.69
C VAL D 327 35.41 8.36 -17.92
N PHE D 328 34.29 8.15 -18.59
CA PHE D 328 34.02 9.05 -19.72
C PHE D 328 33.92 10.51 -19.28
N LEU D 329 33.20 10.73 -18.17
CA LEU D 329 33.04 12.09 -17.63
C LEU D 329 34.36 12.67 -17.24
N ALA D 330 35.21 11.85 -16.59
CA ALA D 330 36.51 12.33 -16.17
C ALA D 330 37.38 12.72 -17.38
N GLN D 331 37.46 11.85 -18.39
CA GLN D 331 38.17 12.16 -19.61
C GLN D 331 37.65 13.44 -20.23
N ARG D 332 36.33 13.60 -20.21
CA ARG D 332 35.75 14.78 -20.82
C ARG D 332 36.15 16.04 -20.06
N TYR D 333 36.23 15.99 -18.72
CA TYR D 333 36.72 17.17 -18.00
C TYR D 333 38.17 17.44 -18.36
N ILE D 334 38.98 16.38 -18.39
CA ILE D 334 40.41 16.53 -18.71
C ILE D 334 40.61 17.17 -20.07
N ARG D 335 39.92 16.68 -21.10
CA ARG D 335 40.11 17.22 -22.44
C ARG D 335 39.58 18.65 -22.53
N ASN D 336 38.46 18.93 -21.84
CA ASN D 336 37.85 20.22 -22.08
C ASN D 336 38.35 21.32 -21.15
N LEU D 337 39.08 20.96 -20.08
CA LEU D 337 39.72 21.95 -19.25
C LEU D 337 41.22 22.10 -19.56
N LYS D 338 41.71 21.36 -20.58
CA LYS D 338 43.15 21.35 -20.86
C LYS D 338 43.68 22.76 -21.00
N GLU D 339 42.88 23.64 -21.63
CA GLU D 339 43.33 25.00 -21.90
C GLU D 339 43.66 25.74 -20.61
N LEU D 340 42.88 25.50 -19.55
CA LEU D 340 43.12 26.18 -18.30
C LEU D 340 44.44 25.74 -17.67
N GLU D 341 44.83 24.47 -17.87
CA GLU D 341 46.11 23.98 -17.37
C GLU D 341 47.25 24.52 -18.21
N ASP D 342 47.01 24.62 -19.52
CA ASP D 342 48.02 25.18 -20.41
C ASP D 342 48.34 26.63 -20.04
N ARG D 343 47.35 27.39 -19.56
CA ARG D 343 47.52 28.76 -19.11
C ARG D 343 47.98 28.86 -17.67
N GLU D 344 48.34 27.72 -17.08
CA GLU D 344 48.82 27.61 -15.72
C GLU D 344 47.88 28.29 -14.73
N LEU D 345 46.58 28.06 -14.93
CA LEU D 345 45.59 28.44 -13.91
C LEU D 345 45.16 27.28 -13.05
N ILE D 346 45.11 26.07 -13.60
CA ILE D 346 44.72 24.90 -12.81
C ILE D 346 45.71 23.77 -13.06
N LYS D 347 45.67 22.76 -12.20
CA LYS D 347 46.28 21.50 -12.54
C LYS D 347 45.15 20.50 -12.57
N LEU D 348 45.17 19.62 -13.59
CA LEU D 348 44.17 18.57 -13.81
C LEU D 348 44.71 17.21 -13.45
N PRO D 349 43.85 16.28 -13.08
CA PRO D 349 44.27 14.88 -12.96
C PRO D 349 44.70 14.34 -14.32
N ARG D 350 45.52 13.29 -14.29
CA ARG D 350 45.81 12.57 -15.53
C ARG D 350 45.03 11.27 -15.58
N MET D 351 44.74 10.79 -16.78
CA MET D 351 44.02 9.50 -16.87
C MET D 351 44.99 8.35 -16.55
N THR D 352 44.58 7.43 -15.66
CA THR D 352 45.37 6.27 -15.31
C THR D 352 44.41 5.09 -15.28
N GLU D 353 44.99 3.90 -15.35
N GLU D 353 44.99 3.90 -15.35
CA GLU D 353 44.18 2.70 -15.50
CA GLU D 353 44.21 2.68 -15.49
C GLU D 353 43.54 2.28 -14.19
C GLU D 353 43.60 2.22 -14.19
N ASP D 354 44.05 2.77 -13.06
CA ASP D 354 43.58 2.34 -11.74
C ASP D 354 42.45 3.20 -11.16
N ASN D 355 42.29 4.43 -11.66
CA ASN D 355 41.36 5.38 -11.05
C ASN D 355 39.92 5.03 -11.39
N VAL D 356 39.06 4.92 -10.36
CA VAL D 356 37.65 4.72 -10.68
C VAL D 356 36.86 6.01 -10.58
N TRP D 357 37.50 7.11 -10.28
CA TRP D 357 36.84 8.43 -10.41
C TRP D 357 35.64 8.61 -9.48
N HIS D 358 35.81 8.28 -8.20
CA HIS D 358 34.76 8.57 -7.22
C HIS D 358 34.55 10.09 -7.05
N LEU D 359 35.65 10.85 -7.10
CA LEU D 359 35.66 12.28 -6.93
C LEU D 359 36.65 12.81 -7.96
N PHE D 360 36.38 14.02 -8.46
CA PHE D 360 37.22 14.58 -9.53
C PHE D 360 37.92 15.82 -9.02
N PRO D 361 39.18 15.73 -8.64
CA PRO D 361 39.88 16.89 -8.10
C PRO D 361 40.57 17.72 -9.15
N ILE D 362 40.56 19.02 -8.94
CA ILE D 362 41.46 19.93 -9.64
C ILE D 362 42.14 20.84 -8.63
N ARG D 363 43.22 21.51 -9.07
CA ARG D 363 43.94 22.42 -8.21
C ARG D 363 43.90 23.79 -8.87
N ILE D 364 43.35 24.76 -8.16
CA ILE D 364 43.30 26.13 -8.62
C ILE D 364 44.48 26.83 -7.97
N ILE D 365 45.43 27.28 -8.77
CA ILE D 365 46.67 27.75 -8.19
C ILE D 365 46.71 29.29 -8.04
N ASN D 366 47.83 29.79 -7.53
CA ASN D 366 47.99 31.21 -7.20
C ASN D 366 46.81 31.80 -6.41
N GLY D 367 46.38 31.08 -5.37
CA GLY D 367 45.53 31.66 -4.34
C GLY D 367 44.07 31.87 -4.75
N ARG D 368 43.69 31.50 -5.96
CA ARG D 368 42.36 31.78 -6.51
C ARG D 368 41.31 30.71 -6.21
N ARG D 369 41.61 29.66 -5.45
CA ARG D 369 40.60 28.59 -5.32
C ARG D 369 39.29 29.12 -4.70
N ASP D 370 39.39 29.84 -3.59
CA ASP D 370 38.17 30.35 -2.96
C ASP D 370 37.39 31.24 -3.89
N GLU D 371 38.10 32.08 -4.68
CA GLU D 371 37.42 33.00 -5.57
C GLU D 371 36.64 32.23 -6.62
N VAL D 372 37.27 31.22 -7.22
CA VAL D 372 36.64 30.48 -8.31
C VAL D 372 35.42 29.71 -7.78
N LYS D 373 35.56 29.11 -6.60
CA LYS D 373 34.45 28.35 -6.00
C LYS D 373 33.27 29.27 -5.72
N ASN D 374 33.53 30.44 -5.15
CA ASN D 374 32.46 31.35 -4.75
C ASN D 374 31.75 31.92 -5.99
N LYS D 375 32.54 32.38 -6.99
CA LYS D 375 31.95 32.91 -8.23
C LYS D 375 31.18 31.83 -9.01
N LEU D 376 31.69 30.59 -9.06
CA LEU D 376 30.95 29.53 -9.75
C LEU D 376 29.55 29.40 -9.14
N TYR D 377 29.44 29.57 -7.85
CA TYR D 377 28.14 29.40 -7.23
C TYR D 377 27.33 30.68 -7.33
N GLN D 378 27.91 31.83 -6.97
CA GLN D 378 27.13 33.08 -6.99
C GLN D 378 26.74 33.48 -8.42
N LEU D 379 27.62 33.30 -9.39
CA LEU D 379 27.31 33.88 -10.69
C LEU D 379 26.73 32.90 -11.66
N TYR D 380 27.11 31.63 -11.52
CA TYR D 380 26.76 30.62 -12.49
C TYR D 380 25.83 29.55 -11.93
N ASN D 381 25.46 29.64 -10.64
CA ASN D 381 24.68 28.61 -9.94
C ASN D 381 25.29 27.22 -10.14
N ILE D 382 26.61 27.14 -10.03
CA ILE D 382 27.31 25.86 -10.04
C ILE D 382 27.87 25.61 -8.65
N GLU D 383 27.45 24.50 -8.04
CA GLU D 383 28.02 24.04 -6.79
C GLU D 383 29.23 23.17 -7.06
N THR D 384 30.34 23.53 -6.48
CA THR D 384 31.48 22.62 -6.37
C THR D 384 31.70 22.38 -4.89
N ASP D 385 32.67 21.54 -4.56
CA ASP D 385 32.82 21.19 -3.15
C ASP D 385 34.30 20.89 -2.90
N ILE D 386 34.68 20.81 -1.63
CA ILE D 386 36.03 20.48 -1.22
C ILE D 386 35.94 19.27 -0.30
N TYR D 387 36.42 18.13 -0.77
CA TYR D 387 36.47 16.92 0.02
C TYR D 387 37.97 16.74 0.37
N TYR D 388 38.42 17.17 1.54
CA TYR D 388 37.62 17.52 2.69
C TYR D 388 38.01 18.95 3.25
N PRO D 389 37.09 19.69 3.89
CA PRO D 389 37.36 21.09 4.22
C PRO D 389 38.41 21.32 5.30
N VAL D 390 38.64 20.37 6.20
CA VAL D 390 39.59 20.53 7.31
C VAL D 390 40.50 19.30 7.31
N LEU D 391 41.83 19.53 7.36
CA LEU D 391 42.77 18.43 7.50
C LEU D 391 42.72 17.85 8.93
N SER D 392 43.12 16.57 9.05
CA SER D 392 43.04 15.86 10.33
C SER D 392 43.73 16.60 11.48
N HIS D 393 44.89 17.24 11.23
CA HIS D 393 45.66 17.88 12.28
C HIS D 393 45.25 19.31 12.50
N LYS D 394 44.12 19.71 11.92
CA LYS D 394 43.66 21.06 11.99
C LYS D 394 42.25 21.23 12.57
N HIS D 395 41.54 20.14 12.94
CA HIS D 395 40.25 20.31 13.62
C HIS D 395 40.45 21.03 14.96
N ASN D 396 39.47 21.80 15.39
CA ASN D 396 39.63 22.47 16.68
C ASN D 396 38.98 21.57 17.73
N THR D 397 39.77 20.59 18.13
CA THR D 397 39.38 19.62 19.12
C THR D 397 40.46 19.63 20.18
N LYS D 398 40.09 19.10 21.34
CA LYS D 398 41.05 18.99 22.43
C LYS D 398 42.21 18.11 22.01
N LEU D 399 41.92 17.05 21.27
CA LEU D 399 42.95 16.13 20.81
C LEU D 399 43.97 16.84 19.93
N VAL D 400 43.51 17.63 18.97
CA VAL D 400 44.48 18.38 18.14
C VAL D 400 45.28 19.36 18.99
N LYS D 401 44.64 20.04 19.95
CA LYS D 401 45.40 20.97 20.79
C LYS D 401 46.46 20.27 21.61
N LYS D 402 46.18 19.03 22.04
CA LYS D 402 47.12 18.31 22.91
C LYS D 402 48.25 17.64 22.13
N ASN D 403 47.99 17.14 20.92
CA ASN D 403 48.87 16.15 20.30
C ASN D 403 49.43 16.54 18.93
N TYR D 404 48.75 17.38 18.17
CA TYR D 404 49.05 17.55 16.75
C TYR D 404 49.45 18.98 16.37
N MET D 405 49.67 19.85 17.37
CA MET D 405 50.01 21.24 17.07
C MET D 405 51.39 21.38 16.41
N GLN D 406 52.32 20.44 16.66
CA GLN D 406 53.64 20.46 16.03
C GLN D 406 53.65 19.93 14.61
N ASP D 407 52.59 19.24 14.17
CA ASP D 407 52.55 18.60 12.86
C ASP D 407 52.57 19.64 11.76
N THR D 408 53.51 19.46 10.82
CA THR D 408 53.49 20.25 9.61
C THR D 408 53.61 19.29 8.45
N LEU D 409 52.66 19.37 7.53
CA LEU D 409 52.55 18.45 6.40
C LEU D 409 52.52 19.36 5.19
N LEU D 410 53.69 19.70 4.66
CA LEU D 410 53.79 20.83 3.73
C LEU D 410 52.95 20.65 2.47
N ASN D 411 53.09 19.52 1.80
CA ASN D 411 52.36 19.38 0.54
CA ASN D 411 52.36 19.35 0.54
C ASN D 411 50.87 19.24 0.78
N THR D 412 50.47 18.45 1.78
CA THR D 412 49.06 18.37 2.12
C THR D 412 48.45 19.75 2.31
N GLU D 413 49.10 20.57 3.15
CA GLU D 413 48.58 21.91 3.45
C GLU D 413 48.52 22.81 2.21
N GLN D 414 49.55 22.79 1.38
CA GLN D 414 49.51 23.57 0.13
C GLN D 414 48.43 23.08 -0.82
N VAL D 415 48.39 21.77 -1.05
CA VAL D 415 47.35 21.24 -1.92
C VAL D 415 45.98 21.63 -1.39
N HIS D 416 45.79 21.52 -0.07
CA HIS D 416 44.49 21.84 0.53
C HIS D 416 44.02 23.26 0.21
N LYS D 417 44.95 24.22 0.00
CA LYS D 417 44.64 25.60 -0.36
C LYS D 417 44.18 25.72 -1.82
N GLU D 418 44.37 24.64 -2.61
CA GLU D 418 44.21 24.66 -4.07
C GLU D 418 43.10 23.75 -4.57
N ILE D 419 42.79 22.73 -3.81
CA ILE D 419 41.90 21.67 -4.28
C ILE D 419 40.45 22.17 -4.43
N LEU D 420 39.78 21.69 -5.47
CA LEU D 420 38.35 21.92 -5.69
C LEU D 420 37.85 20.69 -6.42
N HIS D 421 36.69 20.15 -5.99
CA HIS D 421 36.14 18.99 -6.66
C HIS D 421 35.01 19.40 -7.56
N LEU D 422 34.94 18.79 -8.73
CA LEU D 422 33.93 19.16 -9.74
C LEU D 422 32.90 18.08 -9.83
N PRO D 423 31.62 18.44 -10.09
CA PRO D 423 30.53 17.44 -10.02
C PRO D 423 30.78 16.31 -10.99
N LEU D 424 30.70 15.09 -10.47
CA LEU D 424 30.95 13.93 -11.32
C LEU D 424 30.17 12.78 -10.69
N HIS D 425 29.13 12.35 -11.36
CA HIS D 425 28.37 11.19 -10.95
C HIS D 425 27.69 10.60 -12.17
N PRO D 426 27.48 9.28 -12.19
CA PRO D 426 27.31 8.60 -13.47
C PRO D 426 26.04 9.01 -14.19
N ASN D 427 25.02 9.45 -13.48
CA ASN D 427 23.75 9.80 -14.10
C ASN D 427 23.66 11.27 -14.40
N MET D 428 24.78 11.95 -14.33
CA MET D 428 24.84 13.34 -14.75
C MET D 428 24.62 13.40 -16.24
N LEU D 429 24.06 14.50 -16.71
CA LEU D 429 23.88 14.71 -18.13
C LEU D 429 25.10 15.39 -18.73
N LEU D 430 25.41 15.04 -19.95
CA LEU D 430 26.51 15.78 -20.60
C LEU D 430 26.23 17.28 -20.71
N GLU D 431 24.94 17.68 -20.86
CA GLU D 431 24.59 19.09 -20.83
C GLU D 431 24.95 19.73 -19.47
N GLU D 432 24.75 18.99 -18.39
CA GLU D 432 25.16 19.44 -17.07
C GLU D 432 26.66 19.60 -17.01
N GLN D 433 27.38 18.58 -17.45
CA GLN D 433 28.85 18.76 -17.51
C GLN D 433 29.25 19.93 -18.42
N ASN D 434 28.56 20.15 -19.53
CA ASN D 434 28.87 21.30 -20.38
C ASN D 434 28.67 22.59 -19.61
N PHE D 435 27.61 22.67 -18.80
CA PHE D 435 27.33 23.86 -18.01
C PHE D 435 28.48 24.13 -17.02
N VAL D 436 28.95 23.09 -16.36
CA VAL D 436 30.12 23.23 -15.48
C VAL D 436 31.34 23.69 -16.29
N LEU D 437 31.62 23.03 -17.39
CA LEU D 437 32.76 23.42 -18.23
C LEU D 437 32.71 24.91 -18.62
N GLU D 438 31.54 25.39 -19.04
CA GLU D 438 31.39 26.78 -19.43
C GLU D 438 31.63 27.71 -18.27
N GLY D 439 31.08 27.38 -17.10
CA GLY D 439 31.32 28.23 -15.95
C GLY D 439 32.80 28.31 -15.62
N LEU D 440 33.46 27.16 -15.59
CA LEU D 440 34.88 27.12 -15.31
C LEU D 440 35.68 27.93 -16.31
N ILE D 441 35.30 27.88 -17.58
CA ILE D 441 36.07 28.67 -18.53
C ILE D 441 35.79 30.14 -18.31
N ASN D 442 34.51 30.46 -18.15
CA ASN D 442 34.11 31.86 -18.13
C ASN D 442 34.57 32.59 -16.88
N VAL D 443 34.68 31.88 -15.75
CA VAL D 443 35.20 32.47 -14.52
C VAL D 443 36.73 32.63 -14.56
N ASN D 444 37.41 32.03 -15.54
CA ASN D 444 38.87 32.07 -15.59
C ASN D 444 39.38 32.93 -16.73
N LYS D 445 38.52 33.64 -17.45
CA LYS D 445 39.08 34.43 -18.53
C LYS D 445 39.55 35.76 -17.97
#